data_2BF3
# 
_entry.id   2BF3 
# 
_audit_conform.dict_name       mmcif_pdbx.dic 
_audit_conform.dict_version    5.391 
_audit_conform.dict_location   http://mmcif.pdb.org/dictionaries/ascii/mmcif_pdbx.dic 
# 
loop_
_database_2.database_id 
_database_2.database_code 
_database_2.pdbx_database_accession 
_database_2.pdbx_DOI 
PDB   2BF3         pdb_00002bf3 10.2210/pdb2bf3/pdb 
PDBE  EBI-21850    ?            ?                   
WWPDB D_1290021850 ?            ?                   
# 
loop_
_pdbx_audit_revision_history.ordinal 
_pdbx_audit_revision_history.data_content_type 
_pdbx_audit_revision_history.major_revision 
_pdbx_audit_revision_history.minor_revision 
_pdbx_audit_revision_history.revision_date 
1 'Structure model' 1 0 2005-05-19 
2 'Structure model' 1 1 2011-05-08 
3 'Structure model' 1 2 2011-07-13 
4 'Structure model' 1 3 2024-05-01 
# 
_pdbx_audit_revision_details.ordinal             1 
_pdbx_audit_revision_details.revision_ordinal    1 
_pdbx_audit_revision_details.data_content_type   'Structure model' 
_pdbx_audit_revision_details.provider            repository 
_pdbx_audit_revision_details.type                'Initial release' 
_pdbx_audit_revision_details.description         ? 
_pdbx_audit_revision_details.details             ? 
# 
loop_
_pdbx_audit_revision_group.ordinal 
_pdbx_audit_revision_group.revision_ordinal 
_pdbx_audit_revision_group.data_content_type 
_pdbx_audit_revision_group.group 
1 2 'Structure model' 'Version format compliance' 
2 3 'Structure model' 'Version format compliance' 
3 4 'Structure model' 'Data collection'           
4 4 'Structure model' 'Database references'       
5 4 'Structure model' Other                       
6 4 'Structure model' 'Refinement description'    
# 
loop_
_pdbx_audit_revision_category.ordinal 
_pdbx_audit_revision_category.revision_ordinal 
_pdbx_audit_revision_category.data_content_type 
_pdbx_audit_revision_category.category 
1 4 'Structure model' chem_comp_atom                
2 4 'Structure model' chem_comp_bond                
3 4 'Structure model' database_2                    
4 4 'Structure model' pdbx_database_status          
5 4 'Structure model' pdbx_initial_refinement_model 
# 
loop_
_pdbx_audit_revision_item.ordinal 
_pdbx_audit_revision_item.revision_ordinal 
_pdbx_audit_revision_item.data_content_type 
_pdbx_audit_revision_item.item 
1 4 'Structure model' '_database_2.pdbx_DOI'                 
2 4 'Structure model' '_database_2.pdbx_database_accession'  
3 4 'Structure model' '_pdbx_database_status.status_code_sf' 
# 
_pdbx_database_status.status_code                     REL 
_pdbx_database_status.entry_id                        2BF3 
_pdbx_database_status.deposit_site                    PDBE 
_pdbx_database_status.process_site                    PDBE 
_pdbx_database_status.SG_entry                        . 
_pdbx_database_status.recvd_initial_deposition_date   2004-12-03 
_pdbx_database_status.pdb_format_compatible           Y 
_pdbx_database_status.status_code_sf                  REL 
_pdbx_database_status.status_code_mr                  ? 
_pdbx_database_status.status_code_cs                  ? 
_pdbx_database_status.methods_development_category    ? 
_pdbx_database_status.status_code_nmr_data            ? 
# 
loop_
_pdbx_database_related.db_name 
_pdbx_database_related.db_id 
_pdbx_database_related.content_type 
_pdbx_database_related.details 
PDB 1G10 unspecified 'TOLUENE-4-MONOOXYGENASE CATALYTIC EFFECTOR PROTEIN NMRSTRUCTURE' 
PDB 1G11 unspecified 'TOLUENE-4-MONOOXYGENASE CATALYTIC EFFECTOR PROTEIN NMRSTRUCTURE' 
PDB 2BF2 unspecified 'CRYSTAL STRUCTURE OF NATIVE TOLUENE-4- MONOOXYGENASE CATALYTIC EFFECTOR PROTEIN, T4MOD' 
PDB 2BF5 unspecified 
;CRYSTAL STRUCTURE OF A TOLUENE 4- MONOOXYGENASE CATALYTIC EFFECTOR PROTEIN VARIANT MISSING FOUR N-TERMINAL RESIDUES (DELTA-N4 T4MOD)
;
# 
loop_
_audit_author.name 
_audit_author.pdbx_ordinal 
'Lountos, G.T.'  1 
'Mitchell, K.H.' 2 
'Studts, J.M.'   3 
'Fox, B.G.'      4 
'Orville, A.M.'  5 
# 
loop_
_citation.id 
_citation.title 
_citation.journal_abbrev 
_citation.journal_volume 
_citation.page_first 
_citation.page_last 
_citation.year 
_citation.journal_id_ASTM 
_citation.country 
_citation.journal_id_ISSN 
_citation.journal_id_CSD 
_citation.book_publisher 
_citation.pdbx_database_id_PubMed 
_citation.pdbx_database_id_DOI 
primary 'Crystal Structures and Functional Studies of T4Mod, the Toluene 4-Monooxygenase Catalytic Effector Protein' Biochemistry 
44 7131 ? 2005 BICHAW US 0006-2960 0033 ? 15882052 10.1021/BI047459G         
1       
;Crystallization and Preliminary Analysis of Native and N-Terminal Truncated Isoforms of Toluene-4-Monooxygenase Catalytic Effector Protein
;
'Acta Crystallogr.,Sect.D' 59 572  ? 2003 ABCRE6 DK 0907-4449 0766 ? 12595730 10.1107/S0907444903000416 
2       'Solution Structure of the Toluene 4-Monooxygenase Effector Protein (T4Mod)' Biochemistry               40 3512 ? 2001 
BICHAW US 0006-2960 0033 ? 11297417 10.1021/BI0013703         
3       'Application of Fed-Batch Fermentation to the Preparation of Isotopically Labeled or Selenomethionyl-Labeled Proteins' 
'Protein Expr.Purif.'      16 109  ? 1999 PEXPEJ US 1046-5928 0757 ? 10336868 10.1006/PREP.1999.1067    
4       
;Combined Participation of Hydroxylase Active Site Residues and Effector Protein Binding in a Para to Ortho Modulation of Toluene 4-Monooxygenase Regiospecificity
;
Biochemistry               41 3176 ? 2002 BICHAW US 0006-2960 0033 ? 11863457 10.1021/BI012036P         
5       
;Recombinant Toluene 4-Monooxygenase: Catalytic and Mossbauer Studies of the Purified Diiron and Rieske Components of a Four-Protein Complex
;
Biochemistry               35 9106 ? 1996 BICHAW US 0006-2960 0033 ? 8703915  10.1021/BI960456M         
# 
loop_
_citation_author.citation_id 
_citation_author.name 
_citation_author.ordinal 
_citation_author.identifier_ORCID 
primary 'Lountos, G.T.'   1  ? 
primary 'Mitchell, K.H.'  2  ? 
primary 'Studts, J.M.'    3  ? 
primary 'Fox, B.G.'       4  ? 
primary 'Orville, A.M.'   5  ? 
1       'Orville, A.M.'   6  ? 
1       'Studts, J.M.'    7  ? 
1       'Lountos, G.T.'   8  ? 
1       'Mitchell, K.H.'  9  ? 
1       'Fox, B.G.'       10 ? 
2       'Hemmi, H.'       11 ? 
2       'Studts, J.M.'    12 ? 
2       'Chae, Y.K.'      13 ? 
2       'Song, J.'        14 ? 
2       'Markley, J.L.'   15 ? 
2       'Fox, B.G.'       16 ? 
3       'Studts, J.M.'    17 ? 
3       'Fox, B.G.'       18 ? 
4       'Mitchell, K.H.'  19 ? 
4       'Studts, J.M.'    20 ? 
4       'Fox, B.G.'       21 ? 
5       'Pikus, J.D.'     22 ? 
5       'Studts, J.M.'    23 ? 
5       'Achim, C.'       24 ? 
5       'Kauffmann, K.E.' 25 ? 
5       'Munck, E.'       26 ? 
5       'Steffan, R.J.'   27 ? 
5       'Mcclay, K.'      28 ? 
5       'Fox, B.G.'       29 ? 
# 
loop_
_entity.id 
_entity.type 
_entity.src_method 
_entity.pdbx_description 
_entity.formula_weight 
_entity.pdbx_number_of_molecules 
_entity.pdbx_ec 
_entity.pdbx_mutation 
_entity.pdbx_fragment 
_entity.details 
1 polymer     man 'TOLUENE-4-MONOOXYGENASE SYSTEM PROTEIN D' 10445.717 1   1.14.13.- ? 'RESIDUES 11-102' ? 
2 polymer     man 'TOLUENE-4-MONOOXYGENASE SYSTEM PROTEIN D' 10473.771 1   1.14.13.- ? 'RESIDUES 11-102' ? 
3 non-polymer syn HEPTANE-1,2,3-TRIOL                        148.200   1   ?         ? ?                 ? 
4 water       nat water                                      18.015    165 ?         ? ?                 ? 
# 
loop_
_entity_name_com.entity_id 
_entity_name_com.name 
1 'DELTA-N10 TOLUENE 4-MONOOXYGENASE CATALYTIC EFFECTOR' 
2 'DELTA-N10 TOLUENE 4-MONOOXYGENASE CATALYTIC EFFECTOR' 
# 
loop_
_entity_poly.entity_id 
_entity_poly.type 
_entity_poly.nstd_linkage 
_entity_poly.nstd_monomer 
_entity_poly.pdbx_seq_one_letter_code 
_entity_poly.pdbx_seq_one_letter_code_can 
_entity_poly.pdbx_strand_id 
_entity_poly.pdbx_target_identifier 
1 'polypeptide(L)' no no 
;NNVGPIIRAGDLVEPVIETAEIDNPGKEITVEDRRAYVRIAAEGELILTRKTLEEQLGRPFNMQELEINLASFAGQIQAD
EDQIRFYFDKTM
;
;NNVGPIIRAGDLVEPVIETAEIDNPGKEITVEDRRAYVRIAAEGELILTRKTLEEQLGRPFNMQELEINLASFAGQIQAD
EDQIRFYFDKTM
;
A ? 
2 'polypeptide(L)' no no 
;NNVGPIIRGDLVVEPVIETAEIDNPGKEITVEDRRAYVRIAAEGELILTRKTLEEQLGRPFNMQELEINLASFAGQIQAD
EDQIRFYFDKTM
;
;NNVGPIIRGDLVVEPVIETAEIDNPGKEITVEDRRAYVRIAAEGELILTRKTLEEQLGRPFNMQELEINLASFAGQIQAD
EDQIRFYFDKTM
;
B ? 
# 
loop_
_pdbx_entity_nonpoly.entity_id 
_pdbx_entity_nonpoly.name 
_pdbx_entity_nonpoly.comp_id 
3 HEPTANE-1,2,3-TRIOL HTO 
4 water               HOH 
# 
loop_
_entity_poly_seq.entity_id 
_entity_poly_seq.num 
_entity_poly_seq.mon_id 
_entity_poly_seq.hetero 
1 1  ASN n 
1 2  ASN n 
1 3  VAL n 
1 4  GLY n 
1 5  PRO n 
1 6  ILE n 
1 7  ILE n 
1 8  ARG n 
1 9  ALA n 
1 10 GLY n 
1 11 ASP n 
1 12 LEU n 
1 13 VAL n 
1 14 GLU n 
1 15 PRO n 
1 16 VAL n 
1 17 ILE n 
1 18 GLU n 
1 19 THR n 
1 20 ALA n 
1 21 GLU n 
1 22 ILE n 
1 23 ASP n 
1 24 ASN n 
1 25 PRO n 
1 26 GLY n 
1 27 LYS n 
1 28 GLU n 
1 29 ILE n 
1 30 THR n 
1 31 VAL n 
1 32 GLU n 
1 33 ASP n 
1 34 ARG n 
1 35 ARG n 
1 36 ALA n 
1 37 TYR n 
1 38 VAL n 
1 39 ARG n 
1 40 ILE n 
1 41 ALA n 
1 42 ALA n 
1 43 GLU n 
1 44 GLY n 
1 45 GLU n 
1 46 LEU n 
1 47 ILE n 
1 48 LEU n 
1 49 THR n 
1 50 ARG n 
1 51 LYS n 
1 52 THR n 
1 53 LEU n 
1 54 GLU n 
1 55 GLU n 
1 56 GLN n 
1 57 LEU n 
1 58 GLY n 
1 59 ARG n 
1 60 PRO n 
1 61 PHE n 
1 62 ASN n 
1 63 MET n 
1 64 GLN n 
1 65 GLU n 
1 66 LEU n 
1 67 GLU n 
1 68 ILE n 
1 69 ASN n 
1 70 LEU n 
1 71 ALA n 
1 72 SER n 
1 73 PHE n 
1 74 ALA n 
1 75 GLY n 
1 76 GLN n 
1 77 ILE n 
1 78 GLN n 
1 79 ALA n 
1 80 ASP n 
1 81 GLU n 
1 82 ASP n 
1 83 GLN n 
1 84 ILE n 
1 85 ARG n 
1 86 PHE n 
1 87 TYR n 
1 88 PHE n 
1 89 ASP n 
1 90 LYS n 
1 91 THR n 
1 92 MET n 
2 1  ASN n 
2 2  ASN n 
2 3  VAL n 
2 4  GLY n 
2 5  PRO n 
2 6  ILE n 
2 7  ILE n 
2 8  ARG n 
2 9  GLY n 
2 10 ASP n 
2 11 LEU n 
2 12 VAL n 
2 13 VAL n 
2 14 GLU n 
2 15 PRO n 
2 16 VAL n 
2 17 ILE n 
2 18 GLU n 
2 19 THR n 
2 20 ALA n 
2 21 GLU n 
2 22 ILE n 
2 23 ASP n 
2 24 ASN n 
2 25 PRO n 
2 26 GLY n 
2 27 LYS n 
2 28 GLU n 
2 29 ILE n 
2 30 THR n 
2 31 VAL n 
2 32 GLU n 
2 33 ASP n 
2 34 ARG n 
2 35 ARG n 
2 36 ALA n 
2 37 TYR n 
2 38 VAL n 
2 39 ARG n 
2 40 ILE n 
2 41 ALA n 
2 42 ALA n 
2 43 GLU n 
2 44 GLY n 
2 45 GLU n 
2 46 LEU n 
2 47 ILE n 
2 48 LEU n 
2 49 THR n 
2 50 ARG n 
2 51 LYS n 
2 52 THR n 
2 53 LEU n 
2 54 GLU n 
2 55 GLU n 
2 56 GLN n 
2 57 LEU n 
2 58 GLY n 
2 59 ARG n 
2 60 PRO n 
2 61 PHE n 
2 62 ASN n 
2 63 MET n 
2 64 GLN n 
2 65 GLU n 
2 66 LEU n 
2 67 GLU n 
2 68 ILE n 
2 69 ASN n 
2 70 LEU n 
2 71 ALA n 
2 72 SER n 
2 73 PHE n 
2 74 ALA n 
2 75 GLY n 
2 76 GLN n 
2 77 ILE n 
2 78 GLN n 
2 79 ALA n 
2 80 ASP n 
2 81 GLU n 
2 82 ASP n 
2 83 GLN n 
2 84 ILE n 
2 85 ARG n 
2 86 PHE n 
2 87 TYR n 
2 88 PHE n 
2 89 ASP n 
2 90 LYS n 
2 91 THR n 
2 92 MET n 
# 
loop_
_entity_src_gen.entity_id 
_entity_src_gen.pdbx_src_id 
_entity_src_gen.pdbx_alt_source_flag 
_entity_src_gen.pdbx_seq_type 
_entity_src_gen.pdbx_beg_seq_num 
_entity_src_gen.pdbx_end_seq_num 
_entity_src_gen.gene_src_common_name 
_entity_src_gen.gene_src_genus 
_entity_src_gen.pdbx_gene_src_gene 
_entity_src_gen.gene_src_species 
_entity_src_gen.gene_src_strain 
_entity_src_gen.gene_src_tissue 
_entity_src_gen.gene_src_tissue_fraction 
_entity_src_gen.gene_src_details 
_entity_src_gen.pdbx_gene_src_fragment 
_entity_src_gen.pdbx_gene_src_scientific_name 
_entity_src_gen.pdbx_gene_src_ncbi_taxonomy_id 
_entity_src_gen.pdbx_gene_src_variant 
_entity_src_gen.pdbx_gene_src_cell_line 
_entity_src_gen.pdbx_gene_src_atcc 
_entity_src_gen.pdbx_gene_src_organ 
_entity_src_gen.pdbx_gene_src_organelle 
_entity_src_gen.pdbx_gene_src_cell 
_entity_src_gen.pdbx_gene_src_cellular_location 
_entity_src_gen.host_org_common_name 
_entity_src_gen.pdbx_host_org_scientific_name 
_entity_src_gen.pdbx_host_org_ncbi_taxonomy_id 
_entity_src_gen.host_org_genus 
_entity_src_gen.pdbx_host_org_gene 
_entity_src_gen.pdbx_host_org_organ 
_entity_src_gen.host_org_species 
_entity_src_gen.pdbx_host_org_tissue 
_entity_src_gen.pdbx_host_org_tissue_fraction 
_entity_src_gen.pdbx_host_org_strain 
_entity_src_gen.pdbx_host_org_variant 
_entity_src_gen.pdbx_host_org_cell_line 
_entity_src_gen.pdbx_host_org_atcc 
_entity_src_gen.pdbx_host_org_culture_collection 
_entity_src_gen.pdbx_host_org_cell 
_entity_src_gen.pdbx_host_org_organelle 
_entity_src_gen.pdbx_host_org_cellular_location 
_entity_src_gen.pdbx_host_org_vector_type 
_entity_src_gen.pdbx_host_org_vector 
_entity_src_gen.host_org_details 
_entity_src_gen.expression_system_id 
_entity_src_gen.plasmid_name 
_entity_src_gen.plasmid_details 
_entity_src_gen.pdbx_description 
1 1 sample ? ? ? ? ? ? ? KR1 ? ? ? ? 'PSEUDOMONAS MENDOCINA' 300 ? ? ? ? ? ? ? ? 'ESCHERICHIA COLI' 469008 ? ? ? ? ? ? 'BL21(DE3)' 
? ? ? ? ? ? ? ? PJDP01 ? ? PET3A ? ? 
2 1 sample ? ? ? ? ? ? ? KR1 ? ? ? ? 'PSEUDOMONAS MENDOCINA' 300 ? ? ? ? ? ? ? ? 'ESCHERICHIA COLI' 469008 ? ? ? ? ? ? 'BL21(DE3)' 
? ? ? ? ? ? ? ? PJDP01 ? ? PET3A ? ? 
# 
loop_
_chem_comp.id 
_chem_comp.type 
_chem_comp.mon_nstd_flag 
_chem_comp.name 
_chem_comp.pdbx_synonyms 
_chem_comp.formula 
_chem_comp.formula_weight 
ALA 'L-peptide linking' y ALANINE             ? 'C3 H7 N O2'     89.093  
ARG 'L-peptide linking' y ARGININE            ? 'C6 H15 N4 O2 1' 175.209 
ASN 'L-peptide linking' y ASPARAGINE          ? 'C4 H8 N2 O3'    132.118 
ASP 'L-peptide linking' y 'ASPARTIC ACID'     ? 'C4 H7 N O4'     133.103 
GLN 'L-peptide linking' y GLUTAMINE           ? 'C5 H10 N2 O3'   146.144 
GLU 'L-peptide linking' y 'GLUTAMIC ACID'     ? 'C5 H9 N O4'     147.129 
GLY 'peptide linking'   y GLYCINE             ? 'C2 H5 N O2'     75.067  
HOH non-polymer         . WATER               ? 'H2 O'           18.015  
HTO non-polymer         . HEPTANE-1,2,3-TRIOL ? 'C7 H16 O3'      148.200 
ILE 'L-peptide linking' y ISOLEUCINE          ? 'C6 H13 N O2'    131.173 
LEU 'L-peptide linking' y LEUCINE             ? 'C6 H13 N O2'    131.173 
LYS 'L-peptide linking' y LYSINE              ? 'C6 H15 N2 O2 1' 147.195 
MET 'L-peptide linking' y METHIONINE          ? 'C5 H11 N O2 S'  149.211 
PHE 'L-peptide linking' y PHENYLALANINE       ? 'C9 H11 N O2'    165.189 
PRO 'L-peptide linking' y PROLINE             ? 'C5 H9 N O2'     115.130 
SER 'L-peptide linking' y SERINE              ? 'C3 H7 N O3'     105.093 
THR 'L-peptide linking' y THREONINE           ? 'C4 H9 N O3'     119.119 
TYR 'L-peptide linking' y TYROSINE            ? 'C9 H11 N O3'    181.189 
VAL 'L-peptide linking' y VALINE              ? 'C5 H11 N O2'    117.146 
# 
loop_
_pdbx_poly_seq_scheme.asym_id 
_pdbx_poly_seq_scheme.entity_id 
_pdbx_poly_seq_scheme.seq_id 
_pdbx_poly_seq_scheme.mon_id 
_pdbx_poly_seq_scheme.ndb_seq_num 
_pdbx_poly_seq_scheme.pdb_seq_num 
_pdbx_poly_seq_scheme.auth_seq_num 
_pdbx_poly_seq_scheme.pdb_mon_id 
_pdbx_poly_seq_scheme.auth_mon_id 
_pdbx_poly_seq_scheme.pdb_strand_id 
_pdbx_poly_seq_scheme.pdb_ins_code 
_pdbx_poly_seq_scheme.hetero 
A 1 1  ASN 1  11  11 ASN ASN A . n 
A 1 2  ASN 2  12  12 ASN ASN A . n 
A 1 3  VAL 3  13  13 VAL VAL A . n 
A 1 4  GLY 4  14  14 GLY GLY A . n 
A 1 5  PRO 5  15  15 PRO PRO A . n 
A 1 6  ILE 6  16  16 ILE ILE A . n 
A 1 7  ILE 7  17  17 ILE ILE A . n 
A 1 8  ARG 8  18  18 ARG ARG A . n 
A 1 9  ALA 9  19  19 ALA ALA A . n 
A 1 10 GLY 10 20  20 GLY GLY A . n 
A 1 11 ASP 11 21  21 ASP ASP A . n 
A 1 12 LEU 12 22  22 LEU LEU A . n 
A 1 13 VAL 13 23  23 VAL VAL A . n 
A 1 14 GLU 14 24  24 GLU GLU A . n 
A 1 15 PRO 15 25  25 PRO PRO A . n 
A 1 16 VAL 16 26  26 VAL VAL A . n 
A 1 17 ILE 17 27  27 ILE ILE A . n 
A 1 18 GLU 18 28  28 GLU GLU A . n 
A 1 19 THR 19 29  29 THR THR A . n 
A 1 20 ALA 20 30  30 ALA ALA A . n 
A 1 21 GLU 21 31  31 GLU GLU A . n 
A 1 22 ILE 22 32  32 ILE ILE A . n 
A 1 23 ASP 23 33  33 ASP ASP A . n 
A 1 24 ASN 24 34  34 ASN ASN A . n 
A 1 25 PRO 25 35  35 PRO PRO A . n 
A 1 26 GLY 26 36  36 GLY GLY A . n 
A 1 27 LYS 27 37  37 LYS LYS A . n 
A 1 28 GLU 28 38  38 GLU GLU A . n 
A 1 29 ILE 29 39  39 ILE ILE A . n 
A 1 30 THR 30 40  40 THR THR A . n 
A 1 31 VAL 31 41  41 VAL VAL A . n 
A 1 32 GLU 32 42  42 GLU GLU A . n 
A 1 33 ASP 33 43  43 ASP ASP A . n 
A 1 34 ARG 34 44  44 ARG ARG A . n 
A 1 35 ARG 35 45  45 ARG ARG A . n 
A 1 36 ALA 36 46  46 ALA ALA A . n 
A 1 37 TYR 37 47  47 TYR TYR A . n 
A 1 38 VAL 38 48  48 VAL VAL A . n 
A 1 39 ARG 39 49  49 ARG ARG A . n 
A 1 40 ILE 40 50  50 ILE ILE A . n 
A 1 41 ALA 41 51  51 ALA ALA A . n 
A 1 42 ALA 42 52  52 ALA ALA A . n 
A 1 43 GLU 43 53  53 GLU GLU A . n 
A 1 44 GLY 44 54  54 GLY GLY A . n 
A 1 45 GLU 45 55  55 GLU GLU A . n 
A 1 46 LEU 46 56  56 LEU LEU A . n 
A 1 47 ILE 47 57  57 ILE ILE A . n 
A 1 48 LEU 48 58  58 LEU LEU A . n 
A 1 49 THR 49 59  59 THR THR A . n 
A 1 50 ARG 50 60  60 ARG ARG A . n 
A 1 51 LYS 51 61  61 LYS LYS A . n 
A 1 52 THR 52 62  62 THR THR A . n 
A 1 53 LEU 53 63  63 LEU LEU A . n 
A 1 54 GLU 54 64  64 GLU GLU A . n 
A 1 55 GLU 55 65  65 GLU GLU A . n 
A 1 56 GLN 56 66  66 GLN GLN A . n 
A 1 57 LEU 57 67  67 LEU LEU A . n 
A 1 58 GLY 58 68  68 GLY GLY A . n 
A 1 59 ARG 59 69  69 ARG ARG A . n 
A 1 60 PRO 60 70  70 PRO PRO A . n 
A 1 61 PHE 61 71  71 PHE PHE A . n 
A 1 62 ASN 62 72  72 ASN ASN A . n 
A 1 63 MET 63 73  73 MET MET A . n 
A 1 64 GLN 64 74  74 GLN GLN A . n 
A 1 65 GLU 65 75  75 GLU GLU A . n 
A 1 66 LEU 66 76  76 LEU LEU A . n 
A 1 67 GLU 67 77  77 GLU GLU A . n 
A 1 68 ILE 68 78  78 ILE ILE A . n 
A 1 69 ASN 69 79  79 ASN ASN A . n 
A 1 70 LEU 70 80  80 LEU LEU A . n 
A 1 71 ALA 71 81  81 ALA ALA A . n 
A 1 72 SER 72 82  82 SER SER A . n 
A 1 73 PHE 73 83  83 PHE PHE A . n 
A 1 74 ALA 74 84  84 ALA ALA A . n 
A 1 75 GLY 75 85  85 GLY GLY A . n 
A 1 76 GLN 76 86  86 GLN GLN A . n 
A 1 77 ILE 77 87  87 ILE ILE A . n 
A 1 78 GLN 78 88  88 GLN GLN A . n 
A 1 79 ALA 79 89  89 ALA ALA A . n 
A 1 80 ASP 80 90  90 ASP ASP A . n 
A 1 81 GLU 81 91  91 GLU GLU A . n 
A 1 82 ASP 82 92  92 ASP ASP A . n 
A 1 83 GLN 83 93  93 GLN GLN A . n 
A 1 84 ILE 84 94  94 ILE ILE A . n 
A 1 85 ARG 85 95  95 ARG ARG A . n 
A 1 86 PHE 86 96  96 PHE PHE A . n 
A 1 87 TYR 87 97  97 TYR TYR A . n 
A 1 88 PHE 88 98  98 PHE PHE A . n 
A 1 89 ASP 89 99  ?  ?   ?   A . n 
A 1 90 LYS 90 100 ?  ?   ?   A . n 
A 1 91 THR 91 101 ?  ?   ?   A . n 
A 1 92 MET 92 102 ?  ?   ?   A . n 
B 2 1  ASN 1  11  11 ASN ASN B . n 
B 2 2  ASN 2  12  12 ASN ASN B . n 
B 2 3  VAL 3  13  13 VAL VAL B . n 
B 2 4  GLY 4  14  14 GLY GLY B . n 
B 2 5  PRO 5  15  15 PRO PRO B . n 
B 2 6  ILE 6  16  16 ILE ILE B . n 
B 2 7  ILE 7  17  17 ILE ILE B . n 
B 2 8  ARG 8  18  18 ARG ARG B . n 
B 2 9  GLY 9  19  19 GLY GLY B . n 
B 2 10 ASP 10 20  20 ASP ASP B . n 
B 2 11 LEU 11 21  21 LEU LEU B . n 
B 2 12 VAL 12 22  22 VAL VAL B . n 
B 2 13 VAL 13 23  23 VAL VAL B . n 
B 2 14 GLU 14 24  24 GLU GLU B . n 
B 2 15 PRO 15 25  25 PRO PRO B . n 
B 2 16 VAL 16 26  26 VAL VAL B . n 
B 2 17 ILE 17 27  27 ILE ILE B . n 
B 2 18 GLU 18 28  28 GLU GLU B . n 
B 2 19 THR 19 29  29 THR THR B . n 
B 2 20 ALA 20 30  30 ALA ALA B . n 
B 2 21 GLU 21 31  31 GLU GLU B . n 
B 2 22 ILE 22 32  32 ILE ILE B . n 
B 2 23 ASP 23 33  33 ASP ASP B . n 
B 2 24 ASN 24 34  34 ASN ASN B . n 
B 2 25 PRO 25 35  35 PRO PRO B . n 
B 2 26 GLY 26 36  36 GLY GLY B . n 
B 2 27 LYS 27 37  37 LYS LYS B . n 
B 2 28 GLU 28 38  38 GLU GLU B . n 
B 2 29 ILE 29 39  39 ILE ILE B . n 
B 2 30 THR 30 40  40 THR THR B . n 
B 2 31 VAL 31 41  41 VAL VAL B . n 
B 2 32 GLU 32 42  42 GLU GLU B . n 
B 2 33 ASP 33 43  43 ASP ASP B . n 
B 2 34 ARG 34 44  44 ARG ARG B . n 
B 2 35 ARG 35 45  45 ARG ARG B . n 
B 2 36 ALA 36 46  46 ALA ALA B . n 
B 2 37 TYR 37 47  47 TYR TYR B . n 
B 2 38 VAL 38 48  48 VAL VAL B . n 
B 2 39 ARG 39 49  49 ARG ARG B . n 
B 2 40 ILE 40 50  50 ILE ILE B . n 
B 2 41 ALA 41 51  51 ALA ALA B . n 
B 2 42 ALA 42 52  52 ALA ALA B . n 
B 2 43 GLU 43 53  53 GLU GLU B . n 
B 2 44 GLY 44 54  54 GLY GLY B . n 
B 2 45 GLU 45 55  55 GLU GLU B . n 
B 2 46 LEU 46 56  56 LEU LEU B . n 
B 2 47 ILE 47 57  57 ILE ILE B . n 
B 2 48 LEU 48 58  58 LEU LEU B . n 
B 2 49 THR 49 59  59 THR THR B . n 
B 2 50 ARG 50 60  60 ARG ARG B . n 
B 2 51 LYS 51 61  61 LYS LYS B . n 
B 2 52 THR 52 62  62 THR THR B . n 
B 2 53 LEU 53 63  63 LEU LEU B . n 
B 2 54 GLU 54 64  64 GLU GLU B . n 
B 2 55 GLU 55 65  65 GLU GLU B . n 
B 2 56 GLN 56 66  66 GLN GLN B . n 
B 2 57 LEU 57 67  67 LEU LEU B . n 
B 2 58 GLY 58 68  68 GLY GLY B . n 
B 2 59 ARG 59 69  69 ARG ARG B . n 
B 2 60 PRO 60 70  70 PRO PRO B . n 
B 2 61 PHE 61 71  71 PHE PHE B . n 
B 2 62 ASN 62 72  72 ASN ASN B . n 
B 2 63 MET 63 73  73 MET MET B . n 
B 2 64 GLN 64 74  74 GLN GLN B . n 
B 2 65 GLU 65 75  75 GLU GLU B . n 
B 2 66 LEU 66 76  76 LEU LEU B . n 
B 2 67 GLU 67 77  77 GLU GLU B . n 
B 2 68 ILE 68 78  78 ILE ILE B . n 
B 2 69 ASN 69 79  79 ASN ASN B . n 
B 2 70 LEU 70 80  80 LEU LEU B . n 
B 2 71 ALA 71 81  81 ALA ALA B . n 
B 2 72 SER 72 82  82 SER SER B . n 
B 2 73 PHE 73 83  83 PHE PHE B . n 
B 2 74 ALA 74 84  84 ALA ALA B . n 
B 2 75 GLY 75 85  85 GLY GLY B . n 
B 2 76 GLN 76 86  86 GLN GLN B . n 
B 2 77 ILE 77 87  87 ILE ILE B . n 
B 2 78 GLN 78 88  88 GLN GLN B . n 
B 2 79 ALA 79 89  89 ALA ALA B . n 
B 2 80 ASP 80 90  90 ASP ASP B . n 
B 2 81 GLU 81 91  91 GLU GLU B . n 
B 2 82 ASP 82 92  92 ASP ASP B . n 
B 2 83 GLN 83 93  93 GLN GLN B . n 
B 2 84 ILE 84 94  94 ILE ILE B . n 
B 2 85 ARG 85 95  95 ARG ARG B . n 
B 2 86 PHE 86 96  96 PHE PHE B . n 
B 2 87 TYR 87 97  97 TYR TYR B . n 
B 2 88 PHE 88 98  98 PHE PHE B . n 
B 2 89 ASP 89 99  ?  ?   ?   B . n 
B 2 90 LYS 90 100 ?  ?   ?   B . n 
B 2 91 THR 91 101 ?  ?   ?   B . n 
B 2 92 MET 92 102 ?  ?   ?   B . n 
# 
loop_
_pdbx_nonpoly_scheme.asym_id 
_pdbx_nonpoly_scheme.entity_id 
_pdbx_nonpoly_scheme.mon_id 
_pdbx_nonpoly_scheme.ndb_seq_num 
_pdbx_nonpoly_scheme.pdb_seq_num 
_pdbx_nonpoly_scheme.auth_seq_num 
_pdbx_nonpoly_scheme.pdb_mon_id 
_pdbx_nonpoly_scheme.auth_mon_id 
_pdbx_nonpoly_scheme.pdb_strand_id 
_pdbx_nonpoly_scheme.pdb_ins_code 
C 3 HTO 1  1099 1099 HTO HTO B . 
D 4 HOH 1  2001 2001 HOH HOH A . 
D 4 HOH 2  2002 2002 HOH HOH A . 
D 4 HOH 3  2003 2003 HOH HOH A . 
D 4 HOH 4  2004 2004 HOH HOH A . 
D 4 HOH 5  2005 2005 HOH HOH A . 
D 4 HOH 6  2006 2006 HOH HOH A . 
D 4 HOH 7  2007 2007 HOH HOH A . 
D 4 HOH 8  2008 2008 HOH HOH A . 
D 4 HOH 9  2009 2009 HOH HOH A . 
D 4 HOH 10 2010 2010 HOH HOH A . 
D 4 HOH 11 2011 2011 HOH HOH A . 
D 4 HOH 12 2012 2012 HOH HOH A . 
D 4 HOH 13 2013 2013 HOH HOH A . 
D 4 HOH 14 2014 2014 HOH HOH A . 
D 4 HOH 15 2015 2015 HOH HOH A . 
D 4 HOH 16 2016 2016 HOH HOH A . 
D 4 HOH 17 2017 2017 HOH HOH A . 
D 4 HOH 18 2018 2018 HOH HOH A . 
D 4 HOH 19 2019 2019 HOH HOH A . 
D 4 HOH 20 2020 2020 HOH HOH A . 
D 4 HOH 21 2021 2021 HOH HOH A . 
D 4 HOH 22 2022 2022 HOH HOH A . 
D 4 HOH 23 2023 2023 HOH HOH A . 
D 4 HOH 24 2024 2024 HOH HOH A . 
D 4 HOH 25 2025 2025 HOH HOH A . 
D 4 HOH 26 2026 2026 HOH HOH A . 
D 4 HOH 27 2027 2027 HOH HOH A . 
D 4 HOH 28 2028 2028 HOH HOH A . 
D 4 HOH 29 2029 2029 HOH HOH A . 
D 4 HOH 30 2030 2030 HOH HOH A . 
D 4 HOH 31 2031 2031 HOH HOH A . 
D 4 HOH 32 2032 2032 HOH HOH A . 
D 4 HOH 33 2033 2033 HOH HOH A . 
D 4 HOH 34 2034 2034 HOH HOH A . 
D 4 HOH 35 2035 2035 HOH HOH A . 
D 4 HOH 36 2036 2036 HOH HOH A . 
D 4 HOH 37 2037 2037 HOH HOH A . 
D 4 HOH 38 2038 2038 HOH HOH A . 
D 4 HOH 39 2039 2039 HOH HOH A . 
D 4 HOH 40 2040 2040 HOH HOH A . 
D 4 HOH 41 2041 2041 HOH HOH A . 
D 4 HOH 42 2042 2042 HOH HOH A . 
D 4 HOH 43 2043 2043 HOH HOH A . 
D 4 HOH 44 2044 2044 HOH HOH A . 
D 4 HOH 45 2045 2045 HOH HOH A . 
D 4 HOH 46 2046 2046 HOH HOH A . 
D 4 HOH 47 2047 2047 HOH HOH A . 
D 4 HOH 48 2048 2048 HOH HOH A . 
D 4 HOH 49 2049 2049 HOH HOH A . 
D 4 HOH 50 2050 2050 HOH HOH A . 
D 4 HOH 51 2051 2051 HOH HOH A . 
D 4 HOH 52 2052 2052 HOH HOH A . 
D 4 HOH 53 2053 2053 HOH HOH A . 
D 4 HOH 54 2054 2054 HOH HOH A . 
D 4 HOH 55 2055 2055 HOH HOH A . 
D 4 HOH 56 2056 2056 HOH HOH A . 
D 4 HOH 57 2057 2057 HOH HOH A . 
D 4 HOH 58 2058 2058 HOH HOH A . 
D 4 HOH 59 2059 2059 HOH HOH A . 
D 4 HOH 60 2060 2060 HOH HOH A . 
D 4 HOH 61 2061 2061 HOH HOH A . 
D 4 HOH 62 2062 2062 HOH HOH A . 
D 4 HOH 63 2063 2063 HOH HOH A . 
D 4 HOH 64 2064 2064 HOH HOH A . 
D 4 HOH 65 2065 2065 HOH HOH A . 
D 4 HOH 66 2066 2066 HOH HOH A . 
D 4 HOH 67 2067 2067 HOH HOH A . 
D 4 HOH 68 2068 2068 HOH HOH A . 
D 4 HOH 69 2069 2069 HOH HOH A . 
D 4 HOH 70 2070 2070 HOH HOH A . 
D 4 HOH 71 2071 2071 HOH HOH A . 
D 4 HOH 72 2072 2072 HOH HOH A . 
D 4 HOH 73 2073 2073 HOH HOH A . 
D 4 HOH 74 2074 2074 HOH HOH A . 
D 4 HOH 75 2075 2075 HOH HOH A . 
D 4 HOH 76 2076 2076 HOH HOH A . 
D 4 HOH 77 2077 2077 HOH HOH A . 
D 4 HOH 78 2078 2078 HOH HOH A . 
D 4 HOH 79 2079 2079 HOH HOH A . 
D 4 HOH 80 2080 2080 HOH HOH A . 
D 4 HOH 81 2081 2081 HOH HOH A . 
D 4 HOH 82 2082 2082 HOH HOH A . 
D 4 HOH 83 2083 2083 HOH HOH A . 
D 4 HOH 84 2084 2084 HOH HOH A . 
D 4 HOH 85 2085 2085 HOH HOH A . 
D 4 HOH 86 2086 2086 HOH HOH A . 
D 4 HOH 87 2087 2087 HOH HOH A . 
D 4 HOH 88 2088 2088 HOH HOH A . 
D 4 HOH 89 2089 2089 HOH HOH A . 
D 4 HOH 90 2090 2090 HOH HOH A . 
D 4 HOH 91 2091 2091 HOH HOH A . 
D 4 HOH 92 2092 2092 HOH HOH A . 
D 4 HOH 93 2093 2093 HOH HOH A . 
D 4 HOH 94 2094 2094 HOH HOH A . 
E 4 HOH 1  2001 2001 HOH HOH B . 
E 4 HOH 2  2002 2002 HOH HOH B . 
E 4 HOH 3  2003 2003 HOH HOH B . 
E 4 HOH 4  2004 2004 HOH HOH B . 
E 4 HOH 5  2005 2005 HOH HOH B . 
E 4 HOH 6  2006 2006 HOH HOH B . 
E 4 HOH 7  2007 2007 HOH HOH B . 
E 4 HOH 8  2008 2008 HOH HOH B . 
E 4 HOH 9  2009 2009 HOH HOH B . 
E 4 HOH 10 2010 2010 HOH HOH B . 
E 4 HOH 11 2011 2011 HOH HOH B . 
E 4 HOH 12 2012 2012 HOH HOH B . 
E 4 HOH 13 2013 2013 HOH HOH B . 
E 4 HOH 14 2014 2014 HOH HOH B . 
E 4 HOH 15 2015 2015 HOH HOH B . 
E 4 HOH 16 2016 2016 HOH HOH B . 
E 4 HOH 17 2017 2017 HOH HOH B . 
E 4 HOH 18 2018 2018 HOH HOH B . 
E 4 HOH 19 2019 2019 HOH HOH B . 
E 4 HOH 20 2020 2020 HOH HOH B . 
E 4 HOH 21 2021 2021 HOH HOH B . 
E 4 HOH 22 2022 2022 HOH HOH B . 
E 4 HOH 23 2023 2023 HOH HOH B . 
E 4 HOH 24 2024 2024 HOH HOH B . 
E 4 HOH 25 2025 2025 HOH HOH B . 
E 4 HOH 26 2026 2026 HOH HOH B . 
E 4 HOH 27 2027 2027 HOH HOH B . 
E 4 HOH 28 2028 2028 HOH HOH B . 
E 4 HOH 29 2029 2029 HOH HOH B . 
E 4 HOH 30 2030 2030 HOH HOH B . 
E 4 HOH 31 2031 2031 HOH HOH B . 
E 4 HOH 32 2032 2032 HOH HOH B . 
E 4 HOH 33 2033 2033 HOH HOH B . 
E 4 HOH 34 2034 2034 HOH HOH B . 
E 4 HOH 35 2035 2035 HOH HOH B . 
E 4 HOH 36 2036 2036 HOH HOH B . 
E 4 HOH 37 2037 2037 HOH HOH B . 
E 4 HOH 38 2038 2038 HOH HOH B . 
E 4 HOH 39 2039 2039 HOH HOH B . 
E 4 HOH 40 2040 2040 HOH HOH B . 
E 4 HOH 41 2041 2041 HOH HOH B . 
E 4 HOH 42 2042 2042 HOH HOH B . 
E 4 HOH 43 2043 2043 HOH HOH B . 
E 4 HOH 44 2044 2044 HOH HOH B . 
E 4 HOH 45 2045 2045 HOH HOH B . 
E 4 HOH 46 2046 2046 HOH HOH B . 
E 4 HOH 47 2047 2047 HOH HOH B . 
E 4 HOH 48 2048 2048 HOH HOH B . 
E 4 HOH 49 2049 2049 HOH HOH B . 
E 4 HOH 50 2050 2050 HOH HOH B . 
E 4 HOH 51 2051 2051 HOH HOH B . 
E 4 HOH 52 2052 2052 HOH HOH B . 
E 4 HOH 53 2053 2053 HOH HOH B . 
E 4 HOH 54 2054 2054 HOH HOH B . 
E 4 HOH 55 2055 2055 HOH HOH B . 
E 4 HOH 56 2056 2056 HOH HOH B . 
E 4 HOH 57 2057 2057 HOH HOH B . 
E 4 HOH 58 2058 2058 HOH HOH B . 
E 4 HOH 59 2059 2059 HOH HOH B . 
E 4 HOH 60 2060 2060 HOH HOH B . 
E 4 HOH 61 2061 2061 HOH HOH B . 
E 4 HOH 62 2062 2062 HOH HOH B . 
E 4 HOH 63 2063 2063 HOH HOH B . 
E 4 HOH 64 2064 2064 HOH HOH B . 
E 4 HOH 65 2065 2065 HOH HOH B . 
E 4 HOH 66 2066 2066 HOH HOH B . 
E 4 HOH 67 2067 2067 HOH HOH B . 
E 4 HOH 68 2068 2068 HOH HOH B . 
E 4 HOH 69 2069 2069 HOH HOH B . 
E 4 HOH 70 2070 2070 HOH HOH B . 
E 4 HOH 71 2071 2071 HOH HOH B . 
# 
loop_
_software.name 
_software.classification 
_software.version 
_software.citation_id 
_software.pdbx_ordinal 
REFMAC refinement       5.1.24 ? 1 
MOSFLM 'data reduction' .      ? 2 
SCALA  'data scaling'   .      ? 3 
CNS    phasing          .      ? 4 
# 
_cell.entry_id           2BF3 
_cell.length_a           86.748 
_cell.length_b           86.748 
_cell.length_c           86.748 
_cell.angle_alpha        90.00 
_cell.angle_beta         90.00 
_cell.angle_gamma        90.00 
_cell.Z_PDB              12 
_cell.pdbx_unique_axis   ? 
# 
_symmetry.entry_id                         2BF3 
_symmetry.space_group_name_H-M             'P 21 3' 
_symmetry.pdbx_full_space_group_name_H-M   ? 
_symmetry.cell_setting                     ? 
_symmetry.Int_Tables_number                198 
# 
_exptl.entry_id          2BF3 
_exptl.method            'X-RAY DIFFRACTION' 
_exptl.crystals_number   1 
# 
_exptl_crystal.id                    1 
_exptl_crystal.density_meas          ? 
_exptl_crystal.density_Matthews      2.6 
_exptl_crystal.density_percent_sol   53 
_exptl_crystal.description           ? 
# 
_exptl_crystal_grow.crystal_id      1 
_exptl_crystal_grow.method          ? 
_exptl_crystal_grow.temp            ? 
_exptl_crystal_grow.temp_details    ? 
_exptl_crystal_grow.pH              ? 
_exptl_crystal_grow.pdbx_pH_range   ? 
_exptl_crystal_grow.pdbx_details    
'PROTEIN WAS CRYSTALLIZED FROM 2.0 M AMMONIUM SULFATE, 5% (V/V) 2-PROPANOL, AND 1.5% (V/V) 1,2,3-HEPTANETRIOL' 
# 
_diffrn.id                     1 
_diffrn.ambient_temp           100.0 
_diffrn.ambient_temp_details   ? 
_diffrn.crystal_id             1 
# 
_diffrn_detector.diffrn_id              1 
_diffrn_detector.detector               CCD 
_diffrn_detector.type                   MARRESEARCH 
_diffrn_detector.pdbx_collection_date   2002-08-08 
_diffrn_detector.details                ? 
# 
_diffrn_radiation.diffrn_id                        1 
_diffrn_radiation.wavelength_id                    1 
_diffrn_radiation.pdbx_monochromatic_or_laue_m_l   M 
_diffrn_radiation.monochromator                    ? 
_diffrn_radiation.pdbx_diffrn_protocol             'SINGLE WAVELENGTH' 
_diffrn_radiation.pdbx_scattering_type             x-ray 
# 
_diffrn_radiation_wavelength.id           1 
_diffrn_radiation_wavelength.wavelength   1.0000 
_diffrn_radiation_wavelength.wt           1.0 
# 
_diffrn_source.diffrn_id                   1 
_diffrn_source.source                      SYNCHROTRON 
_diffrn_source.type                        'APS BEAMLINE 22-ID' 
_diffrn_source.pdbx_synchrotron_site       APS 
_diffrn_source.pdbx_synchrotron_beamline   22-ID 
_diffrn_source.pdbx_wavelength             1.0000 
_diffrn_source.pdbx_wavelength_list        ? 
# 
_reflns.pdbx_diffrn_id               1 
_reflns.pdbx_ordinal                 1 
_reflns.entry_id                     2BF3 
_reflns.observed_criterion_sigma_I   2.000 
_reflns.observed_criterion_sigma_F   ? 
_reflns.d_resolution_low             16.000 
_reflns.d_resolution_high            1.960 
_reflns.number_obs                   15889 
_reflns.number_all                   ? 
_reflns.percent_possible_obs         99.8 
_reflns.pdbx_Rmerge_I_obs            0.06000 
_reflns.pdbx_Rsym_value              ? 
_reflns.pdbx_netI_over_sigmaI        9.6000 
_reflns.B_iso_Wilson_estimate        ? 
_reflns.pdbx_redundancy              21.400 
# 
_reflns_shell.pdbx_diffrn_id         1 
_reflns_shell.pdbx_ordinal           1 
_reflns_shell.d_res_high             1.96 
_reflns_shell.d_res_low              2.07 
_reflns_shell.percent_possible_all   99.8 
_reflns_shell.Rmerge_I_obs           0.32000 
_reflns_shell.pdbx_Rsym_value        ? 
_reflns_shell.meanI_over_sigI_obs    2.300 
_reflns_shell.pdbx_redundancy        21.00 
# 
_refine.pdbx_refine_id                           'X-RAY DIFFRACTION' 
_refine.entry_id                                 2BF3 
_refine.pdbx_diffrn_id                           1 
_refine.pdbx_TLS_residual_ADP_flag               ? 
_refine.ls_number_reflns_obs                     14262 
_refine.ls_number_reflns_all                     ? 
_refine.pdbx_ls_sigma_I                          ? 
_refine.pdbx_ls_sigma_F                          ? 
_refine.pdbx_data_cutoff_high_absF               ? 
_refine.pdbx_data_cutoff_low_absF                ? 
_refine.pdbx_data_cutoff_high_rms_absF           ? 
_refine.ls_d_res_low                             16.00 
_refine.ls_d_res_high                            1.96 
_refine.ls_percent_reflns_obs                    99.7 
_refine.ls_R_factor_obs                          0.204 
_refine.ls_R_factor_all                          ? 
_refine.ls_R_factor_R_work                       0.198 
_refine.ls_R_factor_R_free                       0.249 
_refine.ls_R_factor_R_free_error                 ? 
_refine.ls_R_factor_R_free_error_details         ? 
_refine.ls_percent_reflns_R_free                 10.000 
_refine.ls_number_reflns_R_free                  1592 
_refine.ls_number_parameters                     ? 
_refine.ls_number_restraints                     ? 
_refine.occupancy_min                            ? 
_refine.occupancy_max                            ? 
_refine.correlation_coeff_Fo_to_Fc               0.943 
_refine.correlation_coeff_Fo_to_Fc_free          0.915 
_refine.B_iso_mean                               22.44 
_refine.aniso_B[1][1]                            ? 
_refine.aniso_B[2][2]                            ? 
_refine.aniso_B[3][3]                            ? 
_refine.aniso_B[1][2]                            ? 
_refine.aniso_B[1][3]                            ? 
_refine.aniso_B[2][3]                            ? 
_refine.solvent_model_details                    'BABINET MODEL WITH MASK' 
_refine.solvent_model_param_ksol                 ? 
_refine.solvent_model_param_bsol                 ? 
_refine.pdbx_solvent_vdw_probe_radii             1.40 
_refine.pdbx_solvent_ion_probe_radii             0.80 
_refine.pdbx_solvent_shrinkage_radii             0.80 
_refine.pdbx_ls_cross_valid_method               THROUGHOUT 
_refine.details                                  
;HYDROGENS HAVE BEEN ADDED IN THE RIDING POSITIONS. RESIDUES 99-102 IN CHAIN A AND B WERE NOT INCLUDED DUE TO LACK OF ELECTRON DENSITY 1,2,3-HEPTANETRIOL WAS ADDED AS A CRYSTALLIZATION ADDITIVE.
;
_refine.pdbx_starting_model                      'NATIVE TOLUENE-4-MONOOXYGENASE CATALYTIC EFFECTOR' 
_refine.pdbx_method_to_determine_struct          'MOLECULAR REPLACEMENT' 
_refine.pdbx_isotropic_thermal_model             ? 
_refine.pdbx_stereochemistry_target_values       'MAXIMUM LIKELIHOOD' 
_refine.pdbx_stereochem_target_val_spec_case     ? 
_refine.pdbx_R_Free_selection_details            RANDOM 
_refine.pdbx_overall_ESU_R                       0.180 
_refine.pdbx_overall_ESU_R_Free                  0.169 
_refine.overall_SU_ML                            0.105 
_refine.pdbx_overall_phase_error                 ? 
_refine.overall_SU_B                             3.588 
_refine.overall_SU_R_Cruickshank_DPI             ? 
_refine.pdbx_overall_SU_R_free_Cruickshank_DPI   ? 
_refine.pdbx_overall_SU_R_Blow_DPI               ? 
_refine.pdbx_overall_SU_R_free_Blow_DPI          ? 
# 
_refine_hist.pdbx_refine_id                   'X-RAY DIFFRACTION' 
_refine_hist.cycle_id                         LAST 
_refine_hist.pdbx_number_atoms_protein        1404 
_refine_hist.pdbx_number_atoms_nucleic_acid   0 
_refine_hist.pdbx_number_atoms_ligand         10 
_refine_hist.number_atoms_solvent             165 
_refine_hist.number_atoms_total               1579 
_refine_hist.d_res_high                       1.96 
_refine_hist.d_res_low                        16.00 
# 
loop_
_refine_ls_restr.type 
_refine_ls_restr.dev_ideal 
_refine_ls_restr.dev_ideal_target 
_refine_ls_restr.weight 
_refine_ls_restr.number 
_refine_ls_restr.pdbx_refine_id 
_refine_ls_restr.pdbx_restraint_function 
r_bond_refined_d             0.019 0.022 ? 1431 'X-RAY DIFFRACTION' ? 
r_bond_other_d               0.002 0.020 ? 1335 'X-RAY DIFFRACTION' ? 
r_angle_refined_deg          1.718 1.973 ? 1933 'X-RAY DIFFRACTION' ? 
r_angle_other_deg            0.890 3.000 ? 3099 'X-RAY DIFFRACTION' ? 
r_dihedral_angle_1_deg       6.763 5.000 ? 174  'X-RAY DIFFRACTION' ? 
r_dihedral_angle_2_deg       ?     ?     ? ?    'X-RAY DIFFRACTION' ? 
r_dihedral_angle_3_deg       ?     ?     ? ?    'X-RAY DIFFRACTION' ? 
r_dihedral_angle_4_deg       ?     ?     ? ?    'X-RAY DIFFRACTION' ? 
r_chiral_restr               0.103 0.200 ? 219  'X-RAY DIFFRACTION' ? 
r_gen_planes_refined         0.006 0.020 ? 1600 'X-RAY DIFFRACTION' ? 
r_gen_planes_other           0.002 0.020 ? 278  'X-RAY DIFFRACTION' ? 
r_nbd_refined                0.233 0.200 ? 289  'X-RAY DIFFRACTION' ? 
r_nbd_other                  0.253 0.200 ? 1575 'X-RAY DIFFRACTION' ? 
r_nbtor_refined              ?     ?     ? ?    'X-RAY DIFFRACTION' ? 
r_nbtor_other                0.085 0.200 ? 872  'X-RAY DIFFRACTION' ? 
r_xyhbond_nbd_refined        0.212 0.200 ? 112  'X-RAY DIFFRACTION' ? 
r_xyhbond_nbd_other          ?     ?     ? ?    'X-RAY DIFFRACTION' ? 
r_metal_ion_refined          ?     ?     ? ?    'X-RAY DIFFRACTION' ? 
r_metal_ion_other            ?     ?     ? ?    'X-RAY DIFFRACTION' ? 
r_symmetry_vdw_refined       0.209 0.200 ? 14   'X-RAY DIFFRACTION' ? 
r_symmetry_vdw_other         0.356 0.200 ? 49   'X-RAY DIFFRACTION' ? 
r_symmetry_hbond_refined     0.447 0.200 ? 16   'X-RAY DIFFRACTION' ? 
r_symmetry_hbond_other       ?     ?     ? ?    'X-RAY DIFFRACTION' ? 
r_symmetry_metal_ion_refined ?     ?     ? ?    'X-RAY DIFFRACTION' ? 
r_symmetry_metal_ion_other   ?     ?     ? ?    'X-RAY DIFFRACTION' ? 
r_mcbond_it                  1.160 1.500 ? 874  'X-RAY DIFFRACTION' ? 
r_mcbond_other               ?     ?     ? ?    'X-RAY DIFFRACTION' ? 
r_mcangle_it                 2.120 2.000 ? 1414 'X-RAY DIFFRACTION' ? 
r_mcangle_other              ?     ?     ? ?    'X-RAY DIFFRACTION' ? 
r_scbond_it                  3.128 3.000 ? 557  'X-RAY DIFFRACTION' ? 
r_scbond_other               ?     ?     ? ?    'X-RAY DIFFRACTION' ? 
r_scangle_it                 5.435 4.500 ? 519  'X-RAY DIFFRACTION' ? 
r_scangle_other              ?     ?     ? ?    'X-RAY DIFFRACTION' ? 
r_long_range_B_refined       ?     ?     ? ?    'X-RAY DIFFRACTION' ? 
r_long_range_B_other         ?     ?     ? ?    'X-RAY DIFFRACTION' ? 
r_rigid_bond_restr           ?     ?     ? ?    'X-RAY DIFFRACTION' ? 
r_sphericity_free            ?     ?     ? ?    'X-RAY DIFFRACTION' ? 
r_sphericity_bonded          ?     ?     ? ?    'X-RAY DIFFRACTION' ? 
# 
_refine_ls_shell.pdbx_refine_id                   'X-RAY DIFFRACTION' 
_refine_ls_shell.pdbx_total_number_of_bins_used   20 
_refine_ls_shell.d_res_high                       1.96 
_refine_ls_shell.d_res_low                        2.01 
_refine_ls_shell.number_reflns_R_work             1036 
_refine_ls_shell.R_factor_R_work                  0.2030 
_refine_ls_shell.percent_reflns_obs               ? 
_refine_ls_shell.R_factor_R_free                  0.3080 
_refine_ls_shell.R_factor_R_free_error            ? 
_refine_ls_shell.percent_reflns_R_free            ? 
_refine_ls_shell.number_reflns_R_free             126 
_refine_ls_shell.number_reflns_all                ? 
_refine_ls_shell.R_factor_all                     ? 
# 
_struct.entry_id                  2BF3 
_struct.title                     
'Crystal structure of a toluene 4-monooxygenase catalytic effector protein variant missing ten N-terminal residues (delta-N10 T4moD)' 
_struct.pdbx_model_details        ? 
_struct.pdbx_CASP_flag            ? 
_struct.pdbx_model_type_details   ? 
# 
_struct_keywords.entry_id        2BF3 
_struct_keywords.pdbx_keywords   OXIDOREDUCTASE 
_struct_keywords.text            
;CATALYTIC EFFECTOR PROTEIN, N-TERMINAL TRUNCATED MUTANT, TOLUENE OXIDATION, AROMATIC HYDROCARBON CATABOLISM, MOLECULAR REPLACEMENT, MONOOXYGENASE, OXIDOREDUCTASE
;
# 
loop_
_struct_asym.id 
_struct_asym.pdbx_blank_PDB_chainid_flag 
_struct_asym.pdbx_modified 
_struct_asym.entity_id 
_struct_asym.details 
A N N 1 ? 
B N N 2 ? 
C N N 3 ? 
D N N 4 ? 
E N N 4 ? 
# 
loop_
_struct_ref.id 
_struct_ref.db_name 
_struct_ref.db_code 
_struct_ref.entity_id 
_struct_ref.pdbx_seq_one_letter_code 
_struct_ref.pdbx_align_begin 
_struct_ref.pdbx_db_accession 
_struct_ref.pdbx_db_isoform 
1 UNP TMOD_PSEME 1 ? ? Q00459 ? 
2 UNP TMOD_PSEME 2 ? ? Q00459 ? 
# 
loop_
_struct_ref_seq.align_id 
_struct_ref_seq.ref_id 
_struct_ref_seq.pdbx_PDB_id_code 
_struct_ref_seq.pdbx_strand_id 
_struct_ref_seq.seq_align_beg 
_struct_ref_seq.pdbx_seq_align_beg_ins_code 
_struct_ref_seq.seq_align_end 
_struct_ref_seq.pdbx_seq_align_end_ins_code 
_struct_ref_seq.pdbx_db_accession 
_struct_ref_seq.db_align_beg 
_struct_ref_seq.pdbx_db_align_beg_ins_code 
_struct_ref_seq.db_align_end 
_struct_ref_seq.pdbx_db_align_end_ins_code 
_struct_ref_seq.pdbx_auth_seq_align_beg 
_struct_ref_seq.pdbx_auth_seq_align_end 
1 1 2BF3 A 1 ? 92 ? Q00459 11 ? 102 ? 11 102 
2 2 2BF3 B 1 ? 92 ? Q00459 11 ? 102 ? 11 102 
# 
loop_
_struct_ref_seq_dif.align_id 
_struct_ref_seq_dif.pdbx_pdb_id_code 
_struct_ref_seq_dif.mon_id 
_struct_ref_seq_dif.pdbx_pdb_strand_id 
_struct_ref_seq_dif.seq_num 
_struct_ref_seq_dif.pdbx_pdb_ins_code 
_struct_ref_seq_dif.pdbx_seq_db_name 
_struct_ref_seq_dif.pdbx_seq_db_accession_code 
_struct_ref_seq_dif.db_mon_id 
_struct_ref_seq_dif.pdbx_seq_db_seq_num 
_struct_ref_seq_dif.details 
_struct_ref_seq_dif.pdbx_auth_seq_num 
_struct_ref_seq_dif.pdbx_ordinal 
2 2BF3 GLY B 9  ? UNP Q00459 ALA 19 conflict 19 1 
2 2BF3 ASP B 10 ? UNP Q00459 GLY 20 conflict 20 2 
2 2BF3 LEU B 11 ? UNP Q00459 ASP 21 conflict 21 3 
2 2BF3 VAL B 12 ? UNP Q00459 LEU 22 conflict 22 4 
# 
loop_
_pdbx_struct_assembly.id 
_pdbx_struct_assembly.details 
_pdbx_struct_assembly.method_details 
_pdbx_struct_assembly.oligomeric_details 
_pdbx_struct_assembly.oligomeric_count 
1 author_and_software_defined_assembly PQS monomeric 1 
2 author_and_software_defined_assembly PQS monomeric 1 
# 
loop_
_pdbx_struct_assembly_gen.assembly_id 
_pdbx_struct_assembly_gen.oper_expression 
_pdbx_struct_assembly_gen.asym_id_list 
1 1 A,D   
2 1 B,C,E 
# 
_pdbx_struct_oper_list.id                   1 
_pdbx_struct_oper_list.type                 'identity operation' 
_pdbx_struct_oper_list.name                 1_555 
_pdbx_struct_oper_list.symmetry_operation   x,y,z 
_pdbx_struct_oper_list.matrix[1][1]         1.0000000000 
_pdbx_struct_oper_list.matrix[1][2]         0.0000000000 
_pdbx_struct_oper_list.matrix[1][3]         0.0000000000 
_pdbx_struct_oper_list.vector[1]            0.0000000000 
_pdbx_struct_oper_list.matrix[2][1]         0.0000000000 
_pdbx_struct_oper_list.matrix[2][2]         1.0000000000 
_pdbx_struct_oper_list.matrix[2][3]         0.0000000000 
_pdbx_struct_oper_list.vector[2]            0.0000000000 
_pdbx_struct_oper_list.matrix[3][1]         0.0000000000 
_pdbx_struct_oper_list.matrix[3][2]         0.0000000000 
_pdbx_struct_oper_list.matrix[3][3]         1.0000000000 
_pdbx_struct_oper_list.vector[3]            0.0000000000 
# 
_struct_biol.id   1 
# 
loop_
_struct_conf.conf_type_id 
_struct_conf.id 
_struct_conf.pdbx_PDB_helix_id 
_struct_conf.beg_label_comp_id 
_struct_conf.beg_label_asym_id 
_struct_conf.beg_label_seq_id 
_struct_conf.pdbx_beg_PDB_ins_code 
_struct_conf.end_label_comp_id 
_struct_conf.end_label_asym_id 
_struct_conf.end_label_seq_id 
_struct_conf.pdbx_end_PDB_ins_code 
_struct_conf.beg_auth_comp_id 
_struct_conf.beg_auth_asym_id 
_struct_conf.beg_auth_seq_id 
_struct_conf.end_auth_comp_id 
_struct_conf.end_auth_asym_id 
_struct_conf.end_auth_seq_id 
_struct_conf.pdbx_PDB_helix_class 
_struct_conf.details 
_struct_conf.pdbx_PDB_helix_length 
HELX_P HELX_P1 1 LEU A 12 ? ASN A 24 ? LEU A 22 ASN A 34 1 ? 13 
HELX_P HELX_P2 2 ARG A 50 ? GLY A 58 ? ARG A 60 GLY A 68 1 ? 9  
HELX_P HELX_P3 3 ASN A 62 ? ASN A 69 ? ASN A 72 ASN A 79 1 ? 8  
HELX_P HELX_P4 4 VAL B 12 ? ASN B 24 ? VAL B 22 ASN B 34 1 ? 13 
HELX_P HELX_P5 5 ARG B 50 ? GLY B 58 ? ARG B 60 GLY B 68 1 ? 9  
HELX_P HELX_P6 6 ASN B 62 ? ASN B 69 ? ASN B 72 ASN B 79 1 ? 8  
# 
_struct_conf_type.id          HELX_P 
_struct_conf_type.criteria    ? 
_struct_conf_type.reference   ? 
# 
loop_
_struct_sheet.id 
_struct_sheet.type 
_struct_sheet.number_strands 
_struct_sheet.details 
AA ? 4 ? 
AB ? 3 ? 
BA ? 4 ? 
BB ? 3 ? 
# 
loop_
_struct_sheet_order.sheet_id 
_struct_sheet_order.range_id_1 
_struct_sheet_order.range_id_2 
_struct_sheet_order.offset 
_struct_sheet_order.sense 
AA 1 2 ? anti-parallel 
AA 2 3 ? anti-parallel 
AA 3 4 ? anti-parallel 
AB 1 2 ? anti-parallel 
AB 2 3 ? anti-parallel 
BA 1 2 ? anti-parallel 
BA 2 3 ? anti-parallel 
BA 3 4 ? anti-parallel 
BB 1 2 ? anti-parallel 
BB 2 3 ? anti-parallel 
# 
loop_
_struct_sheet_range.sheet_id 
_struct_sheet_range.id 
_struct_sheet_range.beg_label_comp_id 
_struct_sheet_range.beg_label_asym_id 
_struct_sheet_range.beg_label_seq_id 
_struct_sheet_range.pdbx_beg_PDB_ins_code 
_struct_sheet_range.end_label_comp_id 
_struct_sheet_range.end_label_asym_id 
_struct_sheet_range.end_label_seq_id 
_struct_sheet_range.pdbx_end_PDB_ins_code 
_struct_sheet_range.beg_auth_comp_id 
_struct_sheet_range.beg_auth_asym_id 
_struct_sheet_range.beg_auth_seq_id 
_struct_sheet_range.end_auth_comp_id 
_struct_sheet_range.end_auth_asym_id 
_struct_sheet_range.end_auth_seq_id 
AA 1 THR A 30 ? ASP A 33 ? THR A 40 ASP A 43 
AA 2 TYR A 37 ? GLU A 43 ? TYR A 47 GLU A 53 
AA 3 ASN A 2  ? ARG A 8  ? ASN A 12 ARG A 18 
AA 4 LEU A 70 ? ALA A 74 ? LEU A 80 ALA A 84 
AB 1 LEU A 46 ? THR A 49 ? LEU A 56 THR A 59 
AB 2 GLN A 83 ? TYR A 87 ? GLN A 93 TYR A 97 
AB 3 GLN A 76 ? ALA A 79 ? GLN A 86 ALA A 89 
BA 1 THR B 30 ? GLU B 32 ? THR B 40 GLU B 42 
BA 2 TYR B 37 ? GLU B 43 ? TYR B 47 GLU B 53 
BA 3 ASN B 2  ? ARG B 8  ? ASN B 12 ARG B 18 
BA 4 LEU B 70 ? ALA B 74 ? LEU B 80 ALA B 84 
BB 1 LEU B 46 ? THR B 49 ? LEU B 56 THR B 59 
BB 2 GLN B 83 ? TYR B 87 ? GLN B 93 TYR B 97 
BB 3 GLN B 76 ? ALA B 79 ? GLN B 86 ALA B 89 
# 
loop_
_pdbx_struct_sheet_hbond.sheet_id 
_pdbx_struct_sheet_hbond.range_id_1 
_pdbx_struct_sheet_hbond.range_id_2 
_pdbx_struct_sheet_hbond.range_1_label_atom_id 
_pdbx_struct_sheet_hbond.range_1_label_comp_id 
_pdbx_struct_sheet_hbond.range_1_label_asym_id 
_pdbx_struct_sheet_hbond.range_1_label_seq_id 
_pdbx_struct_sheet_hbond.range_1_PDB_ins_code 
_pdbx_struct_sheet_hbond.range_1_auth_atom_id 
_pdbx_struct_sheet_hbond.range_1_auth_comp_id 
_pdbx_struct_sheet_hbond.range_1_auth_asym_id 
_pdbx_struct_sheet_hbond.range_1_auth_seq_id 
_pdbx_struct_sheet_hbond.range_2_label_atom_id 
_pdbx_struct_sheet_hbond.range_2_label_comp_id 
_pdbx_struct_sheet_hbond.range_2_label_asym_id 
_pdbx_struct_sheet_hbond.range_2_label_seq_id 
_pdbx_struct_sheet_hbond.range_2_PDB_ins_code 
_pdbx_struct_sheet_hbond.range_2_auth_atom_id 
_pdbx_struct_sheet_hbond.range_2_auth_comp_id 
_pdbx_struct_sheet_hbond.range_2_auth_asym_id 
_pdbx_struct_sheet_hbond.range_2_auth_seq_id 
AA 1 2 N GLU A 32 ? N GLU A 42 O ARG A 39 ? O ARG A 49 
AA 2 3 N ALA A 42 ? N ALA A 52 O VAL A 3  ? O VAL A 13 
AA 3 4 O ILE A 6  ? O ILE A 16 N ALA A 71 ? N ALA A 81 
AB 1 2 N LEU A 48 ? N LEU A 58 O ILE A 84 ? O ILE A 94 
AB 2 3 N TYR A 87 ? N TYR A 97 O GLN A 76 ? O GLN A 86 
BA 1 2 N GLU B 32 ? N GLU B 42 O ARG B 39 ? O ARG B 49 
BA 2 3 N ALA B 42 ? N ALA B 52 O VAL B 3  ? O VAL B 13 
BA 3 4 O ILE B 6  ? O ILE B 16 N ALA B 71 ? N ALA B 81 
BB 1 2 N LEU B 48 ? N LEU B 58 O ILE B 84 ? O ILE B 94 
BB 2 3 N TYR B 87 ? N TYR B 97 O GLN B 76 ? O GLN B 86 
# 
_struct_site.id                   AC1 
_struct_site.pdbx_evidence_code   Software 
_struct_site.pdbx_auth_asym_id    ? 
_struct_site.pdbx_auth_comp_id    ? 
_struct_site.pdbx_auth_seq_id     ? 
_struct_site.pdbx_auth_ins_code   ? 
_struct_site.pdbx_num_residues    9 
_struct_site.details              'BINDING SITE FOR RESIDUE HTO B1099' 
# 
loop_
_struct_site_gen.id 
_struct_site_gen.site_id 
_struct_site_gen.pdbx_num_res 
_struct_site_gen.label_comp_id 
_struct_site_gen.label_asym_id 
_struct_site_gen.label_seq_id 
_struct_site_gen.pdbx_auth_ins_code 
_struct_site_gen.auth_comp_id 
_struct_site_gen.auth_asym_id 
_struct_site_gen.auth_seq_id 
_struct_site_gen.label_atom_id 
_struct_site_gen.label_alt_id 
_struct_site_gen.symmetry 
_struct_site_gen.details 
1 AC1 9 GLU A 67 ? GLU A 77   . ? 1_555 ? 
2 AC1 9 LEU A 70 ? LEU A 80   . ? 1_555 ? 
3 AC1 9 GLU B 67 ? GLU B 77   . ? 1_555 ? 
4 AC1 9 LEU B 70 ? LEU B 80   . ? 1_555 ? 
5 AC1 9 SER B 72 ? SER B 82   . ? 1_555 ? 
6 AC1 9 PHE B 73 ? PHE B 83   . ? 1_555 ? 
7 AC1 9 HOH E .  ? HOH B 2069 . ? 1_555 ? 
8 AC1 9 HOH E .  ? HOH B 2070 . ? 1_555 ? 
9 AC1 9 HOH E .  ? HOH B 2071 . ? 1_555 ? 
# 
loop_
_pdbx_validate_close_contact.id 
_pdbx_validate_close_contact.PDB_model_num 
_pdbx_validate_close_contact.auth_atom_id_1 
_pdbx_validate_close_contact.auth_asym_id_1 
_pdbx_validate_close_contact.auth_comp_id_1 
_pdbx_validate_close_contact.auth_seq_id_1 
_pdbx_validate_close_contact.PDB_ins_code_1 
_pdbx_validate_close_contact.label_alt_id_1 
_pdbx_validate_close_contact.auth_atom_id_2 
_pdbx_validate_close_contact.auth_asym_id_2 
_pdbx_validate_close_contact.auth_comp_id_2 
_pdbx_validate_close_contact.auth_seq_id_2 
_pdbx_validate_close_contact.PDB_ins_code_2 
_pdbx_validate_close_contact.label_alt_id_2 
_pdbx_validate_close_contact.dist 
1 1 O3  B HTO 1099 ? ? O B HOH 2069 ? ? 1.89 
2 1 O   A HOH 2005 ? ? O A HOH 2017 ? ? 1.97 
3 1 OE1 B GLN 74   ? ? O B HOH 2050 ? ? 2.18 
# 
_pdbx_validate_symm_contact.id                1 
_pdbx_validate_symm_contact.PDB_model_num     1 
_pdbx_validate_symm_contact.auth_atom_id_1    O 
_pdbx_validate_symm_contact.auth_asym_id_1    A 
_pdbx_validate_symm_contact.auth_comp_id_1    HOH 
_pdbx_validate_symm_contact.auth_seq_id_1     2061 
_pdbx_validate_symm_contact.PDB_ins_code_1    ? 
_pdbx_validate_symm_contact.label_alt_id_1    ? 
_pdbx_validate_symm_contact.site_symmetry_1   1_555 
_pdbx_validate_symm_contact.auth_atom_id_2    O 
_pdbx_validate_symm_contact.auth_asym_id_2    A 
_pdbx_validate_symm_contact.auth_comp_id_2    HOH 
_pdbx_validate_symm_contact.auth_seq_id_2     2061 
_pdbx_validate_symm_contact.PDB_ins_code_2    ? 
_pdbx_validate_symm_contact.label_alt_id_2    ? 
_pdbx_validate_symm_contact.site_symmetry_2   11_444 
_pdbx_validate_symm_contact.dist              1.57 
# 
loop_
_pdbx_validate_rmsd_angle.id 
_pdbx_validate_rmsd_angle.PDB_model_num 
_pdbx_validate_rmsd_angle.auth_atom_id_1 
_pdbx_validate_rmsd_angle.auth_asym_id_1 
_pdbx_validate_rmsd_angle.auth_comp_id_1 
_pdbx_validate_rmsd_angle.auth_seq_id_1 
_pdbx_validate_rmsd_angle.PDB_ins_code_1 
_pdbx_validate_rmsd_angle.label_alt_id_1 
_pdbx_validate_rmsd_angle.auth_atom_id_2 
_pdbx_validate_rmsd_angle.auth_asym_id_2 
_pdbx_validate_rmsd_angle.auth_comp_id_2 
_pdbx_validate_rmsd_angle.auth_seq_id_2 
_pdbx_validate_rmsd_angle.PDB_ins_code_2 
_pdbx_validate_rmsd_angle.label_alt_id_2 
_pdbx_validate_rmsd_angle.auth_atom_id_3 
_pdbx_validate_rmsd_angle.auth_asym_id_3 
_pdbx_validate_rmsd_angle.auth_comp_id_3 
_pdbx_validate_rmsd_angle.auth_seq_id_3 
_pdbx_validate_rmsd_angle.PDB_ins_code_3 
_pdbx_validate_rmsd_angle.label_alt_id_3 
_pdbx_validate_rmsd_angle.angle_value 
_pdbx_validate_rmsd_angle.angle_target_value 
_pdbx_validate_rmsd_angle.angle_deviation 
_pdbx_validate_rmsd_angle.angle_standard_deviation 
_pdbx_validate_rmsd_angle.linker_flag 
1 1 CB A ASP 33 ? ? CG A ASP 33 ? ? OD2 A ASP 33 ? ? 123.74 118.30 5.44 0.90 N 
2 1 CB B ASP 33 ? ? CG B ASP 33 ? ? OD2 B ASP 33 ? ? 124.78 118.30 6.48 0.90 N 
3 1 CB B ASP 43 ? ? CG B ASP 43 ? ? OD2 B ASP 43 ? ? 126.10 118.30 7.80 0.90 N 
4 1 CB B ASP 92 ? ? CG B ASP 92 ? ? OD2 B ASP 92 ? ? 124.11 118.30 5.81 0.90 N 
# 
loop_
_pdbx_validate_torsion.id 
_pdbx_validate_torsion.PDB_model_num 
_pdbx_validate_torsion.auth_comp_id 
_pdbx_validate_torsion.auth_asym_id 
_pdbx_validate_torsion.auth_seq_id 
_pdbx_validate_torsion.PDB_ins_code 
_pdbx_validate_torsion.label_alt_id 
_pdbx_validate_torsion.phi 
_pdbx_validate_torsion.psi 
1 1 ARG A 45 ? ? 77.42  -62.71  
2 1 ASP B 20 ? ? 176.07 -176.27 
3 1 ARG B 45 ? ? 76.82  98.17   
4 1 ALA B 46 ? ? 93.73  -24.28  
5 1 PRO B 70 ? ? -35.95 129.48  
# 
loop_
_pdbx_struct_special_symmetry.id 
_pdbx_struct_special_symmetry.PDB_model_num 
_pdbx_struct_special_symmetry.auth_asym_id 
_pdbx_struct_special_symmetry.auth_comp_id 
_pdbx_struct_special_symmetry.auth_seq_id 
_pdbx_struct_special_symmetry.PDB_ins_code 
_pdbx_struct_special_symmetry.label_asym_id 
_pdbx_struct_special_symmetry.label_comp_id 
_pdbx_struct_special_symmetry.label_seq_id 
1 1 A HOH 2016 ? D HOH . 
2 1 B HOH 2003 ? E HOH . 
3 1 B HOH 2004 ? E HOH . 
# 
_pdbx_entry_details.entry_id                 2BF3 
_pdbx_entry_details.compound_details         ? 
_pdbx_entry_details.source_details           ? 
_pdbx_entry_details.nonpolymer_details       ? 
_pdbx_entry_details.sequence_details         
;THE DELTA-N10 T4MOD VARIANT WAS CREATED WITH A VECTOR THAT
INITIATES PROTEIN TRANSLATION AT RESIDUE 11 IN THE OPEN
READING FRAME. DETAILS WILL APPEAR IN LOUNTOS ET AL,
BIOCHEMISTRY, SUBMITTED.
;
_pdbx_entry_details.has_ligand_of_interest   ? 
# 
loop_
_pdbx_distant_solvent_atoms.id 
_pdbx_distant_solvent_atoms.PDB_model_num 
_pdbx_distant_solvent_atoms.auth_atom_id 
_pdbx_distant_solvent_atoms.label_alt_id 
_pdbx_distant_solvent_atoms.auth_asym_id 
_pdbx_distant_solvent_atoms.auth_comp_id 
_pdbx_distant_solvent_atoms.auth_seq_id 
_pdbx_distant_solvent_atoms.PDB_ins_code 
_pdbx_distant_solvent_atoms.neighbor_macromolecule_distance 
_pdbx_distant_solvent_atoms.neighbor_ligand_distance 
1 1 O ? B HOH 2003 ? 5.96 . 
2 1 O ? B HOH 2004 ? 5.85 . 
# 
loop_
_pdbx_unobs_or_zero_occ_residues.id 
_pdbx_unobs_or_zero_occ_residues.PDB_model_num 
_pdbx_unobs_or_zero_occ_residues.polymer_flag 
_pdbx_unobs_or_zero_occ_residues.occupancy_flag 
_pdbx_unobs_or_zero_occ_residues.auth_asym_id 
_pdbx_unobs_or_zero_occ_residues.auth_comp_id 
_pdbx_unobs_or_zero_occ_residues.auth_seq_id 
_pdbx_unobs_or_zero_occ_residues.PDB_ins_code 
_pdbx_unobs_or_zero_occ_residues.label_asym_id 
_pdbx_unobs_or_zero_occ_residues.label_comp_id 
_pdbx_unobs_or_zero_occ_residues.label_seq_id 
1 1 Y 1 A ASP 99  ? A ASP 89 
2 1 Y 1 A LYS 100 ? A LYS 90 
3 1 Y 1 A THR 101 ? A THR 91 
4 1 Y 1 A MET 102 ? A MET 92 
5 1 Y 1 B ASP 99  ? B ASP 89 
6 1 Y 1 B LYS 100 ? B LYS 90 
7 1 Y 1 B THR 101 ? B THR 91 
8 1 Y 1 B MET 102 ? B MET 92 
# 
loop_
_chem_comp_atom.comp_id 
_chem_comp_atom.atom_id 
_chem_comp_atom.type_symbol 
_chem_comp_atom.pdbx_aromatic_flag 
_chem_comp_atom.pdbx_stereo_config 
_chem_comp_atom.pdbx_ordinal 
ALA N    N N N 1   
ALA CA   C N S 2   
ALA C    C N N 3   
ALA O    O N N 4   
ALA CB   C N N 5   
ALA OXT  O N N 6   
ALA H    H N N 7   
ALA H2   H N N 8   
ALA HA   H N N 9   
ALA HB1  H N N 10  
ALA HB2  H N N 11  
ALA HB3  H N N 12  
ALA HXT  H N N 13  
ARG N    N N N 14  
ARG CA   C N S 15  
ARG C    C N N 16  
ARG O    O N N 17  
ARG CB   C N N 18  
ARG CG   C N N 19  
ARG CD   C N N 20  
ARG NE   N N N 21  
ARG CZ   C N N 22  
ARG NH1  N N N 23  
ARG NH2  N N N 24  
ARG OXT  O N N 25  
ARG H    H N N 26  
ARG H2   H N N 27  
ARG HA   H N N 28  
ARG HB2  H N N 29  
ARG HB3  H N N 30  
ARG HG2  H N N 31  
ARG HG3  H N N 32  
ARG HD2  H N N 33  
ARG HD3  H N N 34  
ARG HE   H N N 35  
ARG HH11 H N N 36  
ARG HH12 H N N 37  
ARG HH21 H N N 38  
ARG HH22 H N N 39  
ARG HXT  H N N 40  
ASN N    N N N 41  
ASN CA   C N S 42  
ASN C    C N N 43  
ASN O    O N N 44  
ASN CB   C N N 45  
ASN CG   C N N 46  
ASN OD1  O N N 47  
ASN ND2  N N N 48  
ASN OXT  O N N 49  
ASN H    H N N 50  
ASN H2   H N N 51  
ASN HA   H N N 52  
ASN HB2  H N N 53  
ASN HB3  H N N 54  
ASN HD21 H N N 55  
ASN HD22 H N N 56  
ASN HXT  H N N 57  
ASP N    N N N 58  
ASP CA   C N S 59  
ASP C    C N N 60  
ASP O    O N N 61  
ASP CB   C N N 62  
ASP CG   C N N 63  
ASP OD1  O N N 64  
ASP OD2  O N N 65  
ASP OXT  O N N 66  
ASP H    H N N 67  
ASP H2   H N N 68  
ASP HA   H N N 69  
ASP HB2  H N N 70  
ASP HB3  H N N 71  
ASP HD2  H N N 72  
ASP HXT  H N N 73  
GLN N    N N N 74  
GLN CA   C N S 75  
GLN C    C N N 76  
GLN O    O N N 77  
GLN CB   C N N 78  
GLN CG   C N N 79  
GLN CD   C N N 80  
GLN OE1  O N N 81  
GLN NE2  N N N 82  
GLN OXT  O N N 83  
GLN H    H N N 84  
GLN H2   H N N 85  
GLN HA   H N N 86  
GLN HB2  H N N 87  
GLN HB3  H N N 88  
GLN HG2  H N N 89  
GLN HG3  H N N 90  
GLN HE21 H N N 91  
GLN HE22 H N N 92  
GLN HXT  H N N 93  
GLU N    N N N 94  
GLU CA   C N S 95  
GLU C    C N N 96  
GLU O    O N N 97  
GLU CB   C N N 98  
GLU CG   C N N 99  
GLU CD   C N N 100 
GLU OE1  O N N 101 
GLU OE2  O N N 102 
GLU OXT  O N N 103 
GLU H    H N N 104 
GLU H2   H N N 105 
GLU HA   H N N 106 
GLU HB2  H N N 107 
GLU HB3  H N N 108 
GLU HG2  H N N 109 
GLU HG3  H N N 110 
GLU HE2  H N N 111 
GLU HXT  H N N 112 
GLY N    N N N 113 
GLY CA   C N N 114 
GLY C    C N N 115 
GLY O    O N N 116 
GLY OXT  O N N 117 
GLY H    H N N 118 
GLY H2   H N N 119 
GLY HA2  H N N 120 
GLY HA3  H N N 121 
GLY HXT  H N N 122 
HOH O    O N N 123 
HOH H1   H N N 124 
HOH H2   H N N 125 
HTO C1   C N N 126 
HTO O1   O N N 127 
HTO C2   C N R 128 
HTO O2   O N N 129 
HTO C3   C N R 130 
HTO O3   O N N 131 
HTO C4   C N N 132 
HTO C5   C N N 133 
HTO C6   C N N 134 
HTO C7   C N N 135 
HTO H11  H N N 136 
HTO H12  H N N 137 
HTO HO1  H N N 138 
HTO H2   H N N 139 
HTO HO2  H N N 140 
HTO H3   H N N 141 
HTO HO3  H N N 142 
HTO H41  H N N 143 
HTO H42  H N N 144 
HTO H51  H N N 145 
HTO H52  H N N 146 
HTO H61  H N N 147 
HTO H62  H N N 148 
HTO H71  H N N 149 
HTO H72  H N N 150 
HTO H73  H N N 151 
ILE N    N N N 152 
ILE CA   C N S 153 
ILE C    C N N 154 
ILE O    O N N 155 
ILE CB   C N S 156 
ILE CG1  C N N 157 
ILE CG2  C N N 158 
ILE CD1  C N N 159 
ILE OXT  O N N 160 
ILE H    H N N 161 
ILE H2   H N N 162 
ILE HA   H N N 163 
ILE HB   H N N 164 
ILE HG12 H N N 165 
ILE HG13 H N N 166 
ILE HG21 H N N 167 
ILE HG22 H N N 168 
ILE HG23 H N N 169 
ILE HD11 H N N 170 
ILE HD12 H N N 171 
ILE HD13 H N N 172 
ILE HXT  H N N 173 
LEU N    N N N 174 
LEU CA   C N S 175 
LEU C    C N N 176 
LEU O    O N N 177 
LEU CB   C N N 178 
LEU CG   C N N 179 
LEU CD1  C N N 180 
LEU CD2  C N N 181 
LEU OXT  O N N 182 
LEU H    H N N 183 
LEU H2   H N N 184 
LEU HA   H N N 185 
LEU HB2  H N N 186 
LEU HB3  H N N 187 
LEU HG   H N N 188 
LEU HD11 H N N 189 
LEU HD12 H N N 190 
LEU HD13 H N N 191 
LEU HD21 H N N 192 
LEU HD22 H N N 193 
LEU HD23 H N N 194 
LEU HXT  H N N 195 
LYS N    N N N 196 
LYS CA   C N S 197 
LYS C    C N N 198 
LYS O    O N N 199 
LYS CB   C N N 200 
LYS CG   C N N 201 
LYS CD   C N N 202 
LYS CE   C N N 203 
LYS NZ   N N N 204 
LYS OXT  O N N 205 
LYS H    H N N 206 
LYS H2   H N N 207 
LYS HA   H N N 208 
LYS HB2  H N N 209 
LYS HB3  H N N 210 
LYS HG2  H N N 211 
LYS HG3  H N N 212 
LYS HD2  H N N 213 
LYS HD3  H N N 214 
LYS HE2  H N N 215 
LYS HE3  H N N 216 
LYS HZ1  H N N 217 
LYS HZ2  H N N 218 
LYS HZ3  H N N 219 
LYS HXT  H N N 220 
MET N    N N N 221 
MET CA   C N S 222 
MET C    C N N 223 
MET O    O N N 224 
MET CB   C N N 225 
MET CG   C N N 226 
MET SD   S N N 227 
MET CE   C N N 228 
MET OXT  O N N 229 
MET H    H N N 230 
MET H2   H N N 231 
MET HA   H N N 232 
MET HB2  H N N 233 
MET HB3  H N N 234 
MET HG2  H N N 235 
MET HG3  H N N 236 
MET HE1  H N N 237 
MET HE2  H N N 238 
MET HE3  H N N 239 
MET HXT  H N N 240 
PHE N    N N N 241 
PHE CA   C N S 242 
PHE C    C N N 243 
PHE O    O N N 244 
PHE CB   C N N 245 
PHE CG   C Y N 246 
PHE CD1  C Y N 247 
PHE CD2  C Y N 248 
PHE CE1  C Y N 249 
PHE CE2  C Y N 250 
PHE CZ   C Y N 251 
PHE OXT  O N N 252 
PHE H    H N N 253 
PHE H2   H N N 254 
PHE HA   H N N 255 
PHE HB2  H N N 256 
PHE HB3  H N N 257 
PHE HD1  H N N 258 
PHE HD2  H N N 259 
PHE HE1  H N N 260 
PHE HE2  H N N 261 
PHE HZ   H N N 262 
PHE HXT  H N N 263 
PRO N    N N N 264 
PRO CA   C N S 265 
PRO C    C N N 266 
PRO O    O N N 267 
PRO CB   C N N 268 
PRO CG   C N N 269 
PRO CD   C N N 270 
PRO OXT  O N N 271 
PRO H    H N N 272 
PRO HA   H N N 273 
PRO HB2  H N N 274 
PRO HB3  H N N 275 
PRO HG2  H N N 276 
PRO HG3  H N N 277 
PRO HD2  H N N 278 
PRO HD3  H N N 279 
PRO HXT  H N N 280 
SER N    N N N 281 
SER CA   C N S 282 
SER C    C N N 283 
SER O    O N N 284 
SER CB   C N N 285 
SER OG   O N N 286 
SER OXT  O N N 287 
SER H    H N N 288 
SER H2   H N N 289 
SER HA   H N N 290 
SER HB2  H N N 291 
SER HB3  H N N 292 
SER HG   H N N 293 
SER HXT  H N N 294 
THR N    N N N 295 
THR CA   C N S 296 
THR C    C N N 297 
THR O    O N N 298 
THR CB   C N R 299 
THR OG1  O N N 300 
THR CG2  C N N 301 
THR OXT  O N N 302 
THR H    H N N 303 
THR H2   H N N 304 
THR HA   H N N 305 
THR HB   H N N 306 
THR HG1  H N N 307 
THR HG21 H N N 308 
THR HG22 H N N 309 
THR HG23 H N N 310 
THR HXT  H N N 311 
TYR N    N N N 312 
TYR CA   C N S 313 
TYR C    C N N 314 
TYR O    O N N 315 
TYR CB   C N N 316 
TYR CG   C Y N 317 
TYR CD1  C Y N 318 
TYR CD2  C Y N 319 
TYR CE1  C Y N 320 
TYR CE2  C Y N 321 
TYR CZ   C Y N 322 
TYR OH   O N N 323 
TYR OXT  O N N 324 
TYR H    H N N 325 
TYR H2   H N N 326 
TYR HA   H N N 327 
TYR HB2  H N N 328 
TYR HB3  H N N 329 
TYR HD1  H N N 330 
TYR HD2  H N N 331 
TYR HE1  H N N 332 
TYR HE2  H N N 333 
TYR HH   H N N 334 
TYR HXT  H N N 335 
VAL N    N N N 336 
VAL CA   C N S 337 
VAL C    C N N 338 
VAL O    O N N 339 
VAL CB   C N N 340 
VAL CG1  C N N 341 
VAL CG2  C N N 342 
VAL OXT  O N N 343 
VAL H    H N N 344 
VAL H2   H N N 345 
VAL HA   H N N 346 
VAL HB   H N N 347 
VAL HG11 H N N 348 
VAL HG12 H N N 349 
VAL HG13 H N N 350 
VAL HG21 H N N 351 
VAL HG22 H N N 352 
VAL HG23 H N N 353 
VAL HXT  H N N 354 
# 
loop_
_chem_comp_bond.comp_id 
_chem_comp_bond.atom_id_1 
_chem_comp_bond.atom_id_2 
_chem_comp_bond.value_order 
_chem_comp_bond.pdbx_aromatic_flag 
_chem_comp_bond.pdbx_stereo_config 
_chem_comp_bond.pdbx_ordinal 
ALA N   CA   sing N N 1   
ALA N   H    sing N N 2   
ALA N   H2   sing N N 3   
ALA CA  C    sing N N 4   
ALA CA  CB   sing N N 5   
ALA CA  HA   sing N N 6   
ALA C   O    doub N N 7   
ALA C   OXT  sing N N 8   
ALA CB  HB1  sing N N 9   
ALA CB  HB2  sing N N 10  
ALA CB  HB3  sing N N 11  
ALA OXT HXT  sing N N 12  
ARG N   CA   sing N N 13  
ARG N   H    sing N N 14  
ARG N   H2   sing N N 15  
ARG CA  C    sing N N 16  
ARG CA  CB   sing N N 17  
ARG CA  HA   sing N N 18  
ARG C   O    doub N N 19  
ARG C   OXT  sing N N 20  
ARG CB  CG   sing N N 21  
ARG CB  HB2  sing N N 22  
ARG CB  HB3  sing N N 23  
ARG CG  CD   sing N N 24  
ARG CG  HG2  sing N N 25  
ARG CG  HG3  sing N N 26  
ARG CD  NE   sing N N 27  
ARG CD  HD2  sing N N 28  
ARG CD  HD3  sing N N 29  
ARG NE  CZ   sing N N 30  
ARG NE  HE   sing N N 31  
ARG CZ  NH1  sing N N 32  
ARG CZ  NH2  doub N N 33  
ARG NH1 HH11 sing N N 34  
ARG NH1 HH12 sing N N 35  
ARG NH2 HH21 sing N N 36  
ARG NH2 HH22 sing N N 37  
ARG OXT HXT  sing N N 38  
ASN N   CA   sing N N 39  
ASN N   H    sing N N 40  
ASN N   H2   sing N N 41  
ASN CA  C    sing N N 42  
ASN CA  CB   sing N N 43  
ASN CA  HA   sing N N 44  
ASN C   O    doub N N 45  
ASN C   OXT  sing N N 46  
ASN CB  CG   sing N N 47  
ASN CB  HB2  sing N N 48  
ASN CB  HB3  sing N N 49  
ASN CG  OD1  doub N N 50  
ASN CG  ND2  sing N N 51  
ASN ND2 HD21 sing N N 52  
ASN ND2 HD22 sing N N 53  
ASN OXT HXT  sing N N 54  
ASP N   CA   sing N N 55  
ASP N   H    sing N N 56  
ASP N   H2   sing N N 57  
ASP CA  C    sing N N 58  
ASP CA  CB   sing N N 59  
ASP CA  HA   sing N N 60  
ASP C   O    doub N N 61  
ASP C   OXT  sing N N 62  
ASP CB  CG   sing N N 63  
ASP CB  HB2  sing N N 64  
ASP CB  HB3  sing N N 65  
ASP CG  OD1  doub N N 66  
ASP CG  OD2  sing N N 67  
ASP OD2 HD2  sing N N 68  
ASP OXT HXT  sing N N 69  
GLN N   CA   sing N N 70  
GLN N   H    sing N N 71  
GLN N   H2   sing N N 72  
GLN CA  C    sing N N 73  
GLN CA  CB   sing N N 74  
GLN CA  HA   sing N N 75  
GLN C   O    doub N N 76  
GLN C   OXT  sing N N 77  
GLN CB  CG   sing N N 78  
GLN CB  HB2  sing N N 79  
GLN CB  HB3  sing N N 80  
GLN CG  CD   sing N N 81  
GLN CG  HG2  sing N N 82  
GLN CG  HG3  sing N N 83  
GLN CD  OE1  doub N N 84  
GLN CD  NE2  sing N N 85  
GLN NE2 HE21 sing N N 86  
GLN NE2 HE22 sing N N 87  
GLN OXT HXT  sing N N 88  
GLU N   CA   sing N N 89  
GLU N   H    sing N N 90  
GLU N   H2   sing N N 91  
GLU CA  C    sing N N 92  
GLU CA  CB   sing N N 93  
GLU CA  HA   sing N N 94  
GLU C   O    doub N N 95  
GLU C   OXT  sing N N 96  
GLU CB  CG   sing N N 97  
GLU CB  HB2  sing N N 98  
GLU CB  HB3  sing N N 99  
GLU CG  CD   sing N N 100 
GLU CG  HG2  sing N N 101 
GLU CG  HG3  sing N N 102 
GLU CD  OE1  doub N N 103 
GLU CD  OE2  sing N N 104 
GLU OE2 HE2  sing N N 105 
GLU OXT HXT  sing N N 106 
GLY N   CA   sing N N 107 
GLY N   H    sing N N 108 
GLY N   H2   sing N N 109 
GLY CA  C    sing N N 110 
GLY CA  HA2  sing N N 111 
GLY CA  HA3  sing N N 112 
GLY C   O    doub N N 113 
GLY C   OXT  sing N N 114 
GLY OXT HXT  sing N N 115 
HOH O   H1   sing N N 116 
HOH O   H2   sing N N 117 
HTO C1  O1   sing N N 118 
HTO C1  C2   sing N N 119 
HTO C1  H11  sing N N 120 
HTO C1  H12  sing N N 121 
HTO O1  HO1  sing N N 122 
HTO C2  O2   sing N N 123 
HTO C2  C3   sing N N 124 
HTO C2  H2   sing N N 125 
HTO O2  HO2  sing N N 126 
HTO C3  O3   sing N N 127 
HTO C3  C4   sing N N 128 
HTO C3  H3   sing N N 129 
HTO O3  HO3  sing N N 130 
HTO C4  C5   sing N N 131 
HTO C4  H41  sing N N 132 
HTO C4  H42  sing N N 133 
HTO C5  C6   sing N N 134 
HTO C5  H51  sing N N 135 
HTO C5  H52  sing N N 136 
HTO C6  C7   sing N N 137 
HTO C6  H61  sing N N 138 
HTO C6  H62  sing N N 139 
HTO C7  H71  sing N N 140 
HTO C7  H72  sing N N 141 
HTO C7  H73  sing N N 142 
ILE N   CA   sing N N 143 
ILE N   H    sing N N 144 
ILE N   H2   sing N N 145 
ILE CA  C    sing N N 146 
ILE CA  CB   sing N N 147 
ILE CA  HA   sing N N 148 
ILE C   O    doub N N 149 
ILE C   OXT  sing N N 150 
ILE CB  CG1  sing N N 151 
ILE CB  CG2  sing N N 152 
ILE CB  HB   sing N N 153 
ILE CG1 CD1  sing N N 154 
ILE CG1 HG12 sing N N 155 
ILE CG1 HG13 sing N N 156 
ILE CG2 HG21 sing N N 157 
ILE CG2 HG22 sing N N 158 
ILE CG2 HG23 sing N N 159 
ILE CD1 HD11 sing N N 160 
ILE CD1 HD12 sing N N 161 
ILE CD1 HD13 sing N N 162 
ILE OXT HXT  sing N N 163 
LEU N   CA   sing N N 164 
LEU N   H    sing N N 165 
LEU N   H2   sing N N 166 
LEU CA  C    sing N N 167 
LEU CA  CB   sing N N 168 
LEU CA  HA   sing N N 169 
LEU C   O    doub N N 170 
LEU C   OXT  sing N N 171 
LEU CB  CG   sing N N 172 
LEU CB  HB2  sing N N 173 
LEU CB  HB3  sing N N 174 
LEU CG  CD1  sing N N 175 
LEU CG  CD2  sing N N 176 
LEU CG  HG   sing N N 177 
LEU CD1 HD11 sing N N 178 
LEU CD1 HD12 sing N N 179 
LEU CD1 HD13 sing N N 180 
LEU CD2 HD21 sing N N 181 
LEU CD2 HD22 sing N N 182 
LEU CD2 HD23 sing N N 183 
LEU OXT HXT  sing N N 184 
LYS N   CA   sing N N 185 
LYS N   H    sing N N 186 
LYS N   H2   sing N N 187 
LYS CA  C    sing N N 188 
LYS CA  CB   sing N N 189 
LYS CA  HA   sing N N 190 
LYS C   O    doub N N 191 
LYS C   OXT  sing N N 192 
LYS CB  CG   sing N N 193 
LYS CB  HB2  sing N N 194 
LYS CB  HB3  sing N N 195 
LYS CG  CD   sing N N 196 
LYS CG  HG2  sing N N 197 
LYS CG  HG3  sing N N 198 
LYS CD  CE   sing N N 199 
LYS CD  HD2  sing N N 200 
LYS CD  HD3  sing N N 201 
LYS CE  NZ   sing N N 202 
LYS CE  HE2  sing N N 203 
LYS CE  HE3  sing N N 204 
LYS NZ  HZ1  sing N N 205 
LYS NZ  HZ2  sing N N 206 
LYS NZ  HZ3  sing N N 207 
LYS OXT HXT  sing N N 208 
MET N   CA   sing N N 209 
MET N   H    sing N N 210 
MET N   H2   sing N N 211 
MET CA  C    sing N N 212 
MET CA  CB   sing N N 213 
MET CA  HA   sing N N 214 
MET C   O    doub N N 215 
MET C   OXT  sing N N 216 
MET CB  CG   sing N N 217 
MET CB  HB2  sing N N 218 
MET CB  HB3  sing N N 219 
MET CG  SD   sing N N 220 
MET CG  HG2  sing N N 221 
MET CG  HG3  sing N N 222 
MET SD  CE   sing N N 223 
MET CE  HE1  sing N N 224 
MET CE  HE2  sing N N 225 
MET CE  HE3  sing N N 226 
MET OXT HXT  sing N N 227 
PHE N   CA   sing N N 228 
PHE N   H    sing N N 229 
PHE N   H2   sing N N 230 
PHE CA  C    sing N N 231 
PHE CA  CB   sing N N 232 
PHE CA  HA   sing N N 233 
PHE C   O    doub N N 234 
PHE C   OXT  sing N N 235 
PHE CB  CG   sing N N 236 
PHE CB  HB2  sing N N 237 
PHE CB  HB3  sing N N 238 
PHE CG  CD1  doub Y N 239 
PHE CG  CD2  sing Y N 240 
PHE CD1 CE1  sing Y N 241 
PHE CD1 HD1  sing N N 242 
PHE CD2 CE2  doub Y N 243 
PHE CD2 HD2  sing N N 244 
PHE CE1 CZ   doub Y N 245 
PHE CE1 HE1  sing N N 246 
PHE CE2 CZ   sing Y N 247 
PHE CE2 HE2  sing N N 248 
PHE CZ  HZ   sing N N 249 
PHE OXT HXT  sing N N 250 
PRO N   CA   sing N N 251 
PRO N   CD   sing N N 252 
PRO N   H    sing N N 253 
PRO CA  C    sing N N 254 
PRO CA  CB   sing N N 255 
PRO CA  HA   sing N N 256 
PRO C   O    doub N N 257 
PRO C   OXT  sing N N 258 
PRO CB  CG   sing N N 259 
PRO CB  HB2  sing N N 260 
PRO CB  HB3  sing N N 261 
PRO CG  CD   sing N N 262 
PRO CG  HG2  sing N N 263 
PRO CG  HG3  sing N N 264 
PRO CD  HD2  sing N N 265 
PRO CD  HD3  sing N N 266 
PRO OXT HXT  sing N N 267 
SER N   CA   sing N N 268 
SER N   H    sing N N 269 
SER N   H2   sing N N 270 
SER CA  C    sing N N 271 
SER CA  CB   sing N N 272 
SER CA  HA   sing N N 273 
SER C   O    doub N N 274 
SER C   OXT  sing N N 275 
SER CB  OG   sing N N 276 
SER CB  HB2  sing N N 277 
SER CB  HB3  sing N N 278 
SER OG  HG   sing N N 279 
SER OXT HXT  sing N N 280 
THR N   CA   sing N N 281 
THR N   H    sing N N 282 
THR N   H2   sing N N 283 
THR CA  C    sing N N 284 
THR CA  CB   sing N N 285 
THR CA  HA   sing N N 286 
THR C   O    doub N N 287 
THR C   OXT  sing N N 288 
THR CB  OG1  sing N N 289 
THR CB  CG2  sing N N 290 
THR CB  HB   sing N N 291 
THR OG1 HG1  sing N N 292 
THR CG2 HG21 sing N N 293 
THR CG2 HG22 sing N N 294 
THR CG2 HG23 sing N N 295 
THR OXT HXT  sing N N 296 
TYR N   CA   sing N N 297 
TYR N   H    sing N N 298 
TYR N   H2   sing N N 299 
TYR CA  C    sing N N 300 
TYR CA  CB   sing N N 301 
TYR CA  HA   sing N N 302 
TYR C   O    doub N N 303 
TYR C   OXT  sing N N 304 
TYR CB  CG   sing N N 305 
TYR CB  HB2  sing N N 306 
TYR CB  HB3  sing N N 307 
TYR CG  CD1  doub Y N 308 
TYR CG  CD2  sing Y N 309 
TYR CD1 CE1  sing Y N 310 
TYR CD1 HD1  sing N N 311 
TYR CD2 CE2  doub Y N 312 
TYR CD2 HD2  sing N N 313 
TYR CE1 CZ   doub Y N 314 
TYR CE1 HE1  sing N N 315 
TYR CE2 CZ   sing Y N 316 
TYR CE2 HE2  sing N N 317 
TYR CZ  OH   sing N N 318 
TYR OH  HH   sing N N 319 
TYR OXT HXT  sing N N 320 
VAL N   CA   sing N N 321 
VAL N   H    sing N N 322 
VAL N   H2   sing N N 323 
VAL CA  C    sing N N 324 
VAL CA  CB   sing N N 325 
VAL CA  HA   sing N N 326 
VAL C   O    doub N N 327 
VAL C   OXT  sing N N 328 
VAL CB  CG1  sing N N 329 
VAL CB  CG2  sing N N 330 
VAL CB  HB   sing N N 331 
VAL CG1 HG11 sing N N 332 
VAL CG1 HG12 sing N N 333 
VAL CG1 HG13 sing N N 334 
VAL CG2 HG21 sing N N 335 
VAL CG2 HG22 sing N N 336 
VAL CG2 HG23 sing N N 337 
VAL OXT HXT  sing N N 338 
# 
_pdbx_initial_refinement_model.accession_code   ? 
_pdbx_initial_refinement_model.id               1 
_pdbx_initial_refinement_model.entity_id_list   ? 
_pdbx_initial_refinement_model.type             'experimental model' 
_pdbx_initial_refinement_model.source_name      Other 
_pdbx_initial_refinement_model.details          'NATIVE TOLUENE-4-MONOOXYGENASE CATALYTIC EFFECTOR' 
# 
_atom_sites.entry_id                    2BF3 
_atom_sites.fract_transf_matrix[1][1]   -0.00673968 
_atom_sites.fract_transf_matrix[1][2]   -0.00504124 
_atom_sites.fract_transf_matrix[1][3]   -0.00787765 
_atom_sites.fract_transf_matrix[2][1]   0.00532561 
_atom_sites.fract_transf_matrix[2][2]   -0.01005062 
_atom_sites.fract_transf_matrix[2][3]   0.00187552 
_atom_sites.fract_transf_matrix[3][1]   -0.00768826 
_atom_sites.fract_transf_matrix[3][2]   -0.00254276 
_atom_sites.fract_transf_matrix[3][3]   0.00820487 
_atom_sites.fract_transf_vector[1]      -0.924175 
_atom_sites.fract_transf_vector[2]      -0.498992 
_atom_sites.fract_transf_vector[3]      0.233629 
# 
loop_
_atom_type.symbol 
C 
N 
O 
S 
# 
loop_
_atom_site.group_PDB 
_atom_site.id 
_atom_site.type_symbol 
_atom_site.label_atom_id 
_atom_site.label_alt_id 
_atom_site.label_comp_id 
_atom_site.label_asym_id 
_atom_site.label_entity_id 
_atom_site.label_seq_id 
_atom_site.pdbx_PDB_ins_code 
_atom_site.Cartn_x 
_atom_site.Cartn_y 
_atom_site.Cartn_z 
_atom_site.occupancy 
_atom_site.B_iso_or_equiv 
_atom_site.pdbx_formal_charge 
_atom_site.auth_seq_id 
_atom_site.auth_comp_id 
_atom_site.auth_asym_id 
_atom_site.auth_atom_id 
_atom_site.pdbx_PDB_model_num 
ATOM   1    N N   . ASN A 1 1  ? -17.155 9.035   2.287   1.00 36.82 ? 11   ASN A N   1 
ATOM   2    C CA  . ASN A 1 1  ? -17.293 9.164   0.808   1.00 36.22 ? 11   ASN A CA  1 
ATOM   3    C C   . ASN A 1 1  ? -15.972 9.696   0.263   1.00 34.44 ? 11   ASN A C   1 
ATOM   4    O O   . ASN A 1 1  ? -15.654 9.493   -0.901  1.00 34.96 ? 11   ASN A O   1 
ATOM   5    C CB  . ASN A 1 1  ? -18.473 10.074  0.398   1.00 36.16 ? 11   ASN A CB  1 
ATOM   6    C CG  . ASN A 1 1  ? -18.911 11.058  1.485   1.00 40.21 ? 11   ASN A CG  1 
ATOM   7    O OD1 . ASN A 1 1  ? -18.667 10.858  2.676   1.00 44.38 ? 11   ASN A OD1 1 
ATOM   8    N ND2 . ASN A 1 1  ? -19.596 12.138  1.064   1.00 43.65 ? 11   ASN A ND2 1 
ATOM   9    N N   . ASN A 1 2  ? -15.268 10.415  1.134   1.00 32.61 ? 12   ASN A N   1 
ATOM   10   C CA  . ASN A 1 2  ? -13.951 10.996  0.895   1.00 31.21 ? 12   ASN A CA  1 
ATOM   11   C C   . ASN A 1 2  ? -12.875 9.913   0.951   1.00 28.26 ? 12   ASN A C   1 
ATOM   12   O O   . ASN A 1 2  ? -12.775 9.204   1.950   1.00 27.50 ? 12   ASN A O   1 
ATOM   13   C CB  . ASN A 1 2  ? -13.616 12.021  1.982   1.00 30.79 ? 12   ASN A CB  1 
ATOM   14   C CG  . ASN A 1 2  ? -14.437 13.310  1.870   1.00 34.62 ? 12   ASN A CG  1 
ATOM   15   O OD1 . ASN A 1 2  ? -14.906 13.702  0.774   1.00 34.00 ? 12   ASN A OD1 1 
ATOM   16   N ND2 . ASN A 1 2  ? -14.585 13.993  3.006   1.00 38.48 ? 12   ASN A ND2 1 
ATOM   17   N N   . VAL A 1 3  ? -12.074 9.811   -0.106  1.00 25.76 ? 13   VAL A N   1 
ATOM   18   C CA  . VAL A 1 3  ? -10.986 8.816   -0.164  1.00 24.07 ? 13   VAL A CA  1 
ATOM   19   C C   . VAL A 1 3  ? -9.686  9.417   -0.676  1.00 22.05 ? 13   VAL A C   1 
ATOM   20   O O   . VAL A 1 3  ? -9.685  10.436  -1.344  1.00 20.66 ? 13   VAL A O   1 
ATOM   21   C CB  . VAL A 1 3  ? -11.364 7.635   -1.049  1.00 23.97 ? 13   VAL A CB  1 
ATOM   22   C CG1 . VAL A 1 3  ? -12.625 6.938   -0.499  1.00 25.10 ? 13   VAL A CG1 1 
ATOM   23   C CG2 . VAL A 1 3  ? -11.546 8.081   -2.524  1.00 23.42 ? 13   VAL A CG2 1 
ATOM   24   N N   . GLY A 1 4  ? -8.552  8.796   -0.346  1.00 20.66 ? 14   GLY A N   1 
ATOM   25   C CA  . GLY A 1 4  ? -7.263  9.311   -0.790  1.00 19.54 ? 14   GLY A CA  1 
ATOM   26   C C   . GLY A 1 4  ? -6.101  9.081   0.175   1.00 18.58 ? 14   GLY A C   1 
ATOM   27   O O   . GLY A 1 4  ? -6.275  8.576   1.269   1.00 17.80 ? 14   GLY A O   1 
ATOM   28   N N   . PRO A 1 5  ? -4.907  9.461   -0.255  1.00 18.98 ? 15   PRO A N   1 
ATOM   29   C CA  . PRO A 1 5  ? -3.683  9.242   0.550   1.00 18.76 ? 15   PRO A CA  1 
ATOM   30   C C   . PRO A 1 5  ? -3.484  10.219  1.693   1.00 19.49 ? 15   PRO A C   1 
ATOM   31   O O   . PRO A 1 5  ? -3.903  11.372  1.621   1.00 19.60 ? 15   PRO A O   1 
ATOM   32   C CB  . PRO A 1 5  ? -2.571  9.437   -0.472  1.00 18.62 ? 15   PRO A CB  1 
ATOM   33   C CG  . PRO A 1 5  ? -3.133  10.468  -1.458  1.00 17.82 ? 15   PRO A CG  1 
ATOM   34   C CD  . PRO A 1 5  ? -4.603  10.177  -1.503  1.00 17.08 ? 15   PRO A CD  1 
ATOM   35   N N   . ILE A 1 6  ? -2.835  9.746   2.762   1.00 18.87 ? 16   ILE A N   1 
ATOM   36   C CA  . ILE A 1 6  ? -2.308  10.590  3.819   1.00 18.38 ? 16   ILE A CA  1 
ATOM   37   C C   . ILE A 1 6  ? -0.786  10.425  3.772   1.00 18.33 ? 16   ILE A C   1 
ATOM   38   O O   . ILE A 1 6  ? -0.254  9.339   4.051   1.00 16.13 ? 16   ILE A O   1 
ATOM   39   C CB  . ILE A 1 6  ? -2.884  10.182  5.180   1.00 18.90 ? 16   ILE A CB  1 
ATOM   40   C CG1 . ILE A 1 6  ? -4.436  10.172  5.125   1.00 23.17 ? 16   ILE A CG1 1 
ATOM   41   C CG2 . ILE A 1 6  ? -2.348  11.084  6.230   1.00 20.84 ? 16   ILE A CG2 1 
ATOM   42   C CD1 . ILE A 1 6  ? -5.116  9.764   6.414   1.00 25.26 ? 16   ILE A CD1 1 
ATOM   43   N N   . ILE A 1 7  ? -0.085  11.489  3.441   1.00 17.75 ? 17   ILE A N   1 
ATOM   44   C CA  . ILE A 1 7  ? 1.321   11.398  3.159   1.00 20.00 ? 17   ILE A CA  1 
ATOM   45   C C   . ILE A 1 7  ? 2.114   12.149  4.172   1.00 18.96 ? 17   ILE A C   1 
ATOM   46   O O   . ILE A 1 7  ? 1.709   13.179  4.644   1.00 19.50 ? 17   ILE A O   1 
ATOM   47   C CB  . ILE A 1 7  ? 1.633   11.978  1.752   1.00 20.91 ? 17   ILE A CB  1 
ATOM   48   C CG1 . ILE A 1 7  ? 0.873   11.217  0.686   1.00 24.34 ? 17   ILE A CG1 1 
ATOM   49   C CG2 . ILE A 1 7  ? 3.151   11.930  1.511   1.00 22.09 ? 17   ILE A CG2 1 
ATOM   50   C CD1 . ILE A 1 7  ? 1.490   11.306  -0.688  1.00 29.92 ? 17   ILE A CD1 1 
ATOM   51   N N   . ARG A 1 8  ? 3.271   11.617  4.493   1.00 19.66 ? 18   ARG A N   1 
ATOM   52   C CA  . ARG A 1 8  ? 4.226   12.244  5.359   1.00 21.39 ? 18   ARG A CA  1 
ATOM   53   C C   . ARG A 1 8  ? 4.624   13.554  4.744   1.00 20.22 ? 18   ARG A C   1 
ATOM   54   O O   . ARG A 1 8  ? 4.822   13.620  3.547   1.00 20.42 ? 18   ARG A O   1 
ATOM   55   C CB  . ARG A 1 8  ? 5.482   11.349  5.477   1.00 24.11 ? 18   ARG A CB  1 
ATOM   56   C CG  . ARG A 1 8  ? 5.186   9.901   5.832   1.00 29.53 ? 18   ARG A CG  1 
ATOM   57   C CD  . ARG A 1 8  ? 6.364   9.148   6.534   1.00 36.43 ? 18   ARG A CD  1 
ATOM   58   N NE  . ARG A 1 8  ? 7.630   9.389   5.838   1.00 39.76 ? 18   ARG A NE  1 
ATOM   59   C CZ  . ARG A 1 8  ? 8.382   8.455   5.219   1.00 43.27 ? 18   ARG A CZ  1 
ATOM   60   N NH1 . ARG A 1 8  ? 8.036   7.153   5.197   1.00 39.91 ? 18   ARG A NH1 1 
ATOM   61   N NH2 . ARG A 1 8  ? 9.510   8.846   4.608   1.00 41.38 ? 18   ARG A NH2 1 
ATOM   62   N N   . ALA A 1 9  ? 4.752   14.573  5.570   1.00 18.66 ? 19   ALA A N   1 
ATOM   63   C CA  . ALA A 1 9  ? 5.179   15.872  5.131   1.00 18.51 ? 19   ALA A CA  1 
ATOM   64   C C   . ALA A 1 9  ? 6.544   15.812  4.442   1.00 18.58 ? 19   ALA A C   1 
ATOM   65   O O   . ALA A 1 9  ? 7.425   15.022  4.847   1.00 17.30 ? 19   ALA A O   1 
ATOM   66   C CB  . ALA A 1 9  ? 5.231   16.825  6.258   1.00 17.97 ? 19   ALA A CB  1 
ATOM   67   N N   . GLY A 1 10 ? 6.696   16.651  3.413   1.00 17.16 ? 20   GLY A N   1 
ATOM   68   C CA  . GLY A 1 10 ? 7.915   16.711  2.614   1.00 16.48 ? 20   GLY A CA  1 
ATOM   69   C C   . GLY A 1 10 ? 7.719   17.065  1.131   1.00 16.10 ? 20   GLY A C   1 
ATOM   70   O O   . GLY A 1 10 ? 6.639   17.516  0.710   1.00 14.48 ? 20   GLY A O   1 
ATOM   71   N N   . ASP A 1 11 ? 8.778   16.847  0.363   1.00 15.63 ? 21   ASP A N   1 
ATOM   72   C CA  . ASP A 1 11 ? 8.854   17.325  -1.012  1.00 15.86 ? 21   ASP A CA  1 
ATOM   73   C C   . ASP A 1 11 ? 7.958   16.555  -1.974  1.00 15.01 ? 21   ASP A C   1 
ATOM   74   O O   . ASP A 1 11 ? 7.662   17.019  -3.054  1.00 13.62 ? 21   ASP A O   1 
ATOM   75   C CB  . ASP A 1 11 ? 10.271  17.265  -1.499  1.00 17.03 ? 21   ASP A CB  1 
ATOM   76   C CG  . ASP A 1 11 ? 11.208  18.226  -0.738  1.00 16.62 ? 21   ASP A CG  1 
ATOM   77   O OD1 . ASP A 1 11 ? 10.762  19.018  0.090   1.00 20.72 ? 21   ASP A OD1 1 
ATOM   78   O OD2 . ASP A 1 11 ? 12.418  18.252  -0.971  1.00 21.10 ? 21   ASP A OD2 1 
ATOM   79   N N   . LEU A 1 12 ? 7.503   15.378  -1.575  1.00 14.41 ? 22   LEU A N   1 
ATOM   80   C CA  . LEU A 1 12 ? 6.587   14.629  -2.427  1.00 14.52 ? 22   LEU A CA  1 
ATOM   81   C C   . LEU A 1 12 ? 5.163   15.231  -2.431  1.00 13.77 ? 22   LEU A C   1 
ATOM   82   O O   . LEU A 1 12 ? 4.386   14.959  -3.355  1.00 14.81 ? 22   LEU A O   1 
ATOM   83   C CB  . LEU A 1 12 ? 6.541   13.168  -1.934  1.00 15.35 ? 22   LEU A CB  1 
ATOM   84   C CG  . LEU A 1 12 ? 5.787   12.131  -2.692  1.00 17.84 ? 22   LEU A CG  1 
ATOM   85   C CD1 . LEU A 1 12 ? 6.113   12.221  -4.188  1.00 19.31 ? 22   LEU A CD1 1 
ATOM   86   C CD2 . LEU A 1 12 ? 6.151   10.702  -2.122  1.00 21.15 ? 22   LEU A CD2 1 
ATOM   87   N N   . VAL A 1 13 ? 4.788   15.929  -1.369  1.00 12.29 ? 23   VAL A N   1 
ATOM   88   C CA  . VAL A 1 13 ? 3.386   16.373  -1.184  1.00 13.42 ? 23   VAL A CA  1 
ATOM   89   C C   . VAL A 1 13 ? 2.859   17.217  -2.349  1.00 13.38 ? 23   VAL A C   1 
ATOM   90   O O   . VAL A 1 13 ? 1.806   16.930  -2.944  1.00 12.55 ? 23   VAL A O   1 
ATOM   91   C CB  . VAL A 1 13 ? 3.230   17.102  0.152   1.00 13.87 ? 23   VAL A CB  1 
ATOM   92   C CG1 . VAL A 1 13 ? 1.869   17.839  0.251   1.00 16.18 ? 23   VAL A CG1 1 
ATOM   93   C CG2 . VAL A 1 13 ? 3.414   16.103  1.307   1.00 13.45 ? 23   VAL A CG2 1 
ATOM   94   N N   . GLU A 1 14 ? 3.613   18.208  -2.745  1.00 14.47 ? 24   GLU A N   1 
ATOM   95   C CA  . GLU A 1 14 ? 3.125   19.092  -3.797  1.00 15.31 ? 24   GLU A CA  1 
ATOM   96   C C   . GLU A 1 14 ? 2.946   18.391  -5.152  1.00 14.90 ? 24   GLU A C   1 
ATOM   97   O O   . GLU A 1 14 ? 1.871   18.550  -5.741  1.00 14.56 ? 24   GLU A O   1 
ATOM   98   C CB  . GLU A 1 14 ? 4.001   20.327  -3.948  1.00 16.94 ? 24   GLU A CB  1 
ATOM   99   C CG  . GLU A 1 14 ? 3.656   21.168  -5.163  1.00 21.10 ? 24   GLU A CG  1 
ATOM   100  C CD  . GLU A 1 14 ? 2.394   21.989  -5.011  1.00 30.93 ? 24   GLU A CD  1 
ATOM   101  O OE1 . GLU A 1 14 ? 1.868   22.081  -3.874  1.00 36.83 ? 24   GLU A OE1 1 
ATOM   102  O OE2 . GLU A 1 14 ? 1.949   22.613  -6.032  1.00 37.48 ? 24   GLU A OE2 1 
ATOM   103  N N   . PRO A 1 15 ? 3.917   17.624  -5.675  1.00 14.64 ? 25   PRO A N   1 
ATOM   104  C CA  . PRO A 1 15 ? 3.639   16.853  -6.892  1.00 14.51 ? 25   PRO A CA  1 
ATOM   105  C C   . PRO A 1 15 ? 2.470   15.836  -6.767  1.00 14.00 ? 25   PRO A C   1 
ATOM   106  O O   . PRO A 1 15 ? 1.729   15.621  -7.773  1.00 13.89 ? 25   PRO A O   1 
ATOM   107  C CB  . PRO A 1 15 ? 4.993   16.172  -7.191  1.00 15.06 ? 25   PRO A CB  1 
ATOM   108  C CG  . PRO A 1 15 ? 5.761   16.373  -6.014  1.00 15.70 ? 25   PRO A CG  1 
ATOM   109  C CD  . PRO A 1 15 ? 5.353   17.544  -5.316  1.00 14.83 ? 25   PRO A CD  1 
ATOM   110  N N   . VAL A 1 16 ? 2.225   15.302  -5.575  1.00 12.30 ? 26   VAL A N   1 
ATOM   111  C CA  . VAL A 1 16 ? 1.046   14.437  -5.387  1.00 13.33 ? 26   VAL A CA  1 
ATOM   112  C C   . VAL A 1 16 ? -0.281  15.258  -5.459  1.00 13.70 ? 26   VAL A C   1 
ATOM   113  O O   . VAL A 1 16 ? -1.252  14.770  -6.035  1.00 13.57 ? 26   VAL A O   1 
ATOM   114  C CB  . VAL A 1 16 ? 1.108   13.598  -4.053  1.00 13.45 ? 26   VAL A CB  1 
ATOM   115  C CG1 . VAL A 1 16 ? -0.201  12.872  -3.784  1.00 13.36 ? 26   VAL A CG1 1 
ATOM   116  C CG2 . VAL A 1 16 ? 2.220   12.599  -4.156  1.00 14.76 ? 26   VAL A CG2 1 
ATOM   117  N N   . ILE A 1 17 ? -0.328  16.458  -4.852  1.00 12.46 ? 27   ILE A N   1 
ATOM   118  C CA  . ILE A 1 17 ? -1.479  17.357  -4.975  1.00 13.46 ? 27   ILE A CA  1 
ATOM   119  C C   . ILE A 1 17 ? -1.721  17.669  -6.461  1.00 14.02 ? 27   ILE A C   1 
ATOM   120  O O   . ILE A 1 17 ? -2.882  17.566  -6.959  1.00 15.47 ? 27   ILE A O   1 
ATOM   121  C CB  . ILE A 1 17 ? -1.336  18.676  -4.136  1.00 14.29 ? 27   ILE A CB  1 
ATOM   122  C CG1 . ILE A 1 17 ? -1.358  18.384  -2.650  1.00 15.09 ? 27   ILE A CG1 1 
ATOM   123  C CG2 . ILE A 1 17 ? -2.468  19.693  -4.479  1.00 14.70 ? 27   ILE A CG2 1 
ATOM   124  C CD1 . ILE A 1 17 ? -0.803  19.470  -1.776  1.00 14.86 ? 27   ILE A CD1 1 
ATOM   125  N N   . GLU A 1 18 ? -0.657  18.014  -7.168  1.00 13.61 ? 28   GLU A N   1 
ATOM   126  C CA  . GLU A 1 18 ? -0.770  18.325  -8.582  1.00 14.92 ? 28   GLU A CA  1 
ATOM   127  C C   . GLU A 1 18 ? -1.297  17.133  -9.389  1.00 15.04 ? 28   GLU A C   1 
ATOM   128  O O   . GLU A 1 18 ? -2.142  17.286  -10.305 1.00 14.64 ? 28   GLU A O   1 
ATOM   129  C CB  . GLU A 1 18 ? 0.553   18.800  -9.099  1.00 14.65 ? 28   GLU A CB  1 
ATOM   130  C CG  . GLU A 1 18 ? 1.030   20.107  -8.501  1.00 16.37 ? 28   GLU A CG  1 
ATOM   131  C CD  . GLU A 1 18 ? 2.490   20.400  -8.823  1.00 20.25 ? 28   GLU A CD  1 
ATOM   132  O OE1 . GLU A 1 18 ? 2.867   21.552  -8.668  1.00 25.57 ? 28   GLU A OE1 1 
ATOM   133  O OE2 . GLU A 1 18 ? 3.294   19.507  -9.192  1.00 22.46 ? 28   GLU A OE2 1 
ATOM   134  N N   . THR A 1 19 ? -0.808  15.933  -9.044  1.00 14.53 ? 29   THR A N   1 
ATOM   135  C CA  . THR A 1 19 ? -1.225  14.704  -9.682  1.00 14.94 ? 29   THR A CA  1 
ATOM   136  C C   . THR A 1 19 ? -2.698  14.449  -9.398  1.00 15.66 ? 29   THR A C   1 
ATOM   137  O O   . THR A 1 19 ? -3.453  14.023  -10.288 1.00 13.18 ? 29   THR A O   1 
ATOM   138  C CB  . THR A 1 19 ? -0.314  13.519  -9.230  1.00 15.59 ? 29   THR A CB  1 
ATOM   139  O OG1 . THR A 1 19 ? 1.025   13.754  -9.700  1.00 15.50 ? 29   THR A OG1 1 
ATOM   140  C CG2 . THR A 1 19 ? -0.725  12.184  -9.863  1.00 16.93 ? 29   THR A CG2 1 
ATOM   141  N N   . ALA A 1 20 ? -3.123  14.698  -8.166  1.00 16.03 ? 30   ALA A N   1 
ATOM   142  C CA  . ALA A 1 20 ? -4.521  14.473  -7.805  1.00 17.05 ? 30   ALA A CA  1 
ATOM   143  C C   . ALA A 1 20 ? -5.393  15.406  -8.665  1.00 18.26 ? 30   ALA A C   1 
ATOM   144  O O   . ALA A 1 20 ? -6.398  14.964  -9.254  1.00 17.72 ? 30   ALA A O   1 
ATOM   145  C CB  . ALA A 1 20 ? -4.772  14.669  -6.316  1.00 16.09 ? 30   ALA A CB  1 
ATOM   146  N N   . GLU A 1 21 ? -4.939  16.630  -8.880  1.00 19.47 ? 31   GLU A N   1 
ATOM   147  C CA  . GLU A 1 21 ? -5.688  17.566  -9.754  1.00 21.42 ? 31   GLU A CA  1 
ATOM   148  C C   . GLU A 1 21 ? -5.722  17.150  -11.219 1.00 21.95 ? 31   GLU A C   1 
ATOM   149  O O   . GLU A 1 21 ? -6.814  17.101  -11.817 1.00 22.32 ? 31   GLU A O   1 
ATOM   150  C CB  . GLU A 1 21 ? -5.084  18.956  -9.685  1.00 22.92 ? 31   GLU A CB  1 
ATOM   151  C CG  . GLU A 1 21 ? -5.282  19.602  -8.333  1.00 24.57 ? 31   GLU A CG  1 
ATOM   152  C CD  . GLU A 1 21 ? -6.671  20.163  -8.135  1.00 31.23 ? 31   GLU A CD  1 
ATOM   153  O OE1 . GLU A 1 21 ? -7.510  20.157  -9.092  1.00 35.84 ? 31   GLU A OE1 1 
ATOM   154  O OE2 . GLU A 1 21 ? -6.927  20.613  -6.990  1.00 32.81 ? 31   GLU A OE2 1 
ATOM   155  N N   . ILE A 1 22 ? -4.545  16.860  -11.784 1.00 21.20 ? 32   ILE A N   1 
ATOM   156  C CA  . ILE A 1 22 ? -4.432  16.433  -13.197 1.00 22.21 ? 32   ILE A CA  1 
ATOM   157  C C   . ILE A 1 22 ? -5.171  15.117  -13.535 1.00 22.47 ? 32   ILE A C   1 
ATOM   158  O O   . ILE A 1 22 ? -5.805  15.000  -14.636 1.00 21.63 ? 32   ILE A O   1 
ATOM   159  C CB  . ILE A 1 22 ? -2.981  16.308  -13.624 1.00 21.21 ? 32   ILE A CB  1 
ATOM   160  C CG1 . ILE A 1 22 ? -2.301  17.682  -13.669 1.00 21.75 ? 32   ILE A CG1 1 
ATOM   161  C CG2 . ILE A 1 22 ? -2.870  15.643  -14.973 1.00 25.19 ? 32   ILE A CG2 1 
ATOM   162  C CD1 . ILE A 1 22 ? -0.801  17.602  -13.497 1.00 18.91 ? 32   ILE A CD1 1 
ATOM   163  N N   . ASP A 1 23 ? -5.075  14.130  -12.636 1.00 20.65 ? 33   ASP A N   1 
ATOM   164  C CA  . ASP A 1 23 ? -5.581  12.798  -12.918 1.00 21.28 ? 33   ASP A CA  1 
ATOM   165  C C   . ASP A 1 23 ? -7.065  12.546  -12.552 1.00 22.12 ? 33   ASP A C   1 
ATOM   166  O O   . ASP A 1 23 ? -7.579  11.455  -12.770 1.00 21.00 ? 33   ASP A O   1 
ATOM   167  C CB  . ASP A 1 23 ? -4.686  11.745  -12.244 1.00 20.39 ? 33   ASP A CB  1 
ATOM   168  C CG  . ASP A 1 23 ? -3.370  11.551  -12.953 1.00 18.91 ? 33   ASP A CG  1 
ATOM   169  O OD1 . ASP A 1 23 ? -3.196  12.055  -14.082 1.00 19.53 ? 33   ASP A OD1 1 
ATOM   170  O OD2 . ASP A 1 23 ? -2.430  10.836  -12.504 1.00 18.95 ? 33   ASP A OD2 1 
ATOM   171  N N   . ASN A 1 24 ? -7.724  13.532  -11.953 1.00 23.26 ? 34   ASN A N   1 
ATOM   172  C CA  . ASN A 1 24 ? -9.121  13.419  -11.551 1.00 24.29 ? 34   ASN A CA  1 
ATOM   173  C C   . ASN A 1 24 ? -9.915  14.653  -12.049 1.00 25.58 ? 34   ASN A C   1 
ATOM   174  O O   . ASN A 1 24 ? -10.334 15.505  -11.253 1.00 22.39 ? 34   ASN A O   1 
ATOM   175  C CB  . ASN A 1 24 ? -9.172  13.293  -10.032 1.00 24.11 ? 34   ASN A CB  1 
ATOM   176  C CG  . ASN A 1 24 ? -8.434  12.066  -9.558  1.00 22.61 ? 34   ASN A CG  1 
ATOM   177  O OD1 . ASN A 1 24 ? -9.008  10.959  -9.487  1.00 18.48 ? 34   ASN A OD1 1 
ATOM   178  N ND2 . ASN A 1 24 ? -7.119  12.235  -9.288  1.00 16.41 ? 34   ASN A ND2 1 
ATOM   179  N N   . PRO A 1 25 ? -10.027 14.759  -13.382 1.00 28.29 ? 35   PRO A N   1 
ATOM   180  C CA  . PRO A 1 25 ? -10.757 15.856  -14.028 1.00 30.41 ? 35   PRO A CA  1 
ATOM   181  C C   . PRO A 1 25 ? -12.162 15.930  -13.513 1.00 31.23 ? 35   PRO A C   1 
ATOM   182  O O   . PRO A 1 25 ? -12.798 14.896  -13.311 1.00 33.00 ? 35   PRO A O   1 
ATOM   183  C CB  . PRO A 1 25 ? -10.773 15.456  -15.523 1.00 30.33 ? 35   PRO A CB  1 
ATOM   184  C CG  . PRO A 1 25 ? -10.341 14.026  -15.554 1.00 30.03 ? 35   PRO A CG  1 
ATOM   185  C CD  . PRO A 1 25 ? -9.452  13.839  -14.376 1.00 28.65 ? 35   PRO A CD  1 
ATOM   186  N N   . GLY A 1 26 ? -12.621 17.147  -13.274 1.00 32.98 ? 36   GLY A N   1 
ATOM   187  C CA  . GLY A 1 26 ? -13.986 17.399  -12.864 1.00 33.22 ? 36   GLY A CA  1 
ATOM   188  C C   . GLY A 1 26 ? -14.288 17.120  -11.400 1.00 34.12 ? 36   GLY A C   1 
ATOM   189  O O   . GLY A 1 26 ? -15.450 17.164  -11.015 1.00 35.39 ? 36   GLY A O   1 
ATOM   190  N N   . LYS A 1 27 ? -13.269 16.850  -10.579 1.00 33.93 ? 37   LYS A N   1 
ATOM   191  C CA  . LYS A 1 27 ? -13.488 16.564  -9.155  1.00 33.45 ? 37   LYS A CA  1 
ATOM   192  C C   . LYS A 1 27 ? -12.826 17.597  -8.267  1.00 32.13 ? 37   LYS A C   1 
ATOM   193  O O   . LYS A 1 27 ? -11.701 18.025  -8.533  1.00 33.43 ? 37   LYS A O   1 
ATOM   194  C CB  . LYS A 1 27 ? -12.923 15.191  -8.792  1.00 34.43 ? 37   LYS A CB  1 
ATOM   195  C CG  . LYS A 1 27 ? -13.715 14.043  -9.382  1.00 37.85 ? 37   LYS A CG  1 
ATOM   196  C CD  . LYS A 1 27 ? -13.328 12.724  -8.726  1.00 40.69 ? 37   LYS A CD  1 
ATOM   197  C CE  . LYS A 1 27 ? -14.550 11.849  -8.535  1.00 42.30 ? 37   LYS A CE  1 
ATOM   198  N NZ  . LYS A 1 27 ? -14.088 10.576  -7.975  1.00 44.38 ? 37   LYS A NZ  1 
ATOM   199  N N   . GLU A 1 28 ? -13.534 17.948  -7.210  1.00 30.77 ? 38   GLU A N   1 
ATOM   200  C CA  . GLU A 1 28 ? -13.062 18.769  -6.126  1.00 30.43 ? 38   GLU A CA  1 
ATOM   201  C C   . GLU A 1 28 ? -11.965 17.959  -5.434  1.00 28.53 ? 38   GLU A C   1 
ATOM   202  O O   . GLU A 1 28 ? -12.180 16.769  -5.171  1.00 27.30 ? 38   GLU A O   1 
ATOM   203  C CB  . GLU A 1 28 ? -14.238 19.009  -5.155  1.00 30.93 ? 38   GLU A CB  1 
ATOM   204  C CG  . GLU A 1 28 ? -13.926 19.769  -3.861  1.00 34.53 ? 38   GLU A CG  1 
ATOM   205  C CD  . GLU A 1 28 ? -15.181 20.312  -3.165  1.00 40.35 ? 38   GLU A CD  1 
ATOM   206  O OE1 . GLU A 1 28 ? -15.621 19.721  -2.143  1.00 44.92 ? 38   GLU A OE1 1 
ATOM   207  O OE2 . GLU A 1 28 ? -15.733 21.334  -3.634  1.00 42.76 ? 38   GLU A OE2 1 
ATOM   208  N N   . ILE A 1 29 ? -10.792 18.573  -5.247  1.00 26.80 ? 39   ILE A N   1 
ATOM   209  C CA  . ILE A 1 29 ? -9.758  18.017  -4.367  1.00 25.52 ? 39   ILE A CA  1 
ATOM   210  C C   . ILE A 1 29 ? -9.712  18.831  -3.078  1.00 24.33 ? 39   ILE A C   1 
ATOM   211  O O   . ILE A 1 29 ? -9.618  20.071  -3.135  1.00 26.10 ? 39   ILE A O   1 
ATOM   212  C CB  . ILE A 1 29 ? -8.368  18.045  -5.051  1.00 24.79 ? 39   ILE A CB  1 
ATOM   213  C CG1 . ILE A 1 29 ? -8.400  17.260  -6.352  1.00 23.51 ? 39   ILE A CG1 1 
ATOM   214  C CG2 . ILE A 1 29 ? -7.273  17.499  -4.063  1.00 24.54 ? 39   ILE A CG2 1 
ATOM   215  C CD1 . ILE A 1 29 ? -8.675  15.833  -6.190  1.00 23.07 ? 39   ILE A CD1 1 
ATOM   216  N N   . THR A 1 30 ? -9.771  18.168  -1.926  1.00 22.77 ? 40   THR A N   1 
ATOM   217  C CA  . THR A 1 30 ? -9.511  18.819  -0.632  1.00 21.81 ? 40   THR A CA  1 
ATOM   218  C C   . THR A 1 30 ? -8.146  18.418  -0.074  1.00 20.63 ? 40   THR A C   1 
ATOM   219  O O   . THR A 1 30 ? -7.825  17.249  -0.106  1.00 19.26 ? 40   THR A O   1 
ATOM   220  C CB  . THR A 1 30 ? -10.618 18.452  0.349   1.00 21.82 ? 40   THR A CB  1 
ATOM   221  O OG1 . THR A 1 30 ? -11.861 18.948  -0.145  1.00 24.05 ? 40   THR A OG1 1 
ATOM   222  C CG2 . THR A 1 30 ? -10.436 19.158  1.712   1.00 23.84 ? 40   THR A CG2 1 
ATOM   223  N N   . VAL A 1 31 ? -7.378  19.381  0.422   1.00 18.40 ? 41   VAL A N   1 
ATOM   224  C CA  . VAL A 1 31 ? -6.052  19.153  0.991   1.00 19.11 ? 41   VAL A CA  1 
ATOM   225  C C   . VAL A 1 31 ? -6.063  19.649  2.420   1.00 19.02 ? 41   VAL A C   1 
ATOM   226  O O   . VAL A 1 31 ? -6.269  20.831  2.670   1.00 17.57 ? 41   VAL A O   1 
ATOM   227  C CB  . VAL A 1 31 ? -4.956  19.894  0.209   1.00 18.65 ? 41   VAL A CB  1 
ATOM   228  C CG1 . VAL A 1 31 ? -3.521  19.759  0.889   1.00 20.72 ? 41   VAL A CG1 1 
ATOM   229  C CG2 . VAL A 1 31 ? -4.961  19.416  -1.260  1.00 18.73 ? 41   VAL A CG2 1 
ATOM   230  N N   . GLU A 1 32 ? -5.871  18.737  3.375   1.00 18.88 ? 42   GLU A N   1 
ATOM   231  C CA  . GLU A 1 32 ? -5.748  19.121  4.773   1.00 19.28 ? 42   GLU A CA  1 
ATOM   232  C C   . GLU A 1 32 ? -4.313  18.948  5.252   1.00 19.75 ? 42   GLU A C   1 
ATOM   233  O O   . GLU A 1 32 ? -3.827  17.840  5.360   1.00 18.72 ? 42   GLU A O   1 
ATOM   234  C CB  . GLU A 1 32 ? -6.769  18.318  5.548   1.00 20.86 ? 42   GLU A CB  1 
ATOM   235  C CG  . GLU A 1 32 ? -6.638  18.128  7.031   1.00 27.24 ? 42   GLU A CG  1 
ATOM   236  C CD  . GLU A 1 32 ? -7.641  17.067  7.507   1.00 33.13 ? 42   GLU A CD  1 
ATOM   237  O OE1 . GLU A 1 32 ? -8.841  17.379  7.617   1.00 37.77 ? 42   GLU A OE1 1 
ATOM   238  O OE2 . GLU A 1 32 ? -7.219  15.902  7.755   1.00 39.85 ? 42   GLU A OE2 1 
ATOM   239  N N   . ASP A 1 33 ? -3.658  20.077  5.515   1.00 19.40 ? 43   ASP A N   1 
ATOM   240  C CA  . ASP A 1 33 ? -2.291  20.121  5.950   1.00 19.61 ? 43   ASP A CA  1 
ATOM   241  C C   . ASP A 1 33 ? -2.243  20.093  7.458   1.00 19.86 ? 43   ASP A C   1 
ATOM   242  O O   . ASP A 1 33 ? -2.387  21.113  8.120   1.00 19.59 ? 43   ASP A O   1 
ATOM   243  C CB  . ASP A 1 33 ? -1.587  21.349  5.397   1.00 20.15 ? 43   ASP A CB  1 
ATOM   244  C CG  . ASP A 1 33 ? -0.070  21.350  5.683   1.00 23.34 ? 43   ASP A CG  1 
ATOM   245  O OD1 . ASP A 1 33 ? 0.433   20.356  6.253   1.00 19.58 ? 43   ASP A OD1 1 
ATOM   246  O OD2 . ASP A 1 33 ? 0.670   22.317  5.380   1.00 22.09 ? 43   ASP A OD2 1 
ATOM   247  N N   . ARG A 1 34 ? -1.983  18.903  7.997   1.00 19.50 ? 44   ARG A N   1 
ATOM   248  C CA  . ARG A 1 34 ? -1.765  18.752  9.433   1.00 21.04 ? 44   ARG A CA  1 
ATOM   249  C C   . ARG A 1 34 ? -0.301  18.949  9.873   1.00 21.64 ? 44   ARG A C   1 
ATOM   250  O O   . ARG A 1 34 ? 0.086   18.524  10.974  1.00 20.79 ? 44   ARG A O   1 
ATOM   251  C CB  . ARG A 1 34 ? -2.268  17.402  9.895   1.00 21.46 ? 44   ARG A CB  1 
ATOM   252  C CG  . ARG A 1 34 ? -3.769  17.296  9.724   1.00 27.93 ? 44   ARG A CG  1 
ATOM   253  C CD  . ARG A 1 34 ? -4.343  15.892  9.800   1.00 33.90 ? 44   ARG A CD  1 
ATOM   254  N NE  . ARG A 1 34 ? -5.802  15.979  9.926   1.00 39.78 ? 44   ARG A NE  1 
ATOM   255  C CZ  . ARG A 1 34 ? -6.643  14.936  9.954   1.00 44.53 ? 44   ARG A CZ  1 
ATOM   256  N NH1 . ARG A 1 34 ? -6.193  13.683  9.857   1.00 44.47 ? 44   ARG A NH1 1 
ATOM   257  N NH2 . ARG A 1 34 ? -7.963  15.168  10.076  1.00 46.26 ? 44   ARG A NH2 1 
ATOM   258  N N   . ARG A 1 35 ? 0.508   19.556  9.006   1.00 21.72 ? 45   ARG A N   1 
ATOM   259  C CA  . ARG A 1 35 ? 1.913   19.914  9.303   1.00 22.77 ? 45   ARG A CA  1 
ATOM   260  C C   . ARG A 1 35 ? 2.923   18.755  9.249   1.00 22.44 ? 45   ARG A C   1 
ATOM   261  O O   . ARG A 1 35 ? 3.854   18.772  8.428   1.00 22.28 ? 45   ARG A O   1 
ATOM   262  C CB  . ARG A 1 35 ? 2.024   20.729  10.617  1.00 22.83 ? 45   ARG A CB  1 
ATOM   263  C CG  . ARG A 1 35 ? 1.139   21.964  10.623  1.00 24.14 ? 45   ARG A CG  1 
ATOM   264  C CD  . ARG A 1 35 ? 1.427   22.958  9.515   1.00 28.36 ? 45   ARG A CD  1 
ATOM   265  N NE  . ARG A 1 35 ? 0.654   24.177  9.695   1.00 27.48 ? 45   ARG A NE  1 
ATOM   266  C CZ  . ARG A 1 35 ? 1.030   25.400  9.330   1.00 27.25 ? 45   ARG A CZ  1 
ATOM   267  N NH1 . ARG A 1 35 ? 2.217   25.633  8.751   1.00 29.78 ? 45   ARG A NH1 1 
ATOM   268  N NH2 . ARG A 1 35 ? 0.227   26.407  9.575   1.00 23.09 ? 45   ARG A NH2 1 
ATOM   269  N N   . ALA A 1 36 ? 2.764   17.761  10.113  1.00 22.34 ? 46   ALA A N   1 
ATOM   270  C CA  . ALA A 1 36 ? 3.546   16.541  10.044  1.00 21.08 ? 46   ALA A CA  1 
ATOM   271  C C   . ALA A 1 36 ? 3.079   15.645  8.917   1.00 20.76 ? 46   ALA A C   1 
ATOM   272  O O   . ALA A 1 36 ? 3.809   14.747  8.437   1.00 17.83 ? 46   ALA A O   1 
ATOM   273  C CB  . ALA A 1 36 ? 3.485   15.793  11.388  1.00 22.56 ? 46   ALA A CB  1 
ATOM   274  N N   . TYR A 1 37 ? 1.809   15.805  8.520   1.00 19.30 ? 47   TYR A N   1 
ATOM   275  C CA  . TYR A 1 37 ? 1.344   15.060  7.385   1.00 19.23 ? 47   TYR A CA  1 
ATOM   276  C C   . TYR A 1 37 ? 0.214   15.764  6.671   1.00 18.32 ? 47   TYR A C   1 
ATOM   277  O O   . TYR A 1 37 ? -0.334  16.707  7.184   1.00 18.05 ? 47   TYR A O   1 
ATOM   278  C CB  . TYR A 1 37 ? 0.932   13.692  7.800   1.00 20.95 ? 47   TYR A CB  1 
ATOM   279  C CG  . TYR A 1 37 ? -0.238  13.576  8.718   1.00 24.05 ? 47   TYR A CG  1 
ATOM   280  C CD1 . TYR A 1 37 ? -1.511  13.498  8.213   1.00 30.49 ? 47   TYR A CD1 1 
ATOM   281  C CD2 . TYR A 1 37 ? -0.059  13.409  10.105  1.00 31.73 ? 47   TYR A CD2 1 
ATOM   282  C CE1 . TYR A 1 37 ? -2.609  13.312  9.030   1.00 32.09 ? 47   TYR A CE1 1 
ATOM   283  C CE2 . TYR A 1 37 ? -1.180  13.228  10.968  1.00 33.36 ? 47   TYR A CE2 1 
ATOM   284  C CZ  . TYR A 1 37 ? -2.449  13.161  10.402  1.00 35.84 ? 47   TYR A CZ  1 
ATOM   285  O OH  . TYR A 1 37 ? -3.593  13.001  11.157  1.00 37.76 ? 47   TYR A OH  1 
ATOM   286  N N   . VAL A 1 38 ? -0.098  15.299  5.474   1.00 18.40 ? 48   VAL A N   1 
ATOM   287  C CA  . VAL A 1 38 ? -1.108  15.953  4.637   1.00 17.36 ? 48   VAL A CA  1 
ATOM   288  C C   . VAL A 1 38 ? -2.070  14.931  4.078   1.00 17.38 ? 48   VAL A C   1 
ATOM   289  O O   . VAL A 1 38 ? -1.648  13.950  3.464   1.00 16.41 ? 48   VAL A O   1 
ATOM   290  C CB  . VAL A 1 38 ? -0.412  16.681  3.476   1.00 17.54 ? 48   VAL A CB  1 
ATOM   291  C CG1 . VAL A 1 38 ? -1.422  17.446  2.614   1.00 16.93 ? 48   VAL A CG1 1 
ATOM   292  C CG2 . VAL A 1 38 ? 0.672   17.630  4.031   1.00 19.49 ? 48   VAL A CG2 1 
ATOM   293  N N   . ARG A 1 39 ? -3.374  15.185  4.248   1.00 17.61 ? 49   ARG A N   1 
ATOM   294  C CA  . ARG A 1 39 ? -4.401  14.360  3.676   1.00 17.93 ? 49   ARG A CA  1 
ATOM   295  C C   . ARG A 1 39 ? -4.858  14.998  2.350   1.00 18.41 ? 49   ARG A C   1 
ATOM   296  O O   . ARG A 1 39 ? -5.091  16.201  2.280   1.00 17.47 ? 49   ARG A O   1 
ATOM   297  C CB  . ARG A 1 39 ? -5.550  14.238  4.641   1.00 18.61 ? 49   ARG A CB  1 
ATOM   298  C CG  . ARG A 1 39 ? -6.741  13.484  4.069   1.00 24.86 ? 49   ARG A CG  1 
ATOM   299  C CD  . ARG A 1 39 ? -7.492  12.717  5.135   1.00 31.75 ? 49   ARG A CD  1 
ATOM   300  N NE  . ARG A 1 39 ? -8.852  12.286  4.771   1.00 36.17 ? 49   ARG A NE  1 
ATOM   301  C CZ  . ARG A 1 39 ? -9.204  11.509  3.745   1.00 37.62 ? 49   ARG A CZ  1 
ATOM   302  N NH1 . ARG A 1 39 ? -8.324  11.062  2.833   1.00 41.53 ? 49   ARG A NH1 1 
ATOM   303  N NH2 . ARG A 1 39 ? -10.495 11.204  3.604   1.00 38.89 ? 49   ARG A NH2 1 
ATOM   304  N N   . ILE A 1 40 ? -4.986  14.192  1.305   1.00 18.61 ? 50   ILE A N   1 
ATOM   305  C CA  . ILE A 1 40 ? -5.492  14.662  0.007   1.00 19.50 ? 50   ILE A CA  1 
ATOM   306  C C   . ILE A 1 40 ? -6.678  13.784  -0.303  1.00 20.79 ? 50   ILE A C   1 
ATOM   307  O O   . ILE A 1 40 ? -6.608  12.535  -0.169  1.00 21.30 ? 50   ILE A O   1 
ATOM   308  C CB  . ILE A 1 40 ? -4.394  14.557  -1.066  1.00 18.86 ? 50   ILE A CB  1 
ATOM   309  C CG1 . ILE A 1 40 ? -3.176  15.350  -0.599  1.00 20.98 ? 50   ILE A CG1 1 
ATOM   310  C CG2 . ILE A 1 40 ? -4.905  14.976  -2.403  1.00 19.49 ? 50   ILE A CG2 1 
ATOM   311  C CD1 . ILE A 1 40 ? -1.804  14.851  -1.101  1.00 23.30 ? 50   ILE A CD1 1 
ATOM   312  N N   . ALA A 1 41 ? -7.801  14.408  -0.661  1.00 20.71 ? 51   ALA A N   1 
ATOM   313  C CA  . ALA A 1 41 ? -9.042  13.658  -0.768  1.00 20.78 ? 51   ALA A CA  1 
ATOM   314  C C   . ALA A 1 41 ? -9.921  14.099  -1.941  1.00 21.52 ? 51   ALA A C   1 
ATOM   315  O O   . ALA A 1 41 ? -9.843  15.272  -2.373  1.00 20.28 ? 51   ALA A O   1 
ATOM   316  C CB  . ALA A 1 41 ? -9.784  13.725  0.568   1.00 21.43 ? 51   ALA A CB  1 
ATOM   317  N N   . ALA A 1 42 ? -10.624 13.130  -2.562  1.00 22.04 ? 52   ALA A N   1 
ATOM   318  C CA  . ALA A 1 42 ? -11.775 13.426  -3.428  1.00 22.16 ? 52   ALA A CA  1 
ATOM   319  C C   . ALA A 1 42 ? -12.986 12.571  -3.009  1.00 24.05 ? 52   ALA A C   1 
ATOM   320  O O   . ALA A 1 42 ? -12.869 11.646  -2.196  1.00 23.78 ? 52   ALA A O   1 
ATOM   321  C CB  . ALA A 1 42 ? -11.452 13.187  -4.893  1.00 22.74 ? 52   ALA A CB  1 
ATOM   322  N N   . GLU A 1 43 ? -14.164 12.923  -3.526  1.00 24.96 ? 53   GLU A N   1 
ATOM   323  C CA  . GLU A 1 43 ? -15.368 12.114  -3.333  1.00 26.63 ? 53   GLU A CA  1 
ATOM   324  C C   . GLU A 1 43 ? -15.386 10.874  -4.202  1.00 25.56 ? 53   GLU A C   1 
ATOM   325  O O   . GLU A 1 43 ? -15.238 10.969  -5.407  1.00 26.65 ? 53   GLU A O   1 
ATOM   326  C CB  . GLU A 1 43 ? -16.628 12.969  -3.634  1.00 27.98 ? 53   GLU A CB  1 
ATOM   327  C CG  . GLU A 1 43 ? -17.230 13.554  -2.368  1.00 32.08 ? 53   GLU A CG  1 
ATOM   328  C CD  . GLU A 1 43 ? -18.682 14.043  -2.540  1.00 38.64 ? 53   GLU A CD  1 
ATOM   329  O OE1 . GLU A 1 43 ? -19.227 13.954  -3.681  1.00 37.57 ? 53   GLU A OE1 1 
ATOM   330  O OE2 . GLU A 1 43 ? -19.255 14.519  -1.514  1.00 43.39 ? 53   GLU A OE2 1 
ATOM   331  N N   . GLY A 1 44 ? -15.565 9.696   -3.603  1.00 25.72 ? 54   GLY A N   1 
ATOM   332  C CA  . GLY A 1 44 ? -15.825 8.483   -4.372  1.00 25.62 ? 54   GLY A CA  1 
ATOM   333  C C   . GLY A 1 44 ? -14.594 7.685   -4.797  1.00 25.91 ? 54   GLY A C   1 
ATOM   334  O O   . GLY A 1 44 ? -14.474 6.507   -4.468  1.00 25.19 ? 54   GLY A O   1 
ATOM   335  N N   . GLU A 1 45 ? -13.723 8.319   -5.585  1.00 26.45 ? 55   GLU A N   1 
ATOM   336  C CA  . GLU A 1 45 ? -12.463 7.722   -6.052  1.00 25.28 ? 55   GLU A CA  1 
ATOM   337  C C   . GLU A 1 45 ? -11.403 8.826   -6.202  1.00 23.91 ? 55   GLU A C   1 
ATOM   338  O O   . GLU A 1 45 ? -11.716 9.973   -6.524  1.00 22.94 ? 55   GLU A O   1 
ATOM   339  C CB  . GLU A 1 45 ? -12.608 6.893   -7.367  1.00 26.15 ? 55   GLU A CB  1 
ATOM   340  C CG  . GLU A 1 45 ? -12.787 7.677   -8.640  1.00 30.59 ? 55   GLU A CG  1 
ATOM   341  C CD  . GLU A 1 45 ? -12.553 6.901   -9.949  1.00 34.61 ? 55   GLU A CD  1 
ATOM   342  O OE1 . GLU A 1 45 ? -12.498 5.650   -9.957  1.00 36.71 ? 55   GLU A OE1 1 
ATOM   343  O OE2 . GLU A 1 45 ? -12.418 7.586   -10.999 1.00 37.64 ? 55   GLU A OE2 1 
ATOM   344  N N   . LEU A 1 46 ? -10.145 8.467   -5.951  1.00 20.86 ? 56   LEU A N   1 
ATOM   345  C CA  . LEU A 1 46 ? -8.990  9.328   -6.259  1.00 19.94 ? 56   LEU A CA  1 
ATOM   346  C C   . LEU A 1 46 ? -7.906  8.467   -6.923  1.00 18.37 ? 56   LEU A C   1 
ATOM   347  O O   . LEU A 1 46 ? -7.445  7.495   -6.327  1.00 16.68 ? 56   LEU A O   1 
ATOM   348  C CB  . LEU A 1 46 ? -8.444  9.998   -4.974  1.00 19.62 ? 56   LEU A CB  1 
ATOM   349  C CG  . LEU A 1 46 ? -7.466  11.194  -5.179  1.00 22.46 ? 56   LEU A CG  1 
ATOM   350  C CD1 . LEU A 1 46 ? -8.021  12.172  -6.170  1.00 24.52 ? 56   LEU A CD1 1 
ATOM   351  C CD2 . LEU A 1 46 ? -7.235  12.003  -3.917  1.00 25.86 ? 56   LEU A CD2 1 
ATOM   352  N N   . ILE A 1 47 ? -7.515  8.829   -8.142  1.00 17.71 ? 57   ILE A N   1 
ATOM   353  C CA  . ILE A 1 47 ? -6.494  8.129   -8.896  1.00 17.76 ? 57   ILE A CA  1 
ATOM   354  C C   . ILE A 1 47 ? -5.228  8.970   -8.932  1.00 17.48 ? 57   ILE A C   1 
ATOM   355  O O   . ILE A 1 47 ? -5.284  10.211  -9.099  1.00 16.42 ? 57   ILE A O   1 
ATOM   356  C CB  . ILE A 1 47 ? -6.979  7.861   -10.361 1.00 19.54 ? 57   ILE A CB  1 
ATOM   357  C CG1 . ILE A 1 47 ? -8.222  6.947   -10.367 1.00 21.10 ? 57   ILE A CG1 1 
ATOM   358  C CG2 . ILE A 1 47 ? -5.853  7.297   -11.214 1.00 19.50 ? 57   ILE A CG2 1 
ATOM   359  C CD1 . ILE A 1 47 ? -8.982  7.042   -11.721 1.00 24.76 ? 57   ILE A CD1 1 
ATOM   360  N N   . LEU A 1 48 ? -4.083  8.308   -8.728  1.00 16.45 ? 58   LEU A N   1 
ATOM   361  C CA  . LEU A 1 48 ? -2.769  8.922   -8.960  1.00 15.40 ? 58   LEU A CA  1 
ATOM   362  C C   . LEU A 1 48 ? -1.994  8.011   -9.919  1.00 15.43 ? 58   LEU A C   1 
ATOM   363  O O   . LEU A 1 48 ? -1.681  6.856   -9.584  1.00 14.74 ? 58   LEU A O   1 
ATOM   364  C CB  . LEU A 1 48 ? -1.987  9.046   -7.632  1.00 16.38 ? 58   LEU A CB  1 
ATOM   365  C CG  . LEU A 1 48 ? -2.672  9.820   -6.531  1.00 14.71 ? 58   LEU A CG  1 
ATOM   366  C CD1 . LEU A 1 48 ? -1.962  9.638   -5.156  1.00 16.06 ? 58   LEU A CD1 1 
ATOM   367  C CD2 . LEU A 1 48 ? -2.769  11.331  -6.932  1.00 16.19 ? 58   LEU A CD2 1 
ATOM   368  N N   . THR A 1 49 ? -1.703  8.479   -11.120 1.00 14.17 ? 59   THR A N   1 
ATOM   369  C CA  . THR A 1 49 ? -0.940  7.627   -12.056 1.00 15.81 ? 59   THR A CA  1 
ATOM   370  C C   . THR A 1 49 ? 0.551   7.872   -11.974 1.00 15.47 ? 59   THR A C   1 
ATOM   371  O O   . THR A 1 49 ? 0.982   8.986   -11.670 1.00 16.20 ? 59   THR A O   1 
ATOM   372  C CB  . THR A 1 49 ? -1.387  7.779   -13.491 1.00 15.71 ? 59   THR A CB  1 
ATOM   373  O OG1 . THR A 1 49 ? -1.006  9.069   -14.034 1.00 16.74 ? 59   THR A OG1 1 
ATOM   374  C CG2 . THR A 1 49 ? -2.898  7.681   -13.592 1.00 16.67 ? 59   THR A CG2 1 
ATOM   375  N N   . ARG A 1 50 ? 1.322   6.838   -12.316 1.00 15.76 ? 60   ARG A N   1 
ATOM   376  C CA  . ARG A 1 50 ? 2.776   6.901   -12.288 1.00 16.23 ? 60   ARG A CA  1 
ATOM   377  C C   . ARG A 1 50 ? 3.285   7.903   -13.319 1.00 17.98 ? 60   ARG A C   1 
ATOM   378  O O   . ARG A 1 50 ? 4.203   8.670   -13.047 1.00 16.24 ? 60   ARG A O   1 
ATOM   379  C CB  . ARG A 1 50 ? 3.344   5.516   -12.577 1.00 16.02 ? 60   ARG A CB  1 
ATOM   380  C CG  . ARG A 1 50 ? 4.769   5.318   -12.357 1.00 15.00 ? 60   ARG A CG  1 
ATOM   381  C CD  . ARG A 1 50 ? 5.412   4.241   -13.241 1.00 19.61 ? 60   ARG A CD  1 
ATOM   382  N NE  . ARG A 1 50 ? 5.444   4.614   -14.669 1.00 19.53 ? 60   ARG A NE  1 
ATOM   383  C CZ  . ARG A 1 50 ? 6.297   5.441   -15.232 1.00 22.33 ? 60   ARG A CZ  1 
ATOM   384  N NH1 . ARG A 1 50 ? 7.256   6.030   -14.543 1.00 22.04 ? 60   ARG A NH1 1 
ATOM   385  N NH2 . ARG A 1 50 ? 6.195   5.682   -16.547 1.00 25.83 ? 60   ARG A NH2 1 
ATOM   386  N N   . LYS A 1 51 ? 2.673   7.889   -14.504 1.00 18.70 ? 61   LYS A N   1 
ATOM   387  C CA  . LYS A 1 51 ? 3.088   8.800   -15.589 1.00 19.82 ? 61   LYS A CA  1 
ATOM   388  C C   . LYS A 1 51 ? 3.004   10.285  -15.160 1.00 18.26 ? 61   LYS A C   1 
ATOM   389  O O   . LYS A 1 51 ? 3.969   11.066  -15.302 1.00 16.52 ? 61   LYS A O   1 
ATOM   390  C CB  . LYS A 1 51 ? 2.253   8.555   -16.836 1.00 21.48 ? 61   LYS A CB  1 
ATOM   391  C CG  . LYS A 1 51 ? 2.789   7.421   -17.698 1.00 28.21 ? 61   LYS A CG  1 
ATOM   392  C CD  . LYS A 1 51 ? 1.828   6.978   -18.840 1.00 33.80 ? 61   LYS A CD  1 
ATOM   393  C CE  . LYS A 1 51 ? 1.206   8.122   -19.656 1.00 35.95 ? 61   LYS A CE  1 
ATOM   394  N NZ  . LYS A 1 51 ? -0.179  7.710   -20.127 1.00 39.43 ? 61   LYS A NZ  1 
ATOM   395  N N   . THR A 1 52 ? 1.881   10.665  -14.595 1.00 17.06 ? 62   THR A N   1 
ATOM   396  C CA  . THR A 1 52 ? 1.695   12.053  -14.184 1.00 17.34 ? 62   THR A CA  1 
ATOM   397  C C   . THR A 1 52 ? 2.603   12.430  -13.004 1.00 15.94 ? 62   THR A C   1 
ATOM   398  O O   . THR A 1 52 ? 3.187   13.518  -12.997 1.00 14.96 ? 62   THR A O   1 
ATOM   399  C CB  . THR A 1 52 ? 0.248   12.295  -13.792 1.00 16.72 ? 62   THR A CB  1 
ATOM   400  O OG1 . THR A 1 52 ? -0.606  12.158  -14.930 1.00 19.69 ? 62   THR A OG1 1 
ATOM   401  C CG2 . THR A 1 52 ? 0.010   13.691  -13.353 1.00 17.08 ? 62   THR A CG2 1 
ATOM   402  N N   . LEU A 1 53 ? 2.709   11.542  -12.018 1.00 15.65 ? 63   LEU A N   1 
ATOM   403  C CA  . LEU A 1 53 ? 3.568   11.813  -10.841 1.00 15.55 ? 63   LEU A CA  1 
ATOM   404  C C   . LEU A 1 53 ? 4.994   11.982  -11.264 1.00 15.14 ? 63   LEU A C   1 
ATOM   405  O O   . LEU A 1 53 ? 5.656   12.917  -10.815 1.00 13.64 ? 63   LEU A O   1 
ATOM   406  C CB  . LEU A 1 53 ? 3.438   10.739  -9.714  1.00 16.74 ? 63   LEU A CB  1 
ATOM   407  C CG  . LEU A 1 53 ? 3.172   11.219  -8.285  1.00 22.58 ? 63   LEU A CG  1 
ATOM   408  C CD1 . LEU A 1 53 ? 3.409   10.143  -7.205  1.00 24.83 ? 63   LEU A CD1 1 
ATOM   409  C CD2 . LEU A 1 53 ? 3.845   12.520  -7.928  1.00 21.81 ? 63   LEU A CD2 1 
ATOM   410  N N   . GLU A 1 54 ? 5.469   11.097  -12.144 1.00 15.08 ? 64   GLU A N   1 
ATOM   411  C CA  . GLU A 1 54 ? 6.799   11.215  -12.710 1.00 15.58 ? 64   GLU A CA  1 
ATOM   412  C C   . GLU A 1 54 ? 7.049   12.580  -13.438 1.00 16.33 ? 64   GLU A C   1 
ATOM   413  O O   . GLU A 1 54 ? 8.062   13.241  -13.216 1.00 15.08 ? 64   GLU A O   1 
ATOM   414  C CB  . GLU A 1 54 ? 7.073   10.084  -13.668 1.00 16.04 ? 64   GLU A CB  1 
ATOM   415  C CG  . GLU A 1 54 ? 8.453   10.157  -14.307 1.00 16.72 ? 64   GLU A CG  1 
ATOM   416  C CD  . GLU A 1 54 ? 8.828   8.895   -15.059 1.00 17.52 ? 64   GLU A CD  1 
ATOM   417  O OE1 . GLU A 1 54 ? 9.563   8.038   -14.530 1.00 16.48 ? 64   GLU A OE1 1 
ATOM   418  O OE2 . GLU A 1 54 ? 8.387   8.719   -16.194 1.00 20.00 ? 64   GLU A OE2 1 
ATOM   419  N N   . GLU A 1 55 ? 6.108   12.975  -14.276 1.00 16.94 ? 65   GLU A N   1 
ATOM   420  C CA  . GLU A 1 55 ? 6.131   14.322  -14.874 1.00 18.48 ? 65   GLU A CA  1 
ATOM   421  C C   . GLU A 1 55 ? 6.205   15.479  -13.852 1.00 16.60 ? 65   GLU A C   1 
ATOM   422  O O   . GLU A 1 55 ? 6.993   16.445  -14.021 1.00 17.10 ? 65   GLU A O   1 
ATOM   423  C CB  . GLU A 1 55 ? 4.887   14.526  -15.749 1.00 19.27 ? 65   GLU A CB  1 
ATOM   424  C CG  . GLU A 1 55 ? 4.999   13.919  -17.136 1.00 25.07 ? 65   GLU A CG  1 
ATOM   425  C CD  . GLU A 1 55 ? 3.793   14.220  -18.050 1.00 31.98 ? 65   GLU A CD  1 
ATOM   426  O OE1 . GLU A 1 55 ? 3.077   15.263  -17.843 1.00 33.43 ? 65   GLU A OE1 1 
ATOM   427  O OE2 . GLU A 1 55 ? 3.593   13.416  -18.998 1.00 34.73 ? 65   GLU A OE2 1 
ATOM   428  N N   . GLN A 1 56 ? 5.389   15.421  -12.798 1.00 15.17 ? 66   GLN A N   1 
ATOM   429  C CA  . GLN A 1 56 ? 5.387   16.496  -11.789 1.00 15.08 ? 66   GLN A CA  1 
ATOM   430  C C   . GLN A 1 56 ? 6.647   16.512  -10.924 1.00 15.24 ? 66   GLN A C   1 
ATOM   431  O O   . GLN A 1 56 ? 7.034   17.568  -10.375 1.00 12.78 ? 66   GLN A O   1 
ATOM   432  C CB  . GLN A 1 56 ? 4.117   16.423  -10.912 1.00 14.54 ? 66   GLN A CB  1 
ATOM   433  C CG  . GLN A 1 56 ? 2.839   16.503  -11.708 1.00 16.35 ? 66   GLN A CG  1 
ATOM   434  C CD  . GLN A 1 56 ? 2.810   17.753  -12.647 1.00 18.82 ? 66   GLN A CD  1 
ATOM   435  O OE1 . GLN A 1 56 ? 2.952   18.871  -12.170 1.00 19.19 ? 66   GLN A OE1 1 
ATOM   436  N NE2 . GLN A 1 56 ? 2.721   17.528  -13.934 1.00 18.84 ? 66   GLN A NE2 1 
ATOM   437  N N   . LEU A 1 57 ? 7.302   15.353  -10.796 1.00 14.80 ? 67   LEU A N   1 
ATOM   438  C CA  . LEU A 1 57 ? 8.602   15.254  -10.134 1.00 15.39 ? 67   LEU A CA  1 
ATOM   439  C C   . LEU A 1 57 ? 9.782   15.675  -11.013 1.00 15.53 ? 67   LEU A C   1 
ATOM   440  O O   . LEU A 1 57 ? 10.796  16.129  -10.501 1.00 14.15 ? 67   LEU A O   1 
ATOM   441  C CB  . LEU A 1 57 ? 8.874   13.807  -9.633  1.00 14.80 ? 67   LEU A CB  1 
ATOM   442  C CG  . LEU A 1 57 ? 8.064   13.438  -8.388  1.00 14.04 ? 67   LEU A CG  1 
ATOM   443  C CD1 . LEU A 1 57 ? 8.042   11.859  -8.197  1.00 14.91 ? 67   LEU A CD1 1 
ATOM   444  C CD2 . LEU A 1 57 ? 8.546   14.146  -7.179  1.00 15.03 ? 67   LEU A CD2 1 
ATOM   445  N N   . GLY A 1 58 ? 9.685   15.471  -12.324 1.00 15.71 ? 68   GLY A N   1 
ATOM   446  C CA  . GLY A 1 58 ? 10.770  15.858  -13.206 1.00 14.51 ? 68   GLY A CA  1 
ATOM   447  C C   . GLY A 1 58 ? 11.923  14.903  -13.190 1.00 15.40 ? 68   GLY A C   1 
ATOM   448  O O   . GLY A 1 58 ? 13.013  15.291  -13.565 1.00 15.57 ? 68   GLY A O   1 
ATOM   449  N N   . ARG A 1 59 ? 11.714  13.672  -12.686 1.00 16.25 ? 69   ARG A N   1 
ATOM   450  C CA  . ARG A 1 59 ? 12.790  12.676  -12.620 1.00 16.13 ? 69   ARG A CA  1 
ATOM   451  C C   . ARG A 1 59 ? 12.171  11.290  -12.529 1.00 15.90 ? 69   ARG A C   1 
ATOM   452  O O   . ARG A 1 59 ? 10.956  11.188  -12.319 1.00 15.54 ? 69   ARG A O   1 
ATOM   453  C CB  . ARG A 1 59 ? 13.762  12.971  -11.451 1.00 15.75 ? 69   ARG A CB  1 
ATOM   454  C CG  . ARG A 1 59 ? 13.146  13.226  -10.075 1.00 16.35 ? 69   ARG A CG  1 
ATOM   455  C CD  . ARG A 1 59 ? 12.596  12.059  -9.407  1.00 14.05 ? 69   ARG A CD  1 
ATOM   456  N NE  . ARG A 1 59 ? 12.314  12.277  -7.993  1.00 14.80 ? 69   ARG A NE  1 
ATOM   457  C CZ  . ARG A 1 59 ? 11.801  11.352  -7.211  1.00 17.49 ? 69   ARG A CZ  1 
ATOM   458  N NH1 . ARG A 1 59 ? 11.518  10.164  -7.723  1.00 17.32 ? 69   ARG A NH1 1 
ATOM   459  N NH2 . ARG A 1 59 ? 11.527  11.608  -5.923  1.00 15.86 ? 69   ARG A NH2 1 
ATOM   460  N N   . PRO A 1 60 ? 12.943  10.218  -12.709 1.00 16.90 ? 70   PRO A N   1 
ATOM   461  C CA  . PRO A 1 60 ? 12.318  8.883   -12.749 1.00 16.73 ? 70   PRO A CA  1 
ATOM   462  C C   . PRO A 1 60 ? 11.584  8.509   -11.462 1.00 15.82 ? 70   PRO A C   1 
ATOM   463  O O   . PRO A 1 60 ? 12.032  8.769   -10.325 1.00 15.31 ? 70   PRO A O   1 
ATOM   464  C CB  . PRO A 1 60 ? 13.481  7.930   -13.086 1.00 17.96 ? 70   PRO A CB  1 
ATOM   465  C CG  . PRO A 1 60 ? 14.536  8.850   -13.740 1.00 18.49 ? 70   PRO A CG  1 
ATOM   466  C CD  . PRO A 1 60 ? 14.397  10.163  -12.992 1.00 17.99 ? 70   PRO A CD  1 
ATOM   467  N N   . PHE A 1 61 ? 10.412  7.918   -11.647 1.00 15.14 ? 71   PHE A N   1 
ATOM   468  C CA  . PHE A 1 61 ? 9.553   7.600   -10.515 1.00 14.58 ? 71   PHE A CA  1 
ATOM   469  C C   . PHE A 1 61 ? 8.850   6.225   -10.749 1.00 14.35 ? 71   PHE A C   1 
ATOM   470  O O   . PHE A 1 61 ? 8.453   5.932   -11.838 1.00 14.41 ? 71   PHE A O   1 
ATOM   471  C CB  . PHE A 1 61 ? 8.550   8.728   -10.306 1.00 14.66 ? 71   PHE A CB  1 
ATOM   472  C CG  . PHE A 1 61 ? 7.486   8.391   -9.309  1.00 12.26 ? 71   PHE A CG  1 
ATOM   473  C CD1 . PHE A 1 61 ? 7.684   8.570   -7.961  1.00 14.74 ? 71   PHE A CD1 1 
ATOM   474  C CD2 . PHE A 1 61 ? 6.298   7.841   -9.744  1.00 16.54 ? 71   PHE A CD2 1 
ATOM   475  C CE1 . PHE A 1 61 ? 6.678   8.223   -7.055  1.00 15.59 ? 71   PHE A CE1 1 
ATOM   476  C CE2 . PHE A 1 61 ? 5.338   7.481   -8.870  1.00 15.77 ? 71   PHE A CE2 1 
ATOM   477  C CZ  . PHE A 1 61 ? 5.513   7.688   -7.522  1.00 14.13 ? 71   PHE A CZ  1 
ATOM   478  N N   . ASN A 1 62 ? 8.723   5.435   -9.691  1.00 14.89 ? 72   ASN A N   1 
ATOM   479  C CA  . ASN A 1 62 ? 8.001   4.154   -9.660  1.00 15.54 ? 72   ASN A CA  1 
ATOM   480  C C   . ASN A 1 62 ? 7.016   4.245   -8.476  1.00 15.12 ? 72   ASN A C   1 
ATOM   481  O O   . ASN A 1 62 ? 7.308   4.885   -7.470  1.00 14.00 ? 72   ASN A O   1 
ATOM   482  C CB  . ASN A 1 62 ? 9.060   3.032   -9.525  1.00 16.15 ? 72   ASN A CB  1 
ATOM   483  C CG  . ASN A 1 62 ? 8.473   1.626   -9.355  1.00 20.95 ? 72   ASN A CG  1 
ATOM   484  O OD1 . ASN A 1 62 ? 7.803   1.299   -8.351  1.00 27.77 ? 72   ASN A OD1 1 
ATOM   485  N ND2 . ASN A 1 62 ? 8.780   0.760   -10.323 1.00 24.91 ? 72   ASN A ND2 1 
ATOM   486  N N   . MET A 1 63 ? 5.825   3.625   -8.606  1.00 14.49 ? 73   MET A N   1 
ATOM   487  C CA  . MET A 1 63 ? 4.768   3.703   -7.609  1.00 13.23 ? 73   MET A CA  1 
ATOM   488  C C   . MET A 1 63 ? 5.190   3.292   -6.194  1.00 13.73 ? 73   MET A C   1 
ATOM   489  O O   . MET A 1 63 ? 4.623   3.769   -5.227  1.00 11.41 ? 73   MET A O   1 
ATOM   490  C CB  . MET A 1 63 ? 3.566   2.798   -8.018  1.00 13.53 ? 73   MET A CB  1 
ATOM   491  C CG  . MET A 1 63 ? 2.859   3.226   -9.270  1.00 13.36 ? 73   MET A CG  1 
ATOM   492  S SD  . MET A 1 63 ? 2.205   4.946   -9.262  1.00 16.36 ? 73   MET A SD  1 
ATOM   493  C CE  . MET A 1 63 ? 1.287   4.917   -7.878  1.00 17.29 ? 73   MET A CE  1 
ATOM   494  N N   . GLN A 1 64 ? 6.152   2.380   -6.090  1.00 12.96 ? 74   GLN A N   1 
ATOM   495  C CA  . GLN A 1 64 ? 6.672   1.932   -4.803  1.00 13.48 ? 74   GLN A CA  1 
ATOM   496  C C   . GLN A 1 64 ? 7.074   3.130   -3.909  1.00 13.68 ? 74   GLN A C   1 
ATOM   497  O O   . GLN A 1 64 ? 6.876   3.121   -2.711  1.00 11.80 ? 74   GLN A O   1 
ATOM   498  C CB  . GLN A 1 64 ? 7.895   1.027   -5.051  1.00 14.19 ? 74   GLN A CB  1 
ATOM   499  C CG  . GLN A 1 64 ? 8.464   0.484   -3.825  1.00 16.36 ? 74   GLN A CG  1 
ATOM   500  C CD  . GLN A 1 64 ? 9.699   -0.407  -4.013  1.00 21.19 ? 74   GLN A CD  1 
ATOM   501  O OE1 . GLN A 1 64 ? 10.099  -0.728  -5.145  1.00 20.94 ? 74   GLN A OE1 1 
ATOM   502  N NE2 . GLN A 1 64 ? 10.305  -0.812  -2.877  1.00 20.00 ? 74   GLN A NE2 1 
ATOM   503  N N   . GLU A 1 65 ? 7.656   4.170   -4.496  1.00 12.51 ? 75   GLU A N   1 
ATOM   504  C CA  . GLU A 1 65 ? 8.128   5.310   -3.680  1.00 12.96 ? 75   GLU A CA  1 
ATOM   505  C C   . GLU A 1 65 ? 6.959   6.064   -3.028  1.00 12.94 ? 75   GLU A C   1 
ATOM   506  O O   . GLU A 1 65 ? 7.008   6.454   -1.858  1.00 13.90 ? 75   GLU A O   1 
ATOM   507  C CB  . GLU A 1 65 ? 8.979   6.261   -4.532  1.00 12.52 ? 75   GLU A CB  1 
ATOM   508  C CG  . GLU A 1 65 ? 9.530   7.465   -3.802  1.00 14.52 ? 75   GLU A CG  1 
ATOM   509  C CD  . GLU A 1 65 ? 10.336  8.412   -4.706  1.00 14.96 ? 75   GLU A CD  1 
ATOM   510  O OE1 . GLU A 1 65 ? 10.738  9.460   -4.205  1.00 12.91 ? 75   GLU A OE1 1 
ATOM   511  O OE2 . GLU A 1 65 ? 10.601  8.101   -5.871  1.00 12.61 ? 75   GLU A OE2 1 
ATOM   512  N N   . LEU A 1 66 ? 5.898   6.292   -3.784  1.00 12.28 ? 76   LEU A N   1 
ATOM   513  C CA  . LEU A 1 66 ? 4.684   6.847   -3.191  1.00 11.63 ? 76   LEU A CA  1 
ATOM   514  C C   . LEU A 1 66 ? 4.111   5.958   -2.074  1.00 11.47 ? 76   LEU A C   1 
ATOM   515  O O   . LEU A 1 66 ? 3.792   6.426   -0.985  1.00 12.02 ? 76   LEU A O   1 
ATOM   516  C CB  . LEU A 1 66 ? 3.627   7.032   -4.286  1.00 12.06 ? 76   LEU A CB  1 
ATOM   517  C CG  . LEU A 1 66 ? 2.250   7.504   -3.752  1.00 14.47 ? 76   LEU A CG  1 
ATOM   518  C CD1 . LEU A 1 66 ? 2.377   8.841   -3.093  1.00 14.85 ? 76   LEU A CD1 1 
ATOM   519  C CD2 . LEU A 1 66 ? 1.245   7.568   -4.847  1.00 18.20 ? 76   LEU A CD2 1 
ATOM   520  N N   . GLU A 1 67 ? 4.046   4.663   -2.327  1.00 12.72 ? 77   GLU A N   1 
ATOM   521  C CA  . GLU A 1 67 ? 3.410   3.735   -1.373  1.00 12.17 ? 77   GLU A CA  1 
ATOM   522  C C   . GLU A 1 67 ? 4.158   3.661   -0.053  1.00 11.57 ? 77   GLU A C   1 
ATOM   523  O O   . GLU A 1 67 ? 3.559   3.703   1.027   1.00 10.39 ? 77   GLU A O   1 
ATOM   524  C CB  . GLU A 1 67 ? 3.227   2.371   -2.055  1.00 10.97 ? 77   GLU A CB  1 
ATOM   525  C CG  . GLU A 1 67 ? 2.168   2.447   -3.131  1.00 13.22 ? 77   GLU A CG  1 
ATOM   526  C CD  . GLU A 1 67 ? 2.325   1.464   -4.280  1.00 15.07 ? 77   GLU A CD  1 
ATOM   527  O OE1 . GLU A 1 67 ? 1.416   1.474   -5.168  1.00 15.12 ? 77   GLU A OE1 1 
ATOM   528  O OE2 . GLU A 1 67 ? 3.330   0.692   -4.345  1.00 15.87 ? 77   GLU A OE2 1 
ATOM   529  N N   . ILE A 1 68 ? 5.484   3.694   -0.114  1.00 12.39 ? 78   ILE A N   1 
ATOM   530  C CA  . ILE A 1 68 ? 6.261   3.684   1.129   1.00 13.61 ? 78   ILE A CA  1 
ATOM   531  C C   . ILE A 1 68 ? 6.074   4.971   1.943   1.00 13.00 ? 78   ILE A C   1 
ATOM   532  O O   . ILE A 1 68 ? 6.209   4.968   3.145   1.00 13.00 ? 78   ILE A O   1 
ATOM   533  C CB  . ILE A 1 68 ? 7.767   3.349   0.848   1.00 13.83 ? 78   ILE A CB  1 
ATOM   534  C CG1 . ILE A 1 68 ? 8.444   2.797   2.101   1.00 19.20 ? 78   ILE A CG1 1 
ATOM   535  C CG2 . ILE A 1 68 ? 8.502   4.557   0.421   1.00 18.16 ? 78   ILE A CG2 1 
ATOM   536  C CD1 . ILE A 1 68 ? 8.126   1.298   2.283   1.00 20.95 ? 78   ILE A CD1 1 
ATOM   537  N N   . ASN A 1 69 ? 5.752   6.053   1.268   1.00 13.92 ? 79   ASN A N   1 
ATOM   538  C CA  . ASN A 1 69 ? 5.493   7.351   1.908   1.00 16.01 ? 79   ASN A CA  1 
ATOM   539  C C   . ASN A 1 69 ? 4.043   7.595   2.339   1.00 17.84 ? 79   ASN A C   1 
ATOM   540  O O   . ASN A 1 69 ? 3.735   8.697   2.824   1.00 18.53 ? 79   ASN A O   1 
ATOM   541  C CB  . ASN A 1 69 ? 5.917   8.457   0.960   1.00 15.94 ? 79   ASN A CB  1 
ATOM   542  C CG  . ASN A 1 69 ? 7.410   8.649   0.949   1.00 19.58 ? 79   ASN A CG  1 
ATOM   543  O OD1 . ASN A 1 69 ? 8.135   8.122   0.086   1.00 21.04 ? 79   ASN A OD1 1 
ATOM   544  N ND2 . ASN A 1 69 ? 7.893   9.382   1.938   1.00 20.93 ? 79   ASN A ND2 1 
ATOM   545  N N   . LEU A 1 70 ? 3.169   6.591   2.176   1.00 18.38 ? 80   LEU A N   1 
ATOM   546  C CA  . LEU A 1 70 ? 1.814   6.681   2.695   1.00 19.57 ? 80   LEU A CA  1 
ATOM   547  C C   . LEU A 1 70 ? 1.802   6.343   4.159   1.00 20.86 ? 80   LEU A C   1 
ATOM   548  O O   . LEU A 1 70 ? 2.009   5.183   4.544   1.00 20.90 ? 80   LEU A O   1 
ATOM   549  C CB  . LEU A 1 70 ? 0.856   5.743   1.965   1.00 20.30 ? 80   LEU A CB  1 
ATOM   550  C CG  . LEU A 1 70 ? 0.605   5.934   0.489   1.00 24.10 ? 80   LEU A CG  1 
ATOM   551  C CD1 . LEU A 1 70 ? -0.518  5.001   0.028   1.00 25.44 ? 80   LEU A CD1 1 
ATOM   552  C CD2 . LEU A 1 70 ? 0.293   7.382   0.184   1.00 27.60 ? 80   LEU A CD2 1 
ATOM   553  N N   . ALA A 1 71 ? 1.536   7.334   4.995   1.00 20.97 ? 81   ALA A N   1 
ATOM   554  C CA  . ALA A 1 71 ? 1.412   7.081   6.424   1.00 22.29 ? 81   ALA A CA  1 
ATOM   555  C C   . ALA A 1 71 ? 0.095   6.420   6.722   1.00 21.97 ? 81   ALA A C   1 
ATOM   556  O O   . ALA A 1 71 ? -0.031  5.653   7.688   1.00 23.62 ? 81   ALA A O   1 
ATOM   557  C CB  . ALA A 1 71 ? 1.544   8.394   7.217   1.00 22.42 ? 81   ALA A CB  1 
ATOM   558  N N   . SER A 1 72 ? -0.897  6.732   5.898   1.00 19.72 ? 82   SER A N   1 
ATOM   559  C CA  . SER A 1 72 ? -2.229  6.187   6.011   1.00 20.48 ? 82   SER A CA  1 
ATOM   560  C C   . SER A 1 72 ? -3.015  6.468   4.717   1.00 19.46 ? 82   SER A C   1 
ATOM   561  O O   . SER A 1 72 ? -2.456  6.994   3.765   1.00 18.01 ? 82   SER A O   1 
ATOM   562  C CB  . SER A 1 72 ? -2.917  6.796   7.241   1.00 21.33 ? 82   SER A CB  1 
ATOM   563  O OG  . SER A 1 72 ? -4.024  6.028   7.596   1.00 23.32 ? 82   SER A OG  1 
ATOM   564  N N   . PHE A 1 73 ? -4.286  6.063   4.665   1.00 19.42 ? 83   PHE A N   1 
ATOM   565  C CA  . PHE A 1 73 ? -5.149  6.386   3.547   1.00 19.02 ? 83   PHE A CA  1 
ATOM   566  C C   . PHE A 1 73 ? -6.607  6.121   3.925   1.00 20.53 ? 83   PHE A C   1 
ATOM   567  O O   . PHE A 1 73 ? -6.889  5.444   4.925   1.00 20.22 ? 83   PHE A O   1 
ATOM   568  C CB  . PHE A 1 73 ? -4.813  5.553   2.301   1.00 18.48 ? 83   PHE A CB  1 
ATOM   569  C CG  . PHE A 1 73 ? -4.938  4.064   2.522   1.00 17.42 ? 83   PHE A CG  1 
ATOM   570  C CD1 . PHE A 1 73 ? -6.080  3.389   2.168   1.00 17.83 ? 83   PHE A CD1 1 
ATOM   571  C CD2 . PHE A 1 73 ? -3.919  3.359   3.128   1.00 19.54 ? 83   PHE A CD2 1 
ATOM   572  C CE1 . PHE A 1 73 ? -6.176  2.010   2.394   1.00 19.81 ? 83   PHE A CE1 1 
ATOM   573  C CE2 . PHE A 1 73 ? -4.017  1.997   3.362   1.00 22.14 ? 83   PHE A CE2 1 
ATOM   574  C CZ  . PHE A 1 73 ? -5.134  1.332   3.005   1.00 20.45 ? 83   PHE A CZ  1 
ATOM   575  N N   . ALA A 1 74 ? -7.504  6.641   3.092   1.00 20.14 ? 84   ALA A N   1 
ATOM   576  C CA  . ALA A 1 74 ? -8.932  6.440   3.256   1.00 21.03 ? 84   ALA A CA  1 
ATOM   577  C C   . ALA A 1 74 ? -9.428  5.816   1.994   1.00 21.19 ? 84   ALA A C   1 
ATOM   578  O O   . ALA A 1 74 ? -8.993  6.158   0.898   1.00 20.50 ? 84   ALA A O   1 
ATOM   579  C CB  . ALA A 1 74 ? -9.692  7.777   3.520   1.00 21.98 ? 84   ALA A CB  1 
ATOM   580  N N   . GLY A 1 75 ? -10.380 4.921   2.156   1.00 22.23 ? 85   GLY A N   1 
ATOM   581  C CA  . GLY A 1 75 ? -10.899 4.165   1.055   1.00 22.48 ? 85   GLY A CA  1 
ATOM   582  C C   . GLY A 1 75 ? -10.168 2.841   0.925   1.00 22.07 ? 85   GLY A C   1 
ATOM   583  O O   . GLY A 1 75 ? -9.333  2.472   1.739   1.00 22.68 ? 85   GLY A O   1 
ATOM   584  N N   . GLN A 1 76 ? -10.541 2.156   -0.131  1.00 21.68 ? 86   GLN A N   1 
ATOM   585  C CA  . GLN A 1 76 ? -10.014 0.869   -0.547  1.00 23.01 ? 86   GLN A CA  1 
ATOM   586  C C   . GLN A 1 76 ? -8.964  1.142   -1.614  1.00 21.25 ? 86   GLN A C   1 
ATOM   587  O O   . GLN A 1 76 ? -9.023  2.189   -2.244  1.00 19.05 ? 86   GLN A O   1 
ATOM   588  C CB  . GLN A 1 76 ? -11.174 0.083   -1.166  1.00 23.59 ? 86   GLN A CB  1 
ATOM   589  C CG  . GLN A 1 76 ? -11.055 -1.338  -1.035  1.00 29.15 ? 86   GLN A CG  1 
ATOM   590  C CD  . GLN A 1 76 ? -11.956 -1.930  0.020   1.00 32.31 ? 86   GLN A CD  1 
ATOM   591  O OE1 . GLN A 1 76 ? -12.661 -2.894  -0.264  1.00 36.25 ? 86   GLN A OE1 1 
ATOM   592  N NE2 . GLN A 1 76 ? -11.878 -1.424  1.243   1.00 33.97 ? 86   GLN A NE2 1 
ATOM   593  N N   . ILE A 1 77 ? -8.028  0.208   -1.821  1.00 20.39 ? 87   ILE A N   1 
ATOM   594  C CA  . ILE A 1 77 ? -6.936  0.361   -2.778  1.00 19.73 ? 87   ILE A CA  1 
ATOM   595  C C   . ILE A 1 77 ? -6.977  -0.697  -3.878  1.00 19.74 ? 87   ILE A C   1 
ATOM   596  O O   . ILE A 1 77 ? -7.076  -1.876  -3.599  1.00 20.86 ? 87   ILE A O   1 
ATOM   597  C CB  . ILE A 1 77 ? -5.560  0.288   -2.037  1.00 19.10 ? 87   ILE A CB  1 
ATOM   598  C CG1 . ILE A 1 77 ? -5.392  1.497   -1.134  1.00 19.57 ? 87   ILE A CG1 1 
ATOM   599  C CG2 . ILE A 1 77 ? -4.397  0.175   -3.061  1.00 18.55 ? 87   ILE A CG2 1 
ATOM   600  C CD1 . ILE A 1 77 ? -4.049  1.581   -0.367  1.00 17.00 ? 87   ILE A CD1 1 
ATOM   601  N N   . GLN A 1 78 ? -6.882  -0.266  -5.122  1.00 20.32 ? 88   GLN A N   1 
ATOM   602  C CA  . GLN A 1 78 ? -6.395  -1.075  -6.226  1.00 20.18 ? 88   GLN A CA  1 
ATOM   603  C C   . GLN A 1 78 ? -5.121  -0.427  -6.754  1.00 19.67 ? 88   GLN A C   1 
ATOM   604  O O   . GLN A 1 78 ? -5.089  0.778   -7.010  1.00 20.87 ? 88   GLN A O   1 
ATOM   605  C CB  . GLN A 1 78 ? -7.375  -1.167  -7.374  1.00 21.80 ? 88   GLN A CB  1 
ATOM   606  C CG  . GLN A 1 78 ? -8.543  -2.051  -7.079  1.00 25.44 ? 88   GLN A CG  1 
ATOM   607  C CD  . GLN A 1 78 ? -9.683  -1.908  -8.076  1.00 29.58 ? 88   GLN A CD  1 
ATOM   608  O OE1 . GLN A 1 78 ? -9.696  -0.984  -8.902  1.00 31.53 ? 88   GLN A OE1 1 
ATOM   609  N NE2 . GLN A 1 78 ? -10.652 -2.844  -7.998  1.00 28.52 ? 88   GLN A NE2 1 
ATOM   610  N N   . ALA A 1 79 ? -4.080  -1.211  -6.938  1.00 19.44 ? 89   ALA A N   1 
ATOM   611  C CA  . ALA A 1 79 ? -2.775  -0.663  -7.349  1.00 18.74 ? 89   ALA A CA  1 
ATOM   612  C C   . ALA A 1 79 ? -2.016  -1.609  -8.253  1.00 18.50 ? 89   ALA A C   1 
ATOM   613  O O   . ALA A 1 79 ? -2.087  -2.817  -8.095  1.00 17.66 ? 89   ALA A O   1 
ATOM   614  C CB  . ALA A 1 79 ? -1.925  -0.317  -6.105  1.00 18.27 ? 89   ALA A CB  1 
ATOM   615  N N   . ASP A 1 80 ? -1.298  -1.041  -9.205  1.00 19.14 ? 90   ASP A N   1 
ATOM   616  C CA  . ASP A 1 80 ? -0.360  -1.785  -10.067 1.00 20.34 ? 90   ASP A CA  1 
ATOM   617  C C   . ASP A 1 80 ? 0.854   -0.901  -10.406 1.00 20.20 ? 90   ASP A C   1 
ATOM   618  O O   . ASP A 1 80 ? 1.079   0.109   -9.742  1.00 20.22 ? 90   ASP A O   1 
ATOM   619  C CB  . ASP A 1 80 ? -1.087  -2.334  -11.330 1.00 21.26 ? 90   ASP A CB  1 
ATOM   620  C CG  . ASP A 1 80 ? -1.810  -1.237  -12.150 1.00 25.19 ? 90   ASP A CG  1 
ATOM   621  O OD1 . ASP A 1 80 ? -1.426  -0.034  -12.125 1.00 18.89 ? 90   ASP A OD1 1 
ATOM   622  O OD2 . ASP A 1 80 ? -2.835  -1.488  -12.831 1.00 28.38 ? 90   ASP A OD2 1 
ATOM   623  N N   . GLU A 1 81 ? 1.645   -1.265  -11.413 1.00 20.62 ? 91   GLU A N   1 
ATOM   624  C CA  . GLU A 1 81 ? 2.833   -0.515  -11.783 1.00 21.15 ? 91   GLU A CA  1 
ATOM   625  C C   . GLU A 1 81 ? 2.487   0.835   -12.452 1.00 20.81 ? 91   GLU A C   1 
ATOM   626  O O   . GLU A 1 81 ? 3.317   1.729   -12.509 1.00 20.36 ? 91   GLU A O   1 
ATOM   627  C CB  . GLU A 1 81 ? 3.801   -1.339  -12.672 1.00 21.78 ? 91   GLU A CB  1 
ATOM   628  C CG  . GLU A 1 81 ? 3.297   -1.602  -14.091 1.00 26.32 ? 91   GLU A CG  1 
ATOM   629  C CD  . GLU A 1 81 ? 4.360   -2.134  -15.061 1.00 34.28 ? 91   GLU A CD  1 
ATOM   630  O OE1 . GLU A 1 81 ? 4.000   -2.352  -16.242 1.00 41.04 ? 91   GLU A OE1 1 
ATOM   631  O OE2 . GLU A 1 81 ? 5.539   -2.354  -14.673 1.00 38.97 ? 91   GLU A OE2 1 
ATOM   632  N N   . ASP A 1 82 ? 1.264   0.988   -12.923 1.00 19.85 ? 92   ASP A N   1 
ATOM   633  C CA  . ASP A 1 82 ? 0.847   2.202   -13.599 1.00 19.75 ? 92   ASP A CA  1 
ATOM   634  C C   . ASP A 1 82 ? 0.082   3.241   -12.783 1.00 18.53 ? 92   ASP A C   1 
ATOM   635  O O   . ASP A 1 82 ? 0.040   4.394   -13.194 1.00 17.41 ? 92   ASP A O   1 
ATOM   636  C CB  . ASP A 1 82 ? 0.007   1.867   -14.845 1.00 20.68 ? 92   ASP A CB  1 
ATOM   637  C CG  . ASP A 1 82 ? 0.788   1.091   -15.879 1.00 22.94 ? 92   ASP A CG  1 
ATOM   638  O OD1 . ASP A 1 82 ? 2.022   1.316   -16.067 1.00 23.94 ? 92   ASP A OD1 1 
ATOM   639  O OD2 . ASP A 1 82 ? 0.239   0.192   -16.524 1.00 27.36 ? 92   ASP A OD2 1 
ATOM   640  N N   . GLN A 1 83 ? -0.553  2.852   -11.697 1.00 18.50 ? 93   GLN A N   1 
ATOM   641  C CA  . GLN A 1 83 ? -1.378  3.779   -10.889 1.00 18.60 ? 93   GLN A CA  1 
ATOM   642  C C   . GLN A 1 83 ? -1.835  3.209   -9.561  1.00 17.15 ? 93   GLN A C   1 
ATOM   643  O O   . GLN A 1 83 ? -1.760  2.030   -9.316  1.00 16.10 ? 93   GLN A O   1 
ATOM   644  C CB  . GLN A 1 83 ? -2.633  4.219   -11.658 1.00 19.98 ? 93   GLN A CB  1 
ATOM   645  C CG  . GLN A 1 83 ? -3.631  3.098   -12.045 1.00 22.93 ? 93   GLN A CG  1 
ATOM   646  C CD  . GLN A 1 83 ? -4.963  3.686   -12.531 1.00 28.61 ? 93   GLN A CD  1 
ATOM   647  O OE1 . GLN A 1 83 ? -4.976  4.556   -13.399 1.00 31.95 ? 93   GLN A OE1 1 
ATOM   648  N NE2 . GLN A 1 83 ? -6.051  3.265   -11.924 1.00 32.05 ? 93   GLN A NE2 1 
ATOM   649  N N   . ILE A 1 84 ? -2.345  4.072   -8.690  1.00 17.20 ? 94   ILE A N   1 
ATOM   650  C CA  . ILE A 1 84 ? -3.046  3.609   -7.509  1.00 16.56 ? 94   ILE A CA  1 
ATOM   651  C C   . ILE A 1 84 ? -4.422  4.278   -7.494  1.00 16.96 ? 94   ILE A C   1 
ATOM   652  O O   . ILE A 1 84 ? -4.604  5.444   -7.901  1.00 17.44 ? 94   ILE A O   1 
ATOM   653  C CB  . ILE A 1 84 ? -2.211  3.891   -6.232  1.00 15.28 ? 94   ILE A CB  1 
ATOM   654  C CG1 . ILE A 1 84 ? -2.861  3.282   -4.975  1.00 16.94 ? 94   ILE A CG1 1 
ATOM   655  C CG2 . ILE A 1 84 ? -2.082  5.437   -6.058  1.00 16.57 ? 94   ILE A CG2 1 
ATOM   656  C CD1 . ILE A 1 84 ? -1.985  3.249   -3.758  1.00 16.90 ? 94   ILE A CD1 1 
ATOM   657  N N   . ARG A 1 85 ? -5.414  3.525   -7.068  1.00 17.51 ? 95   ARG A N   1 
ATOM   658  C CA  . ARG A 1 85 ? -6.789  4.033   -7.015  1.00 18.54 ? 95   ARG A CA  1 
ATOM   659  C C   . ARG A 1 85 ? -7.340  3.847   -5.640  1.00 17.93 ? 95   ARG A C   1 
ATOM   660  O O   . ARG A 1 85 ? -7.428  2.718   -5.150  1.00 19.25 ? 95   ARG A O   1 
ATOM   661  C CB  . ARG A 1 85 ? -7.670  3.283   -8.015  1.00 19.98 ? 95   ARG A CB  1 
ATOM   662  C CG  . ARG A 1 85 ? -9.191  3.406   -7.804  1.00 22.81 ? 95   ARG A CG  1 
ATOM   663  C CD  . ARG A 1 85 ? -10.023 2.857   -9.001  1.00 28.93 ? 95   ARG A CD  1 
ATOM   664  N NE  . ARG A 1 85 ? -11.468 3.075   -8.780  1.00 32.92 ? 95   ARG A NE  1 
ATOM   665  C CZ  . ARG A 1 85 ? -12.385 2.123   -8.546  1.00 34.72 ? 95   ARG A CZ  1 
ATOM   666  N NH1 . ARG A 1 85 ? -12.062 0.839   -8.474  1.00 33.03 ? 95   ARG A NH1 1 
ATOM   667  N NH2 . ARG A 1 85 ? -13.666 2.482   -8.375  1.00 37.82 ? 95   ARG A NH2 1 
ATOM   668  N N   . PHE A 1 86 ? -7.715  4.950   -5.002  1.00 16.90 ? 96   PHE A N   1 
ATOM   669  C CA  . PHE A 1 86 ? -8.397  4.913   -3.744  1.00 17.04 ? 96   PHE A CA  1 
ATOM   670  C C   . PHE A 1 86 ? -9.888  5.055   -4.082  1.00 19.05 ? 96   PHE A C   1 
ATOM   671  O O   . PHE A 1 86 ? -10.248 5.933   -4.881  1.00 19.52 ? 96   PHE A O   1 
ATOM   672  C CB  . PHE A 1 86 ? -7.946  6.070   -2.868  1.00 16.82 ? 96   PHE A CB  1 
ATOM   673  C CG  . PHE A 1 86 ? -6.453  6.063   -2.590  1.00 16.19 ? 96   PHE A CG  1 
ATOM   674  C CD1 . PHE A 1 86 ? -5.581  6.749   -3.418  1.00 16.30 ? 96   PHE A CD1 1 
ATOM   675  C CD2 . PHE A 1 86 ? -5.942  5.346   -1.523  1.00 17.04 ? 96   PHE A CD2 1 
ATOM   676  C CE1 . PHE A 1 86 ? -4.198  6.758   -3.169  1.00 15.82 ? 96   PHE A CE1 1 
ATOM   677  C CE2 . PHE A 1 86 ? -4.564  5.306   -1.292  1.00 17.66 ? 96   PHE A CE2 1 
ATOM   678  C CZ  . PHE A 1 86 ? -3.698  6.035   -2.108  1.00 15.85 ? 96   PHE A CZ  1 
ATOM   679  N N   . TYR A 1 87 ? -10.720 4.223   -3.490  1.00 20.11 ? 97   TYR A N   1 
ATOM   680  C CA  . TYR A 1 87 ? -12.139 4.193   -3.858  1.00 22.98 ? 97   TYR A CA  1 
ATOM   681  C C   . TYR A 1 87 ? -13.051 3.721   -2.733  1.00 25.01 ? 97   TYR A C   1 
ATOM   682  O O   . TYR A 1 87 ? -12.643 2.944   -1.867  1.00 25.79 ? 97   TYR A O   1 
ATOM   683  C CB  . TYR A 1 87 ? -12.352 3.364   -5.134  1.00 22.49 ? 97   TYR A CB  1 
ATOM   684  C CG  . TYR A 1 87 ? -12.185 1.866   -4.968  1.00 25.94 ? 97   TYR A CG  1 
ATOM   685  C CD1 . TYR A 1 87 ? -13.308 1.003   -4.870  1.00 24.54 ? 97   TYR A CD1 1 
ATOM   686  C CD2 . TYR A 1 87 ? -10.901 1.297   -4.888  1.00 24.93 ? 97   TYR A CD2 1 
ATOM   687  C CE1 . TYR A 1 87 ? -13.140 -0.395  -4.713  1.00 25.82 ? 97   TYR A CE1 1 
ATOM   688  C CE2 . TYR A 1 87 ? -10.732 -0.064  -4.745  1.00 24.03 ? 97   TYR A CE2 1 
ATOM   689  C CZ  . TYR A 1 87 ? -11.841 -0.909  -4.673  1.00 25.81 ? 97   TYR A CZ  1 
ATOM   690  O OH  . TYR A 1 87 ? -11.600 -2.243  -4.503  1.00 26.08 ? 97   TYR A OH  1 
ATOM   691  N N   . PHE A 1 88 ? -14.298 4.195   -2.742  1.00 27.97 ? 98   PHE A N   1 
ATOM   692  C CA  . PHE A 1 88 ? -15.282 3.803   -1.710  1.00 29.46 ? 98   PHE A CA  1 
ATOM   693  C C   . PHE A 1 88 ? -16.018 2.574   -2.205  1.00 29.97 ? 98   PHE A C   1 
ATOM   694  O O   . PHE A 1 88 ? -16.429 2.624   -3.390  1.00 31.77 ? 98   PHE A O   1 
ATOM   695  C CB  . PHE A 1 88 ? -16.307 4.935   -1.414  1.00 30.81 ? 98   PHE A CB  1 
ATOM   696  C CG  . PHE A 1 88 ? -17.290 4.589   -0.286  1.00 32.88 ? 98   PHE A CG  1 
ATOM   697  C CD1 . PHE A 1 88 ? -16.879 4.629   1.054   1.00 36.19 ? 98   PHE A CD1 1 
ATOM   698  C CD2 . PHE A 1 88 ? -18.590 4.207   -0.565  1.00 36.65 ? 98   PHE A CD2 1 
ATOM   699  C CE1 . PHE A 1 88 ? -17.761 4.302   2.097   1.00 38.54 ? 98   PHE A CE1 1 
ATOM   700  C CE2 . PHE A 1 88 ? -19.490 3.879   0.491   1.00 39.53 ? 98   PHE A CE2 1 
ATOM   701  C CZ  . PHE A 1 88 ? -19.070 3.939   1.809   1.00 38.57 ? 98   PHE A CZ  1 
ATOM   702  N N   . ASN B 2 1  ? 16.014  -8.682  -4.350  1.00 36.17 ? 11   ASN B N   1 
ATOM   703  C CA  . ASN B 2 1  ? 15.749  -10.128 -4.376  1.00 34.35 ? 11   ASN B CA  1 
ATOM   704  C C   . ASN B 2 1  ? 14.568  -10.485 -3.430  1.00 31.70 ? 11   ASN B C   1 
ATOM   705  O O   . ASN B 2 1  ? 13.537  -10.978 -3.893  1.00 30.47 ? 11   ASN B O   1 
ATOM   706  C CB  . ASN B 2 1  ? 17.046  -10.883 -4.037  1.00 36.09 ? 11   ASN B CB  1 
ATOM   707  C CG  . ASN B 2 1  ? 16.881  -12.386 -4.111  1.00 39.60 ? 11   ASN B CG  1 
ATOM   708  O OD1 . ASN B 2 1  ? 15.783  -12.877 -4.377  1.00 46.59 ? 11   ASN B OD1 1 
ATOM   709  N ND2 . ASN B 2 1  ? 17.969  -13.130 -3.863  1.00 43.90 ? 11   ASN B ND2 1 
ATOM   710  N N   . ASN B 2 2  ? 14.710  -10.225 -2.133  1.00 28.10 ? 12   ASN B N   1 
ATOM   711  C CA  . ASN B 2 2  ? 13.684  -10.625 -1.160  1.00 26.16 ? 12   ASN B CA  1 
ATOM   712  C C   . ASN B 2 2  ? 12.613  -9.549  -0.985  1.00 23.97 ? 12   ASN B C   1 
ATOM   713  O O   . ASN B 2 2  ? 12.942  -8.370  -0.922  1.00 23.48 ? 12   ASN B O   1 
ATOM   714  C CB  . ASN B 2 2  ? 14.314  -11.023 0.162   1.00 26.34 ? 12   ASN B CB  1 
ATOM   715  C CG  . ASN B 2 2  ? 15.249  -12.213 0.021   1.00 28.50 ? 12   ASN B CG  1 
ATOM   716  O OD1 . ASN B 2 2  ? 14.857  -13.242 -0.501  1.00 31.82 ? 12   ASN B OD1 1 
ATOM   717  N ND2 . ASN B 2 2  ? 16.508  -12.045 0.415   1.00 31.58 ? 12   ASN B ND2 1 
ATOM   718  N N   . VAL B 2 3  ? 11.339  -9.959  -0.960  1.00 20.95 ? 13   VAL B N   1 
ATOM   719  C CA  . VAL B 2 3  ? 10.181  -9.046  -0.960  1.00 18.35 ? 13   VAL B CA  1 
ATOM   720  C C   . VAL B 2 3  ? 9.166   -9.481  0.080   1.00 17.18 ? 13   VAL B C   1 
ATOM   721  O O   . VAL B 2 3  ? 9.147   -10.641 0.480   1.00 15.78 ? 13   VAL B O   1 
ATOM   722  C CB  . VAL B 2 3  ? 9.503   -8.958  -2.362  1.00 18.03 ? 13   VAL B CB  1 
ATOM   723  C CG1 . VAL B 2 3  ? 10.467  -8.360  -3.409  1.00 18.38 ? 13   VAL B CG1 1 
ATOM   724  C CG2 . VAL B 2 3  ? 8.986   -10.338 -2.864  1.00 17.95 ? 13   VAL B CG2 1 
ATOM   725  N N   . GLY B 2 4  ? 8.324   -8.552  0.542   1.00 16.34 ? 14   GLY B N   1 
ATOM   726  C CA  . GLY B 2 4  ? 7.364   -8.857  1.562   1.00 16.05 ? 14   GLY B CA  1 
ATOM   727  C C   . GLY B 2 4  ? 7.093   -7.749  2.568   1.00 17.71 ? 14   GLY B C   1 
ATOM   728  O O   . GLY B 2 4  ? 7.777   -6.709  2.588   1.00 15.94 ? 14   GLY B O   1 
ATOM   729  N N   . PRO B 2 5  ? 6.111   -7.982  3.412   1.00 18.08 ? 15   PRO B N   1 
ATOM   730  C CA  . PRO B 2 5  ? 5.648   -6.993  4.399   1.00 19.43 ? 15   PRO B CA  1 
ATOM   731  C C   . PRO B 2 5  ? 6.476   -6.919  5.651   1.00 20.85 ? 15   PRO B C   1 
ATOM   732  O O   . PRO B 2 5  ? 7.143   -7.898  6.014   1.00 19.08 ? 15   PRO B O   1 
ATOM   733  C CB  . PRO B 2 5  ? 4.278   -7.523  4.771   1.00 19.12 ? 15   PRO B CB  1 
ATOM   734  C CG  . PRO B 2 5  ? 4.500   -9.001  4.717   1.00 19.61 ? 15   PRO B CG  1 
ATOM   735  C CD  . PRO B 2 5  ? 5.342   -9.240  3.519   1.00 19.25 ? 15   PRO B CD  1 
ATOM   736  N N   . ILE B 2 6  ? 6.453   -5.752  6.292   1.00 22.15 ? 16   ILE B N   1 
ATOM   737  C CA  . ILE B 2 6  ? 6.938   -5.582  7.655   1.00 25.04 ? 16   ILE B CA  1 
ATOM   738  C C   . ILE B 2 6  ? 5.751   -5.163  8.541   1.00 27.85 ? 16   ILE B C   1 
ATOM   739  O O   . ILE B 2 6  ? 5.115   -4.113  8.279   1.00 27.16 ? 16   ILE B O   1 
ATOM   740  C CB  . ILE B 2 6  ? 8.059   -4.556  7.706   1.00 25.16 ? 16   ILE B CB  1 
ATOM   741  C CG1 . ILE B 2 6  ? 9.337   -5.156  7.128   1.00 28.23 ? 16   ILE B CG1 1 
ATOM   742  C CG2 . ILE B 2 6  ? 8.322   -4.125  9.161   1.00 26.49 ? 16   ILE B CG2 1 
ATOM   743  C CD1 . ILE B 2 6  ? 9.955   -4.403  5.993   1.00 30.53 ? 16   ILE B CD1 1 
ATOM   744  N N   . ILE B 2 7  ? 5.492   -5.969  9.580   1.00 30.06 ? 17   ILE B N   1 
ATOM   745  C CA  . ILE B 2 7  ? 4.292   -5.919  10.434  1.00 32.66 ? 17   ILE B CA  1 
ATOM   746  C C   . ILE B 2 7  ? 4.750   -5.646  11.873  1.00 35.00 ? 17   ILE B C   1 
ATOM   747  O O   . ILE B 2 7  ? 5.828   -6.098  12.270  1.00 33.98 ? 17   ILE B O   1 
ATOM   748  C CB  . ILE B 2 7  ? 3.525   -7.296  10.368  1.00 33.49 ? 17   ILE B CB  1 
ATOM   749  C CG1 . ILE B 2 7  ? 3.157   -7.695  8.935   1.00 33.83 ? 17   ILE B CG1 1 
ATOM   750  C CG2 . ILE B 2 7  ? 2.269   -7.305  11.214  1.00 35.07 ? 17   ILE B CG2 1 
ATOM   751  C CD1 . ILE B 2 7  ? 2.264   -6.706  8.243   1.00 33.83 ? 17   ILE B CD1 1 
ATOM   752  N N   . ARG B 2 8  ? 3.970   -4.890  12.658  1.00 38.09 ? 18   ARG B N   1 
ATOM   753  C CA  . ARG B 2 8  ? 4.285   -4.714  14.096  1.00 40.87 ? 18   ARG B CA  1 
ATOM   754  C C   . ARG B 2 8  ? 3.753   -5.896  14.924  1.00 42.36 ? 18   ARG B C   1 
ATOM   755  O O   . ARG B 2 8  ? 2.762   -6.513  14.542  1.00 43.32 ? 18   ARG B O   1 
ATOM   756  C CB  . ARG B 2 8  ? 3.788   -3.334  14.617  1.00 42.25 ? 18   ARG B CB  1 
ATOM   757  C CG  . ARG B 2 8  ? 2.662   -3.362  15.695  1.00 45.55 ? 18   ARG B CG  1 
ATOM   758  C CD  . ARG B 2 8  ? 2.021   -1.973  16.020  1.00 49.89 ? 18   ARG B CD  1 
ATOM   759  N NE  . ARG B 2 8  ? 0.565   -1.918  15.742  1.00 53.37 ? 18   ARG B NE  1 
ATOM   760  C CZ  . ARG B 2 8  ? -0.285  -0.981  16.213  1.00 55.64 ? 18   ARG B CZ  1 
ATOM   761  N NH1 . ARG B 2 8  ? 0.159   0.018   16.990  1.00 56.11 ? 18   ARG B NH1 1 
ATOM   762  N NH2 . ARG B 2 8  ? -1.587  -1.040  15.894  1.00 54.41 ? 18   ARG B NH2 1 
ATOM   763  N N   . GLY B 2 9  ? 4.405   -6.202  16.056  1.00 44.63 ? 19   GLY B N   1 
ATOM   764  C CA  . GLY B 2 9  ? 4.004   -7.289  16.944  1.00 45.70 ? 19   GLY B CA  1 
ATOM   765  C C   . GLY B 2 9  ? 2.540   -7.133  17.311  1.00 46.79 ? 19   GLY B C   1 
ATOM   766  O O   . GLY B 2 9  ? 2.146   -6.073  17.787  1.00 47.75 ? 19   GLY B O   1 
ATOM   767  N N   . ASP B 2 10 ? 1.718   -8.154  17.065  1.00 47.89 ? 20   ASP B N   1 
ATOM   768  C CA  . ASP B 2 10 ? 0.266   -7.921  17.001  1.00 48.25 ? 20   ASP B CA  1 
ATOM   769  C C   . ASP B 2 10 ? -0.532  -9.167  16.618  1.00 47.82 ? 20   ASP B C   1 
ATOM   770  O O   . ASP B 2 10 ? 0.037   -10.231 16.419  1.00 47.65 ? 20   ASP B O   1 
ATOM   771  C CB  . ASP B 2 10 ? -0.020  -6.818  15.956  1.00 49.02 ? 20   ASP B CB  1 
ATOM   772  C CG  . ASP B 2 10 ? -0.931  -5.705  16.488  1.00 51.12 ? 20   ASP B CG  1 
ATOM   773  O OD1 . ASP B 2 10 ? -0.576  -5.076  17.511  1.00 53.96 ? 20   ASP B OD1 1 
ATOM   774  O OD2 . ASP B 2 10 ? -2.010  -5.378  15.931  1.00 52.77 ? 20   ASP B OD2 1 
ATOM   775  N N   . LEU B 2 11 ? -1.853  -9.003  16.467  1.00 47.24 ? 21   LEU B N   1 
ATOM   776  C CA  . LEU B 2 11 ? -2.744  -10.113 16.056  1.00 46.51 ? 21   LEU B CA  1 
ATOM   777  C C   . LEU B 2 11 ? -2.597  -10.451 14.578  1.00 44.93 ? 21   LEU B C   1 
ATOM   778  O O   . LEU B 2 11 ? -3.209  -11.413 14.096  1.00 44.47 ? 21   LEU B O   1 
ATOM   779  C CB  . LEU B 2 11 ? -4.239  -9.794  16.334  1.00 46.76 ? 21   LEU B CB  1 
ATOM   780  C CG  . LEU B 2 11 ? -4.731  -9.392  17.745  1.00 48.12 ? 21   LEU B CG  1 
ATOM   781  C CD1 . LEU B 2 11 ? -6.119  -9.983  18.089  1.00 49.03 ? 21   LEU B CD1 1 
ATOM   782  C CD2 . LEU B 2 11 ? -3.734  -9.724  18.836  1.00 48.58 ? 21   LEU B CD2 1 
ATOM   783  N N   . VAL B 2 12 ? -1.827  -9.647  13.843  1.00 43.30 ? 22   VAL B N   1 
ATOM   784  C CA  . VAL B 2 12 ? -1.710  -9.832  12.401  1.00 42.08 ? 22   VAL B CA  1 
ATOM   785  C C   . VAL B 2 12 ? -0.540  -10.734 12.031  1.00 40.67 ? 22   VAL B C   1 
ATOM   786  O O   . VAL B 2 12 ? -0.511  -11.262 10.940  1.00 40.20 ? 22   VAL B O   1 
ATOM   787  C CB  . VAL B 2 12 ? -1.498  -8.486  11.614  1.00 42.06 ? 22   VAL B CB  1 
ATOM   788  C CG1 . VAL B 2 12 ? -2.139  -8.596  10.282  1.00 40.91 ? 22   VAL B CG1 1 
ATOM   789  C CG2 . VAL B 2 12 ? -2.048  -7.258  12.375  1.00 43.19 ? 22   VAL B CG2 1 
ATOM   790  N N   . VAL B 2 13 ? 0.416   -10.874 12.935  1.00 39.79 ? 23   VAL B N   1 
ATOM   791  C CA  . VAL B 2 13 ? 1.726   -11.413 12.603  1.00 39.21 ? 23   VAL B CA  1 
ATOM   792  C C   . VAL B 2 13 ? 1.653   -12.873 12.205  1.00 38.15 ? 23   VAL B C   1 
ATOM   793  O O   . VAL B 2 13 ? 2.121   -13.229 11.145  1.00 37.16 ? 23   VAL B O   1 
ATOM   794  C CB  . VAL B 2 13 ? 2.689   -11.296 13.772  1.00 39.31 ? 23   VAL B CB  1 
ATOM   795  C CG1 . VAL B 2 13 ? 3.974   -12.095 13.507  1.00 40.26 ? 23   VAL B CG1 1 
ATOM   796  C CG2 . VAL B 2 13 ? 3.019   -9.861  14.015  1.00 40.52 ? 23   VAL B CG2 1 
ATOM   797  N N   . GLU B 2 14 ? 1.092   -13.706 13.079  1.00 36.80 ? 24   GLU B N   1 
ATOM   798  C CA  . GLU B 2 14 ? 0.988   -15.139 12.827  1.00 36.21 ? 24   GLU B CA  1 
ATOM   799  C C   . GLU B 2 14 ? 0.113   -15.453 11.625  1.00 34.80 ? 24   GLU B C   1 
ATOM   800  O O   . GLU B 2 14 ? 0.508   -16.239 10.797  1.00 34.14 ? 24   GLU B O   1 
ATOM   801  C CB  . GLU B 2 14 ? 0.491   -15.905 14.075  1.00 37.40 ? 24   GLU B CB  1 
ATOM   802  C CG  . GLU B 2 14 ? 0.343   -17.400 13.859  1.00 39.34 ? 24   GLU B CG  1 
ATOM   803  C CD  . GLU B 2 14 ? 1.598   -18.172 14.219  1.00 43.26 ? 24   GLU B CD  1 
ATOM   804  O OE1 . GLU B 2 14 ? 1.480   -19.110 15.048  1.00 47.02 ? 24   GLU B OE1 1 
ATOM   805  O OE2 . GLU B 2 14 ? 2.689   -17.844 13.695  1.00 41.73 ? 24   GLU B OE2 1 
ATOM   806  N N   . PRO B 2 15 ? -1.055  -14.847 11.490  1.00 32.63 ? 25   PRO B N   1 
ATOM   807  C CA  . PRO B 2 15 ? -1.814  -15.064 10.266  1.00 31.75 ? 25   PRO B CA  1 
ATOM   808  C C   . PRO B 2 15 ? -1.095  -14.585 8.997   1.00 28.97 ? 25   PRO B C   1 
ATOM   809  O O   . PRO B 2 15 ? -1.382  -15.192 7.969   1.00 29.59 ? 25   PRO B O   1 
ATOM   810  C CB  . PRO B 2 15 ? -3.132  -14.305 10.499  1.00 32.41 ? 25   PRO B CB  1 
ATOM   811  C CG  . PRO B 2 15 ? -2.938  -13.470 11.690  1.00 33.12 ? 25   PRO B CG  1 
ATOM   812  C CD  . PRO B 2 15 ? -1.770  -13.997 12.458  1.00 33.94 ? 25   PRO B CD  1 
ATOM   813  N N   . VAL B 2 16 ? -0.217  -13.570 9.053   1.00 26.79 ? 26   VAL B N   1 
ATOM   814  C CA  . VAL B 2 16 ? 0.515   -13.155 7.833   1.00 24.32 ? 26   VAL B CA  1 
ATOM   815  C C   . VAL B 2 16 ? 1.638   -14.147 7.545   1.00 22.25 ? 26   VAL B C   1 
ATOM   816  O O   . VAL B 2 16 ? 1.880   -14.488 6.393   1.00 20.88 ? 26   VAL B O   1 
ATOM   817  C CB  . VAL B 2 16 ? 1.011   -11.672 7.887   1.00 24.65 ? 26   VAL B CB  1 
ATOM   818  C CG1 . VAL B 2 16 ? 1.958   -11.349 6.735   1.00 24.25 ? 26   VAL B CG1 1 
ATOM   819  C CG2 . VAL B 2 16 ? -0.176  -10.720 7.834   1.00 25.63 ? 26   VAL B CG2 1 
ATOM   820  N N   . ILE B 2 17 ? 2.287   -14.646 8.590   1.00 21.63 ? 27   ILE B N   1 
ATOM   821  C CA  . ILE B 2 17 ? 3.304   -15.696 8.422   1.00 22.19 ? 27   ILE B CA  1 
ATOM   822  C C   . ILE B 2 17 ? 2.675   -16.892 7.771   1.00 21.92 ? 27   ILE B C   1 
ATOM   823  O O   . ILE B 2 17 ? 3.167   -17.393 6.759   1.00 21.55 ? 27   ILE B O   1 
ATOM   824  C CB  . ILE B 2 17 ? 3.967   -16.074 9.731   1.00 22.57 ? 27   ILE B CB  1 
ATOM   825  C CG1 . ILE B 2 17 ? 4.785   -14.879 10.260  1.00 22.57 ? 27   ILE B CG1 1 
ATOM   826  C CG2 . ILE B 2 17 ? 4.891   -17.327 9.560   1.00 22.10 ? 27   ILE B CG2 1 
ATOM   827  C CD1 . ILE B 2 17 ? 5.356   -15.066 11.606  1.00 25.09 ? 27   ILE B CD1 1 
ATOM   828  N N   . GLU B 2 18 ? 1.549   -17.335 8.319   1.00 22.45 ? 28   GLU B N   1 
ATOM   829  C CA  . GLU B 2 18 ? 0.919   -18.563 7.839   1.00 23.42 ? 28   GLU B CA  1 
ATOM   830  C C   . GLU B 2 18 ? 0.308   -18.377 6.505   1.00 22.57 ? 28   GLU B C   1 
ATOM   831  O O   . GLU B 2 18 ? 0.357   -19.293 5.683   1.00 22.31 ? 28   GLU B O   1 
ATOM   832  C CB  . GLU B 2 18 ? -0.086  -19.128 8.878   1.00 24.37 ? 28   GLU B CB  1 
ATOM   833  C CG  . GLU B 2 18 ? 0.570   -19.331 10.259  1.00 26.43 ? 28   GLU B CG  1 
ATOM   834  C CD  . GLU B 2 18 ? 1.580   -20.498 10.334  1.00 29.75 ? 28   GLU B CD  1 
ATOM   835  O OE1 . GLU B 2 18 ? 1.875   -21.189 9.317   1.00 28.74 ? 28   GLU B OE1 1 
ATOM   836  O OE2 . GLU B 2 18 ? 2.092   -20.735 11.447  1.00 33.33 ? 28   GLU B OE2 1 
ATOM   837  N N   . THR B 2 19 ? -0.228  -17.177 6.221   1.00 22.18 ? 29   THR B N   1 
ATOM   838  C CA  . THR B 2 19 ? -0.712  -16.882 4.860   1.00 22.29 ? 29   THR B CA  1 
ATOM   839  C C   . THR B 2 19 ? 0.432   -16.899 3.827   1.00 21.49 ? 29   THR B C   1 
ATOM   840  O O   . THR B 2 19 ? 0.275   -17.319 2.667   1.00 23.23 ? 29   THR B O   1 
ATOM   841  C CB  . THR B 2 19 ? -1.430  -15.482 4.812   1.00 21.14 ? 29   THR B CB  1 
ATOM   842  O OG1 . THR B 2 19 ? -2.696  -15.531 5.489   1.00 25.93 ? 29   THR B OG1 1 
ATOM   843  C CG2 . THR B 2 19 ? -1.770  -15.110 3.462   1.00 21.32 ? 29   THR B CG2 1 
ATOM   844  N N   . ALA B 2 20 ? 1.577   -16.369 4.200   1.00 21.52 ? 30   ALA B N   1 
ATOM   845  C CA  . ALA B 2 20 ? 2.737   -16.400 3.276   1.00 20.69 ? 30   ALA B CA  1 
ATOM   846  C C   . ALA B 2 20 ? 3.153   -17.862 2.979   1.00 19.99 ? 30   ALA B C   1 
ATOM   847  O O   . ALA B 2 20 ? 3.427   -18.205 1.850   1.00 20.15 ? 30   ALA B O   1 
ATOM   848  C CB  . ALA B 2 20 ? 3.884   -15.660 3.868   1.00 21.12 ? 30   ALA B CB  1 
ATOM   849  N N   . GLU B 2 21 ? 3.206   -18.681 4.019   1.00 21.25 ? 31   GLU B N   1 
ATOM   850  C CA  . GLU B 2 21 ? 3.482   -20.140 3.886   1.00 22.71 ? 31   GLU B CA  1 
ATOM   851  C C   . GLU B 2 21 ? 2.491   -20.826 2.951   1.00 22.69 ? 31   GLU B C   1 
ATOM   852  O O   . GLU B 2 21 ? 2.895   -21.550 2.028   1.00 23.33 ? 31   GLU B O   1 
ATOM   853  C CB  . GLU B 2 21 ? 3.417   -20.843 5.237   1.00 22.55 ? 31   GLU B CB  1 
ATOM   854  C CG  . GLU B 2 21 ? 4.483   -20.425 6.252   1.00 25.61 ? 31   GLU B CG  1 
ATOM   855  C CD  . GLU B 2 21 ? 5.678   -21.350 6.254   1.00 30.30 ? 31   GLU B CD  1 
ATOM   856  O OE1 . GLU B 2 21 ? 6.768   -20.897 6.579   1.00 30.57 ? 31   GLU B OE1 1 
ATOM   857  O OE2 . GLU B 2 21 ? 5.536   -22.536 5.889   1.00 37.44 ? 31   GLU B OE2 1 
ATOM   858  N N   . ILE B 2 22 ? 1.199   -20.561 3.172   1.00 22.51 ? 32   ILE B N   1 
ATOM   859  C CA  . ILE B 2 22 ? 0.100   -21.181 2.400   1.00 23.19 ? 32   ILE B CA  1 
ATOM   860  C C   . ILE B 2 22 ? -0.035  -20.707 0.972   1.00 23.13 ? 32   ILE B C   1 
ATOM   861  O O   . ILE B 2 22 ? -0.123  -21.541 0.060   1.00 22.93 ? 32   ILE B O   1 
ATOM   862  C CB  . ILE B 2 22 ? -1.272  -21.000 3.172   1.00 23.51 ? 32   ILE B CB  1 
ATOM   863  C CG1 . ILE B 2 22 ? -1.307  -21.877 4.402   1.00 25.57 ? 32   ILE B CG1 1 
ATOM   864  C CG2 . ILE B 2 22 ? -2.466  -21.338 2.305   1.00 26.00 ? 32   ILE B CG2 1 
ATOM   865  C CD1 . ILE B 2 22 ? -2.160  -21.380 5.539   1.00 25.33 ? 32   ILE B CD1 1 
ATOM   866  N N   . ASP B 2 23 ? -0.029  -19.371 0.749   1.00 22.84 ? 33   ASP B N   1 
ATOM   867  C CA  . ASP B 2 23 ? -0.204  -18.788 -0.592  1.00 22.66 ? 33   ASP B CA  1 
ATOM   868  C C   . ASP B 2 23 ? 1.004   -18.802 -1.498  1.00 21.60 ? 33   ASP B C   1 
ATOM   869  O O   . ASP B 2 23 ? 0.905   -18.434 -2.659  1.00 22.26 ? 33   ASP B O   1 
ATOM   870  C CB  . ASP B 2 23 ? -0.781  -17.337 -0.500  1.00 22.82 ? 33   ASP B CB  1 
ATOM   871  C CG  . ASP B 2 23 ? -2.211  -17.318 0.066   1.00 26.79 ? 33   ASP B CG  1 
ATOM   872  O OD1 . ASP B 2 23 ? -2.831  -18.421 0.080   1.00 28.06 ? 33   ASP B OD1 1 
ATOM   873  O OD2 . ASP B 2 23 ? -2.794  -16.292 0.520   1.00 23.10 ? 33   ASP B OD2 1 
ATOM   874  N N   . ASN B 2 24 ? 2.155   -19.200 -0.992  1.00 22.11 ? 34   ASN B N   1 
ATOM   875  C CA  . ASN B 2 24 ? 3.375   -19.255 -1.808  1.00 21.39 ? 34   ASN B CA  1 
ATOM   876  C C   . ASN B 2 24 ? 3.989   -20.644 -1.644  1.00 22.80 ? 34   ASN B C   1 
ATOM   877  O O   . ASN B 2 24 ? 5.053   -20.812 -1.037  1.00 22.26 ? 34   ASN B O   1 
ATOM   878  C CB  . ASN B 2 24 ? 4.361   -18.167 -1.355  1.00 22.26 ? 34   ASN B CB  1 
ATOM   879  C CG  . ASN B 2 24 ? 3.740   -16.805 -1.417  1.00 18.36 ? 34   ASN B CG  1 
ATOM   880  O OD1 . ASN B 2 24 ? 3.767   -16.151 -2.469  1.00 16.43 ? 34   ASN B OD1 1 
ATOM   881  N ND2 . ASN B 2 24 ? 3.101   -16.406 -0.326  1.00 17.32 ? 34   ASN B ND2 1 
ATOM   882  N N   . PRO B 2 25 ? 3.290   -21.655 -2.150  1.00 23.98 ? 35   PRO B N   1 
ATOM   883  C CA  . PRO B 2 25 ? 3.647   -23.038 -1.823  1.00 24.76 ? 35   PRO B CA  1 
ATOM   884  C C   . PRO B 2 25 ? 5.076   -23.384 -2.301  1.00 23.95 ? 35   PRO B C   1 
ATOM   885  O O   . PRO B 2 25 ? 5.457   -22.970 -3.385  1.00 24.22 ? 35   PRO B O   1 
ATOM   886  C CB  . PRO B 2 25 ? 2.546   -23.875 -2.535  1.00 25.59 ? 35   PRO B CB  1 
ATOM   887  C CG  . PRO B 2 25 ? 1.906   -23.034 -3.491  1.00 25.17 ? 35   PRO B CG  1 
ATOM   888  C CD  . PRO B 2 25 ? 2.143   -21.576 -3.059  1.00 25.27 ? 35   PRO B CD  1 
ATOM   889  N N   . GLY B 2 26 ? 5.864   -24.013 -1.442  1.00 24.70 ? 36   GLY B N   1 
ATOM   890  C CA  . GLY B 2 26 ? 7.214   -24.469 -1.768  1.00 25.66 ? 36   GLY B CA  1 
ATOM   891  C C   . GLY B 2 26 ? 8.353   -23.426 -1.662  1.00 24.88 ? 36   GLY B C   1 
ATOM   892  O O   . GLY B 2 26 ? 9.556   -23.781 -1.625  1.00 25.61 ? 36   GLY B O   1 
ATOM   893  N N   . LYS B 2 27 ? 7.996   -22.145 -1.622  1.00 23.47 ? 37   LYS B N   1 
ATOM   894  C CA  . LYS B 2 27 ? 9.014   -21.096 -1.524  1.00 22.53 ? 37   LYS B CA  1 
ATOM   895  C C   . LYS B 2 27 ? 9.577   -21.031 -0.140  1.00 20.59 ? 37   LYS B C   1 
ATOM   896  O O   . LYS B 2 27 ? 8.873   -21.244 0.824   1.00 19.86 ? 37   LYS B O   1 
ATOM   897  C CB  . LYS B 2 27 ? 8.477   -19.698 -1.855  1.00 23.50 ? 37   LYS B CB  1 
ATOM   898  C CG  . LYS B 2 27 ? 7.869   -19.529 -3.199  1.00 27.26 ? 37   LYS B CG  1 
ATOM   899  C CD  . LYS B 2 27 ? 7.607   -18.034 -3.453  1.00 31.36 ? 37   LYS B CD  1 
ATOM   900  C CE  . LYS B 2 27 ? 8.472   -17.466 -4.551  1.00 32.81 ? 37   LYS B CE  1 
ATOM   901  N NZ  . LYS B 2 27 ? 9.919   -17.535 -4.163  1.00 34.84 ? 37   LYS B NZ  1 
ATOM   902  N N   . GLU B 2 28 ? 10.859  -20.695 -0.064  1.00 18.76 ? 38   GLU B N   1 
ATOM   903  C CA  . GLU B 2 28 ? 11.545  -20.449 1.194   1.00 19.00 ? 38   GLU B CA  1 
ATOM   904  C C   . GLU B 2 28 ? 10.944  -19.166 1.748   1.00 18.41 ? 38   GLU B C   1 
ATOM   905  O O   . GLU B 2 28 ? 10.919  -18.154 1.034   1.00 17.04 ? 38   GLU B O   1 
ATOM   906  C CB  . GLU B 2 28 ? 13.019  -20.235 0.927   1.00 19.07 ? 38   GLU B CB  1 
ATOM   907  C CG  . GLU B 2 28 ? 13.913  -19.862 2.093   1.00 24.12 ? 38   GLU B CG  1 
ATOM   908  C CD  . GLU B 2 28 ? 15.374  -19.936 1.663   1.00 27.80 ? 38   GLU B CD  1 
ATOM   909  O OE1 . GLU B 2 28 ? 16.191  -20.576 2.311   1.00 35.46 ? 38   GLU B OE1 1 
ATOM   910  O OE2 . GLU B 2 28 ? 15.708  -19.410 0.610   1.00 35.39 ? 38   GLU B OE2 1 
ATOM   911  N N   . ILE B 2 29 ? 10.463  -19.237 2.986   1.00 17.87 ? 39   ILE B N   1 
ATOM   912  C CA  . ILE B 2 29 ? 9.951   -18.047 3.706   1.00 19.03 ? 39   ILE B CA  1 
ATOM   913  C C   . ILE B 2 29 ? 10.908  -17.710 4.839   1.00 18.86 ? 39   ILE B C   1 
ATOM   914  O O   . ILE B 2 29 ? 11.284  -18.595 5.645   1.00 18.20 ? 39   ILE B O   1 
ATOM   915  C CB  . ILE B 2 29 ? 8.583   -18.300 4.340   1.00 18.96 ? 39   ILE B CB  1 
ATOM   916  C CG1 . ILE B 2 29 ? 7.588   -18.893 3.345   1.00 20.05 ? 39   ILE B CG1 1 
ATOM   917  C CG2 . ILE B 2 29 ? 8.071   -16.977 5.019   1.00 19.17 ? 39   ILE B CG2 1 
ATOM   918  C CD1 . ILE B 2 29 ? 7.301   -18.040 2.141   1.00 22.33 ? 39   ILE B CD1 1 
ATOM   919  N N   . THR B 2 30 ? 11.305  -16.439 4.901   1.00 18.40 ? 40   THR B N   1 
ATOM   920  C CA  . THR B 2 30 ? 12.235  -15.973 5.900   1.00 19.15 ? 40   THR B CA  1 
ATOM   921  C C   . THR B 2 30 ? 11.492  -14.989 6.776   1.00 19.45 ? 40   THR B C   1 
ATOM   922  O O   . THR B 2 30 ? 10.760  -14.102 6.278   1.00 18.49 ? 40   THR B O   1 
ATOM   923  C CB  . THR B 2 30 ? 13.429  -15.304 5.253   1.00 19.53 ? 40   THR B CB  1 
ATOM   924  O OG1 . THR B 2 30 ? 14.121  -16.249 4.417   1.00 23.01 ? 40   THR B OG1 1 
ATOM   925  C CG2 . THR B 2 30 ? 14.429  -14.858 6.336   1.00 20.05 ? 40   THR B CG2 1 
ATOM   926  N N   . VAL B 2 31 ? 11.594  -15.191 8.076   1.00 19.32 ? 41   VAL B N   1 
ATOM   927  C CA  . VAL B 2 31 ? 10.976  -14.308 9.047   1.00 21.19 ? 41   VAL B CA  1 
ATOM   928  C C   . VAL B 2 31 ? 12.135  -13.732 9.865   1.00 23.90 ? 41   VAL B C   1 
ATOM   929  O O   . VAL B 2 31 ? 12.964  -14.476 10.434  1.00 20.21 ? 41   VAL B O   1 
ATOM   930  C CB  . VAL B 2 31 ? 9.894   -15.036 9.875   1.00 21.00 ? 41   VAL B CB  1 
ATOM   931  C CG1 . VAL B 2 31 ? 9.256   -14.138 10.939  1.00 22.93 ? 41   VAL B CG1 1 
ATOM   932  C CG2 . VAL B 2 31 ? 8.815   -15.569 8.954   1.00 21.49 ? 41   VAL B CG2 1 
ATOM   933  N N   . GLU B 2 32 ? 12.264  -12.400 9.859   1.00 26.54 ? 42   GLU B N   1 
ATOM   934  C CA  . GLU B 2 32 ? 13.307  -11.737 10.655  1.00 30.35 ? 42   GLU B CA  1 
ATOM   935  C C   . GLU B 2 32 ? 12.577  -11.091 11.828  1.00 32.88 ? 42   GLU B C   1 
ATOM   936  O O   . GLU B 2 32 ? 11.729  -10.208 11.633  1.00 33.26 ? 42   GLU B O   1 
ATOM   937  C CB  . GLU B 2 32 ? 14.132  -10.729 9.845   1.00 31.77 ? 42   GLU B CB  1 
ATOM   938  C CG  . GLU B 2 32 ? 15.210  -11.364 8.943   1.00 35.04 ? 42   GLU B CG  1 
ATOM   939  C CD  . GLU B 2 32 ? 15.606  -10.528 7.728   1.00 42.31 ? 42   GLU B CD  1 
ATOM   940  O OE1 . GLU B 2 32 ? 15.975  -9.334  7.894   1.00 46.37 ? 42   GLU B OE1 1 
ATOM   941  O OE2 . GLU B 2 32 ? 15.585  -11.069 6.585   1.00 47.18 ? 42   GLU B OE2 1 
ATOM   942  N N   . ASP B 2 33 ? 12.836  -11.625 13.014  1.00 35.19 ? 43   ASP B N   1 
ATOM   943  C CA  . ASP B 2 33 ? 12.341  -11.110 14.280  1.00 38.14 ? 43   ASP B CA  1 
ATOM   944  C C   . ASP B 2 33 ? 13.344  -9.970  14.669  1.00 39.82 ? 43   ASP B C   1 
ATOM   945  O O   . ASP B 2 33 ? 14.316  -10.204 15.392  1.00 39.93 ? 43   ASP B O   1 
ATOM   946  C CB  . ASP B 2 33 ? 12.297  -12.270 15.310  1.00 38.71 ? 43   ASP B CB  1 
ATOM   947  C CG  . ASP B 2 33 ? 11.096  -12.214 16.301  1.00 40.84 ? 43   ASP B CG  1 
ATOM   948  O OD1 . ASP B 2 33 ? 11.351  -11.855 17.470  1.00 40.67 ? 43   ASP B OD1 1 
ATOM   949  O OD2 . ASP B 2 33 ? 9.911   -12.590 16.059  1.00 42.81 ? 43   ASP B OD2 1 
ATOM   950  N N   . ARG B 2 34 ? 13.107  -8.747  14.166  1.00 41.04 ? 44   ARG B N   1 
ATOM   951  C CA  . ARG B 2 34 ? 13.921  -7.557  14.490  1.00 41.93 ? 44   ARG B CA  1 
ATOM   952  C C   . ARG B 2 34 ? 13.364  -6.724  15.662  1.00 42.80 ? 44   ARG B C   1 
ATOM   953  O O   . ARG B 2 34 ? 13.669  -5.518  15.785  1.00 43.29 ? 44   ARG B O   1 
ATOM   954  C CB  . ARG B 2 34 ? 14.105  -6.636  13.256  1.00 42.84 ? 44   ARG B CB  1 
ATOM   955  C CG  . ARG B 2 34 ? 14.373  -7.321  11.860  1.00 45.27 ? 44   ARG B CG  1 
ATOM   956  C CD  . ARG B 2 34 ? 14.030  -6.433  10.616  1.00 48.10 ? 44   ARG B CD  1 
ATOM   957  N NE  . ARG B 2 34 ? 14.969  -6.618  9.497   1.00 51.22 ? 44   ARG B NE  1 
ATOM   958  C CZ  . ARG B 2 34 ? 14.784  -6.166  8.239   1.00 52.49 ? 44   ARG B CZ  1 
ATOM   959  N NH1 . ARG B 2 34 ? 13.691  -5.484  7.904   1.00 54.52 ? 44   ARG B NH1 1 
ATOM   960  N NH2 . ARG B 2 34 ? 15.706  -6.405  7.305   1.00 51.67 ? 44   ARG B NH2 1 
ATOM   961  N N   . ARG B 2 35 ? 12.537  -7.336  16.513  1.00 43.13 ? 45   ARG B N   1 
ATOM   962  C CA  . ARG B 2 35 ? 12.143  -6.779  17.832  1.00 43.53 ? 45   ARG B CA  1 
ATOM   963  C C   . ARG B 2 35 ? 11.075  -5.635  17.782  1.00 42.85 ? 45   ARG B C   1 
ATOM   964  O O   . ARG B 2 35 ? 11.408  -4.470  17.530  1.00 43.19 ? 45   ARG B O   1 
ATOM   965  C CB  . ARG B 2 35 ? 13.412  -6.425  18.641  1.00 43.69 ? 45   ARG B CB  1 
ATOM   966  C CG  . ARG B 2 35 ? 13.491  -5.059  19.369  1.00 47.02 ? 45   ARG B CG  1 
ATOM   967  C CD  . ARG B 2 35 ? 14.762  -4.282  19.079  1.00 48.56 ? 45   ARG B CD  1 
ATOM   968  N NE  . ARG B 2 35 ? 14.566  -2.851  19.258  1.00 52.06 ? 45   ARG B NE  1 
ATOM   969  C CZ  . ARG B 2 35 ? 14.834  -2.168  20.382  1.00 55.69 ? 45   ARG B CZ  1 
ATOM   970  N NH1 . ARG B 2 35 ? 15.319  -2.784  21.470  1.00 57.89 ? 45   ARG B NH1 1 
ATOM   971  N NH2 . ARG B 2 35 ? 14.621  -0.847  20.421  1.00 56.28 ? 45   ARG B NH2 1 
ATOM   972  N N   . ALA B 2 36 ? 9.810   -6.017  18.018  1.00 42.15 ? 46   ALA B N   1 
ATOM   973  C CA  . ALA B 2 36 ? 8.606   -5.144  18.027  1.00 42.16 ? 46   ALA B CA  1 
ATOM   974  C C   . ALA B 2 36 ? 7.893   -5.113  16.665  1.00 41.45 ? 46   ALA B C   1 
ATOM   975  O O   . ALA B 2 36 ? 6.681   -4.835  16.563  1.00 40.96 ? 46   ALA B O   1 
ATOM   976  C CB  . ALA B 2 36 ? 8.924   -3.739  18.497  1.00 42.69 ? 46   ALA B CB  1 
ATOM   977  N N   . TYR B 2 37 ? 8.664   -5.404  15.619  1.00 40.04 ? 47   TYR B N   1 
ATOM   978  C CA  . TYR B 2 37 ? 8.123   -5.615  14.293  1.00 38.54 ? 47   TYR B CA  1 
ATOM   979  C C   . TYR B 2 37 ? 8.528   -7.039  13.839  1.00 36.39 ? 47   TYR B C   1 
ATOM   980  O O   . TYR B 2 37 ? 9.201   -7.786  14.565  1.00 37.23 ? 47   TYR B O   1 
ATOM   981  C CB  . TYR B 2 37 ? 8.634   -4.507  13.333  1.00 38.83 ? 47   TYR B CB  1 
ATOM   982  C CG  . TYR B 2 37 ? 8.184   -3.077  13.693  1.00 42.11 ? 47   TYR B CG  1 
ATOM   983  C CD1 . TYR B 2 37 ? 9.022   -2.204  14.378  1.00 45.42 ? 47   TYR B CD1 1 
ATOM   984  C CD2 . TYR B 2 37 ? 6.928   -2.609  13.337  1.00 45.53 ? 47   TYR B CD2 1 
ATOM   985  C CE1 . TYR B 2 37 ? 8.591   -0.873  14.722  1.00 48.05 ? 47   TYR B CE1 1 
ATOM   986  C CE2 . TYR B 2 37 ? 6.489   -1.303  13.670  1.00 46.37 ? 47   TYR B CE2 1 
ATOM   987  C CZ  . TYR B 2 37 ? 7.321   -0.444  14.359  1.00 46.94 ? 47   TYR B CZ  1 
ATOM   988  O OH  . TYR B 2 37 ? 6.893   0.835   14.678  1.00 45.49 ? 47   TYR B OH  1 
ATOM   989  N N   . VAL B 2 38 ? 8.127   -7.411  12.636  1.00 33.77 ? 48   VAL B N   1 
ATOM   990  C CA  . VAL B 2 38 ? 8.464   -8.709  12.054  1.00 31.32 ? 48   VAL B CA  1 
ATOM   991  C C   . VAL B 2 38 ? 8.488   -8.501  10.527  1.00 28.80 ? 48   VAL B C   1 
ATOM   992  O O   . VAL B 2 38 ? 7.529   -8.025  9.978   1.00 27.74 ? 48   VAL B O   1 
ATOM   993  C CB  . VAL B 2 38 ? 7.420   -9.785  12.435  1.00 32.53 ? 48   VAL B CB  1 
ATOM   994  C CG1 . VAL B 2 38 ? 7.680   -11.078 11.680  1.00 31.41 ? 48   VAL B CG1 1 
ATOM   995  C CG2 . VAL B 2 38 ? 7.387   -10.068 13.985  1.00 33.49 ? 48   VAL B CG2 1 
ATOM   996  N N   . ARG B 2 39 ? 9.592   -8.813  9.872   1.00 26.30 ? 49   ARG B N   1 
ATOM   997  C CA  . ARG B 2 39 ? 9.623   -8.911  8.430   1.00 25.15 ? 49   ARG B CA  1 
ATOM   998  C C   . ARG B 2 39 ? 9.343   -10.338 7.945   1.00 24.19 ? 49   ARG B C   1 
ATOM   999  O O   . ARG B 2 39 ? 9.901   -11.313 8.499   1.00 23.54 ? 49   ARG B O   1 
ATOM   1000 C CB  . ARG B 2 39 ? 10.975  -8.518  7.933   1.00 25.13 ? 49   ARG B CB  1 
ATOM   1001 C CG  . ARG B 2 39 ? 11.014  -8.356  6.428   1.00 28.48 ? 49   ARG B CG  1 
ATOM   1002 C CD  . ARG B 2 39 ? 12.363  -8.037  5.963   1.00 33.71 ? 49   ARG B CD  1 
ATOM   1003 N NE  . ARG B 2 39 ? 12.442  -7.732  4.546   1.00 36.27 ? 49   ARG B NE  1 
ATOM   1004 C CZ  . ARG B 2 39 ? 13.362  -8.225  3.719   1.00 38.18 ? 49   ARG B CZ  1 
ATOM   1005 N NH1 . ARG B 2 39 ? 14.299  -9.097  4.141   1.00 38.89 ? 49   ARG B NH1 1 
ATOM   1006 N NH2 . ARG B 2 39 ? 13.356  -7.841  2.453   1.00 35.61 ? 49   ARG B NH2 1 
ATOM   1007 N N   . ILE B 2 40 ? 8.514   -10.460 6.914   1.00 22.12 ? 50   ILE B N   1 
ATOM   1008 C CA  . ILE B 2 40 ? 8.165   -11.763 6.327   1.00 20.98 ? 50   ILE B CA  1 
ATOM   1009 C C   . ILE B 2 40 ? 8.537   -11.609 4.848   1.00 21.58 ? 50   ILE B C   1 
ATOM   1010 O O   . ILE B 2 40 ? 8.142   -10.611 4.237   1.00 19.88 ? 50   ILE B O   1 
ATOM   1011 C CB  . ILE B 2 40 ? 6.675   -12.063 6.528   1.00 22.23 ? 50   ILE B CB  1 
ATOM   1012 C CG1 . ILE B 2 40 ? 6.328   -12.203 8.024   1.00 24.82 ? 50   ILE B CG1 1 
ATOM   1013 C CG2 . ILE B 2 40 ? 6.284   -13.348 5.848   1.00 20.39 ? 50   ILE B CG2 1 
ATOM   1014 C CD1 . ILE B 2 40 ? 5.752   -10.998 8.639   1.00 26.85 ? 50   ILE B CD1 1 
ATOM   1015 N N   . ALA B 2 41 ? 9.348   -12.525 4.291   1.00 19.00 ? 51   ALA B N   1 
ATOM   1016 C CA  . ALA B 2 41 ? 9.903   -12.339 2.970   1.00 19.66 ? 51   ALA B CA  1 
ATOM   1017 C C   . ALA B 2 41 ? 10.071  -13.655 2.193   1.00 20.51 ? 51   ALA B C   1 
ATOM   1018 O O   . ALA B 2 41 ? 10.196  -14.735 2.791   1.00 18.88 ? 51   ALA B O   1 
ATOM   1019 C CB  . ALA B 2 41 ? 11.247  -11.627 3.077   1.00 19.67 ? 51   ALA B CB  1 
ATOM   1020 N N   . ALA B 2 42 ? 10.023  -13.533 0.877   1.00 19.40 ? 52   ALA B N   1 
ATOM   1021 C CA  . ALA B 2 42 ? 10.472  -14.573 -0.038  1.00 19.16 ? 52   ALA B CA  1 
ATOM   1022 C C   . ALA B 2 42 ? 11.163  -13.935 -1.214  1.00 19.85 ? 52   ALA B C   1 
ATOM   1023 O O   . ALA B 2 42 ? 10.997  -12.744 -1.535  1.00 17.80 ? 52   ALA B O   1 
ATOM   1024 C CB  . ALA B 2 42 ? 9.318   -15.392 -0.529  1.00 19.03 ? 52   ALA B CB  1 
ATOM   1025 N N   . GLU B 2 43 ? 11.858  -14.777 -1.943  1.00 20.51 ? 53   GLU B N   1 
ATOM   1026 C CA  . GLU B 2 43 ? 12.623  -14.329 -3.068  1.00 21.65 ? 53   GLU B CA  1 
ATOM   1027 C C   . GLU B 2 43 ? 11.727  -14.114 -4.251  1.00 21.05 ? 53   GLU B C   1 
ATOM   1028 O O   . GLU B 2 43 ? 10.949  -14.986 -4.594  1.00 20.45 ? 53   GLU B O   1 
ATOM   1029 C CB  . GLU B 2 43 ? 13.686  -15.368 -3.373  1.00 23.42 ? 53   GLU B CB  1 
ATOM   1030 C CG  . GLU B 2 43 ? 14.674  -15.485 -2.216  1.00 29.01 ? 53   GLU B CG  1 
ATOM   1031 C CD  . GLU B 2 43 ? 15.796  -16.487 -2.461  1.00 35.93 ? 53   GLU B CD  1 
ATOM   1032 O OE1 . GLU B 2 43 ? 16.688  -16.117 -3.279  1.00 39.28 ? 53   GLU B OE1 1 
ATOM   1033 O OE2 . GLU B 2 43 ? 15.772  -17.609 -1.815  1.00 38.24 ? 53   GLU B OE2 1 
ATOM   1034 N N   . GLY B 2 44 ? 11.796  -12.912 -4.838  1.00 20.59 ? 54   GLY B N   1 
ATOM   1035 C CA  . GLY B 2 44 ? 11.212  -12.652 -6.152  1.00 21.10 ? 54   GLY B CA  1 
ATOM   1036 C C   . GLY B 2 44 ? 9.728   -12.231 -6.109  1.00 20.12 ? 54   GLY B C   1 
ATOM   1037 O O   . GLY B 2 44 ? 9.323   -11.266 -6.774  1.00 18.80 ? 54   GLY B O   1 
ATOM   1038 N N   . GLU B 2 45 ? 8.915   -12.985 -5.372  1.00 19.23 ? 55   GLU B N   1 
ATOM   1039 C CA  . GLU B 2 45 ? 7.498   -12.689 -5.203  1.00 19.27 ? 55   GLU B CA  1 
ATOM   1040 C C   . GLU B 2 45 ? 6.971   -13.234 -3.854  1.00 18.89 ? 55   GLU B C   1 
ATOM   1041 O O   . GLU B 2 45 ? 7.437   -14.261 -3.356  1.00 19.72 ? 55   GLU B O   1 
ATOM   1042 C CB  . GLU B 2 45 ? 6.721   -13.279 -6.403  1.00 20.90 ? 55   GLU B CB  1 
ATOM   1043 C CG  . GLU B 2 45 ? 5.222   -13.370 -6.262  1.00 24.46 ? 55   GLU B CG  1 
ATOM   1044 C CD  . GLU B 2 45 ? 4.557   -14.135 -7.416  1.00 30.85 ? 55   GLU B CD  1 
ATOM   1045 O OE1 . GLU B 2 45 ? 4.490   -15.379 -7.360  1.00 33.79 ? 55   GLU B OE1 1 
ATOM   1046 O OE2 . GLU B 2 45 ? 4.105   -13.484 -8.378  1.00 32.23 ? 55   GLU B OE2 1 
ATOM   1047 N N   . LEU B 2 46 ? 6.000   -12.524 -3.267  1.00 17.48 ? 56   LEU B N   1 
ATOM   1048 C CA  . LEU B 2 46 ? 5.281   -12.976 -2.107  1.00 17.77 ? 56   LEU B CA  1 
ATOM   1049 C C   . LEU B 2 46 ? 3.849   -12.498 -2.240  1.00 18.21 ? 56   LEU B C   1 
ATOM   1050 O O   . LEU B 2 46 ? 3.602   -11.293 -2.187  1.00 14.64 ? 56   LEU B O   1 
ATOM   1051 C CB  . LEU B 2 46 ? 5.861   -12.422 -0.821  1.00 17.78 ? 56   LEU B CB  1 
ATOM   1052 C CG  . LEU B 2 46 ? 5.219   -13.046 0.410   1.00 22.37 ? 56   LEU B CG  1 
ATOM   1053 C CD1 . LEU B 2 46 ? 5.716   -14.483 0.565   1.00 24.65 ? 56   LEU B CD1 1 
ATOM   1054 C CD2 . LEU B 2 46 ? 5.540   -12.243 1.628   1.00 26.63 ? 56   LEU B CD2 1 
ATOM   1055 N N   . ILE B 2 47 ? 2.931   -13.463 -2.412  1.00 19.33 ? 57   ILE B N   1 
ATOM   1056 C CA  . ILE B 2 47 ? 1.481   -13.244 -2.446  1.00 19.90 ? 57   ILE B CA  1 
ATOM   1057 C C   . ILE B 2 47 ? 0.825   -13.421 -1.039  1.00 19.95 ? 57   ILE B C   1 
ATOM   1058 O O   . ILE B 2 47 ? 1.150   -14.348 -0.297  1.00 19.51 ? 57   ILE B O   1 
ATOM   1059 C CB  . ILE B 2 47 ? 0.831   -14.251 -3.402  1.00 21.46 ? 57   ILE B CB  1 
ATOM   1060 C CG1 . ILE B 2 47 ? 1.536   -14.272 -4.757  1.00 24.26 ? 57   ILE B CG1 1 
ATOM   1061 C CG2 . ILE B 2 47 ? -0.743  -14.010 -3.542  1.00 21.54 ? 57   ILE B CG2 1 
ATOM   1062 C CD1 . ILE B 2 47 ? 1.398   -13.051 -5.500  1.00 26.92 ? 57   ILE B CD1 1 
ATOM   1063 N N   . LEU B 2 48 ? -0.112  -12.539 -0.696  1.00 19.33 ? 58   LEU B N   1 
ATOM   1064 C CA  . LEU B 2 48 ? -1.009  -12.712 0.455   1.00 20.58 ? 58   LEU B CA  1 
ATOM   1065 C C   . LEU B 2 48 ? -2.440  -12.469 -0.035  1.00 20.93 ? 58   LEU B C   1 
ATOM   1066 O O   . LEU B 2 48 ? -2.745  -11.366 -0.544  1.00 20.15 ? 58   LEU B O   1 
ATOM   1067 C CB  . LEU B 2 48 ? -0.680  -11.740 1.581   1.00 21.24 ? 58   LEU B CB  1 
ATOM   1068 C CG  . LEU B 2 48 ? 0.764   -11.633 2.061   1.00 21.62 ? 58   LEU B CG  1 
ATOM   1069 C CD1 . LEU B 2 48 ? 0.940   -10.397 2.975   1.00 21.21 ? 58   LEU B CD1 1 
ATOM   1070 C CD2 . LEU B 2 48 ? 1.193   -12.974 2.781   1.00 24.35 ? 58   LEU B CD2 1 
ATOM   1071 N N   . THR B 2 49 ? -3.300  -13.500 0.070   1.00 21.82 ? 59   THR B N   1 
ATOM   1072 C CA  . THR B 2 49 ? -4.658  -13.437 -0.432  1.00 21.84 ? 59   THR B CA  1 
ATOM   1073 C C   . THR B 2 49 ? -5.572  -13.102 0.738   1.00 22.90 ? 59   THR B C   1 
ATOM   1074 O O   . THR B 2 49 ? -5.302  -13.473 1.883   1.00 22.67 ? 59   THR B O   1 
ATOM   1075 C CB  . THR B 2 49 ? -5.128  -14.770 -1.173  1.00 22.67 ? 59   THR B CB  1 
ATOM   1076 O OG1 . THR B 2 49 ? -5.176  -15.863 -0.250  1.00 21.98 ? 59   THR B OG1 1 
ATOM   1077 C CG2 . THR B 2 49 ? -4.157  -15.175 -2.277  1.00 23.92 ? 59   THR B CG2 1 
ATOM   1078 N N   . ARG B 2 50 ? -6.616  -12.321 0.448   1.00 24.11 ? 60   ARG B N   1 
ATOM   1079 C CA  . ARG B 2 50 ? -7.668  -12.012 1.409   1.00 25.46 ? 60   ARG B CA  1 
ATOM   1080 C C   . ARG B 2 50 ? -8.320  -13.310 1.920   1.00 25.89 ? 60   ARG B C   1 
ATOM   1081 O O   . ARG B 2 50 ? -8.549  -13.429 3.097   1.00 26.73 ? 60   ARG B O   1 
ATOM   1082 C CB  . ARG B 2 50 ? -8.751  -11.145 0.724   1.00 25.04 ? 60   ARG B CB  1 
ATOM   1083 C CG  . ARG B 2 50 ? -9.804  -10.554 1.622   1.00 27.11 ? 60   ARG B CG  1 
ATOM   1084 C CD  . ARG B 2 50 ? -11.101 -10.240 0.856   1.00 29.81 ? 60   ARG B CD  1 
ATOM   1085 N NE  . ARG B 2 50 ? -11.786 -11.502 0.582   1.00 33.79 ? 60   ARG B NE  1 
ATOM   1086 C CZ  . ARG B 2 50 ? -12.473 -12.207 1.487   1.00 34.52 ? 60   ARG B CZ  1 
ATOM   1087 N NH1 . ARG B 2 50 ? -13.009 -13.375 1.149   1.00 36.21 ? 60   ARG B NH1 1 
ATOM   1088 N NH2 . ARG B 2 50 ? -12.647 -11.743 2.712   1.00 34.76 ? 60   ARG B NH2 1 
ATOM   1089 N N   . LYS B 2 51 ? -8.632  -14.243 1.022   1.00 27.96 ? 61   LYS B N   1 
ATOM   1090 C CA  . LYS B 2 51 ? -9.358  -15.489 1.425   1.00 29.00 ? 61   LYS B CA  1 
ATOM   1091 C C   . LYS B 2 51 ? -8.570  -16.255 2.493   1.00 28.65 ? 61   LYS B C   1 
ATOM   1092 O O   . LYS B 2 51 ? -9.096  -16.641 3.543   1.00 29.13 ? 61   LYS B O   1 
ATOM   1093 C CB  . LYS B 2 51 ? -9.597  -16.386 0.225   1.00 29.86 ? 61   LYS B CB  1 
ATOM   1094 C CG  . LYS B 2 51 ? -10.680 -15.928 -0.755  1.00 34.42 ? 61   LYS B CG  1 
ATOM   1095 C CD  . LYS B 2 51 ? -10.892 -16.979 -1.879  1.00 38.11 ? 61   LYS B CD  1 
ATOM   1096 C CE  . LYS B 2 51 ? -12.227 -16.828 -2.613  1.00 39.65 ? 61   LYS B CE  1 
ATOM   1097 N NZ  . LYS B 2 51 ? -12.180 -17.421 -4.007  1.00 40.60 ? 61   LYS B NZ  1 
ATOM   1098 N N   . THR B 2 52 ? -7.271  -16.452 2.235   1.00 27.20 ? 62   THR B N   1 
ATOM   1099 C CA  . THR B 2 52 ? -6.408  -17.139 3.189   1.00 25.12 ? 62   THR B CA  1 
ATOM   1100 C C   . THR B 2 52 ? -6.182  -16.363 4.452   1.00 25.00 ? 62   THR B C   1 
ATOM   1101 O O   . THR B 2 52 ? -6.133  -16.934 5.522   1.00 26.57 ? 62   THR B O   1 
ATOM   1102 C CB  . THR B 2 52 ? -5.033  -17.449 2.522   1.00 24.49 ? 62   THR B CB  1 
ATOM   1103 O OG1 . THR B 2 52 ? -5.214  -18.218 1.326   1.00 20.73 ? 62   THR B OG1 1 
ATOM   1104 C CG2 . THR B 2 52 ? -4.172  -18.233 3.401   1.00 22.16 ? 62   THR B CG2 1 
ATOM   1105 N N   . LEU B 2 53 ? -6.056  -15.046 4.379   1.00 26.28 ? 63   LEU B N   1 
ATOM   1106 C CA  . LEU B 2 53 ? -5.886  -14.244 5.599   1.00 27.60 ? 63   LEU B CA  1 
ATOM   1107 C C   . LEU B 2 53 ? -7.131  -14.295 6.520   1.00 29.32 ? 63   LEU B C   1 
ATOM   1108 O O   . LEU B 2 53 ? -7.022  -14.356 7.756   1.00 28.71 ? 63   LEU B O   1 
ATOM   1109 C CB  . LEU B 2 53 ? -5.584  -12.772 5.245   1.00 27.69 ? 63   LEU B CB  1 
ATOM   1110 C CG  . LEU B 2 53 ? -4.135  -12.410 4.981   1.00 30.32 ? 63   LEU B CG  1 
ATOM   1111 C CD1 . LEU B 2 53 ? -4.060  -11.076 4.187   1.00 32.66 ? 63   LEU B CD1 1 
ATOM   1112 C CD2 . LEU B 2 53 ? -3.383  -12.313 6.304   1.00 30.63 ? 63   LEU B CD2 1 
ATOM   1113 N N   . GLU B 2 54 ? -8.297  -14.229 5.896   1.00 31.94 ? 64   GLU B N   1 
ATOM   1114 C CA  . GLU B 2 54 ? -9.578  -14.454 6.584   1.00 34.03 ? 64   GLU B CA  1 
ATOM   1115 C C   . GLU B 2 54 ? -9.667  -15.890 7.130   1.00 34.93 ? 64   GLU B C   1 
ATOM   1116 O O   . GLU B 2 54 ? -10.030 -16.078 8.275   1.00 36.23 ? 64   GLU B O   1 
ATOM   1117 C CB  . GLU B 2 54 ? -10.742 -14.234 5.634   1.00 34.13 ? 64   GLU B CB  1 
ATOM   1118 C CG  . GLU B 2 54 ? -12.120 -14.458 6.271   1.00 36.97 ? 64   GLU B CG  1 
ATOM   1119 C CD  . GLU B 2 54 ? -13.231 -13.947 5.392   1.00 38.94 ? 64   GLU B CD  1 
ATOM   1120 O OE1 . GLU B 2 54 ? -13.392 -12.719 5.294   1.00 40.86 ? 64   GLU B OE1 1 
ATOM   1121 O OE2 . GLU B 2 54 ? -13.913 -14.766 4.758   1.00 44.53 ? 64   GLU B OE2 1 
ATOM   1122 N N   . GLU B 2 55 ? -9.338  -16.893 6.316   1.00 36.74 ? 65   GLU B N   1 
ATOM   1123 C CA  . GLU B 2 55 ? -9.369  -18.283 6.813   1.00 36.79 ? 65   GLU B CA  1 
ATOM   1124 C C   . GLU B 2 55 ? -8.435  -18.353 8.033   1.00 36.33 ? 65   GLU B C   1 
ATOM   1125 O O   . GLU B 2 55 ? -8.787  -18.944 9.051   1.00 36.97 ? 65   GLU B O   1 
ATOM   1126 C CB  . GLU B 2 55 ? -9.005  -19.321 5.732   1.00 37.71 ? 65   GLU B CB  1 
ATOM   1127 C CG  . GLU B 2 55 ? -10.102 -19.660 4.718   1.00 39.62 ? 65   GLU B CG  1 
ATOM   1128 C CD  . GLU B 2 55 ? -9.594  -20.595 3.616   1.00 44.15 ? 65   GLU B CD  1 
ATOM   1129 O OE1 . GLU B 2 55 ? -8.385  -20.925 3.645   1.00 49.94 ? 65   GLU B OE1 1 
ATOM   1130 O OE2 . GLU B 2 55 ? -10.357 -21.016 2.713   1.00 45.09 ? 65   GLU B OE2 1 
ATOM   1131 N N   . GLN B 2 56 ? -7.274  -17.689 7.998   1.00 35.80 ? 66   GLN B N   1 
ATOM   1132 C CA  . GLN B 2 56 ? -6.367  -17.756 9.155   1.00 34.61 ? 66   GLN B CA  1 
ATOM   1133 C C   . GLN B 2 56 ? -6.901  -17.026 10.366  1.00 35.48 ? 66   GLN B C   1 
ATOM   1134 O O   . GLN B 2 56 ? -6.770  -17.518 11.487  1.00 34.62 ? 66   GLN B O   1 
ATOM   1135 C CB  . GLN B 2 56 ? -4.942  -17.275 8.840   1.00 34.27 ? 66   GLN B CB  1 
ATOM   1136 C CG  . GLN B 2 56 ? -4.219  -18.175 7.823   1.00 31.73 ? 66   GLN B CG  1 
ATOM   1137 C CD  . GLN B 2 56 ? -4.334  -19.676 8.158   1.00 29.39 ? 66   GLN B CD  1 
ATOM   1138 O OE1 . GLN B 2 56 ? -4.863  -20.489 7.383   1.00 29.64 ? 66   GLN B OE1 1 
ATOM   1139 N NE2 . GLN B 2 56 ? -3.828  -20.017 9.291   1.00 21.77 ? 66   GLN B NE2 1 
ATOM   1140 N N   . LEU B 2 57 ? -7.513  -15.860 10.133  1.00 35.57 ? 67   LEU B N   1 
ATOM   1141 C CA  . LEU B 2 57 ? -7.932  -14.986 11.214  1.00 35.83 ? 67   LEU B CA  1 
ATOM   1142 C C   . LEU B 2 57 ? -9.170  -15.547 11.930  1.00 36.27 ? 67   LEU B C   1 
ATOM   1143 O O   . LEU B 2 57 ? -9.341  -15.337 13.128  1.00 35.57 ? 67   LEU B O   1 
ATOM   1144 C CB  . LEU B 2 57 ? -8.204  -13.556 10.686  1.00 35.74 ? 67   LEU B CB  1 
ATOM   1145 C CG  . LEU B 2 57 ? -6.965  -12.659 10.606  1.00 35.02 ? 67   LEU B CG  1 
ATOM   1146 C CD1 . LEU B 2 57 ? -7.238  -11.428 9.777   1.00 35.29 ? 67   LEU B CD1 1 
ATOM   1147 C CD2 . LEU B 2 57 ? -6.476  -12.287 11.978  1.00 32.98 ? 67   LEU B CD2 1 
ATOM   1148 N N   . GLY B 2 58 ? -9.996  -16.283 11.187  1.00 37.35 ? 68   GLY B N   1 
ATOM   1149 C CA  . GLY B 2 58 ? -11.219 -16.861 11.717  1.00 38.25 ? 68   GLY B CA  1 
ATOM   1150 C C   . GLY B 2 58 ? -12.398 -15.889 11.784  1.00 39.60 ? 68   GLY B C   1 
ATOM   1151 O O   . GLY B 2 58 ? -13.264 -16.013 12.670  1.00 39.78 ? 68   GLY B O   1 
ATOM   1152 N N   . ARG B 2 59 ? -12.445 -14.937 10.853  1.00 39.67 ? 69   ARG B N   1 
ATOM   1153 C CA  . ARG B 2 59 ? -13.464 -13.883 10.858  1.00 40.07 ? 69   ARG B CA  1 
ATOM   1154 C C   . ARG B 2 59 ? -13.309 -12.927 9.639   1.00 40.19 ? 69   ARG B C   1 
ATOM   1155 O O   . ARG B 2 59 ? -12.223 -12.849 9.065   1.00 40.36 ? 69   ARG B O   1 
ATOM   1156 C CB  . ARG B 2 59 ? -13.404 -13.095 12.174  1.00 39.81 ? 69   ARG B CB  1 
ATOM   1157 C CG  . ARG B 2 59 ? -12.006 -12.584 12.555  1.00 41.01 ? 69   ARG B CG  1 
ATOM   1158 C CD  . ARG B 2 59 ? -11.558 -11.374 11.729  1.00 39.41 ? 69   ARG B CD  1 
ATOM   1159 N NE  . ARG B 2 59 ? -10.483 -10.634 12.370  1.00 39.19 ? 69   ARG B NE  1 
ATOM   1160 C CZ  . ARG B 2 59 ? -9.904  -9.561  11.835  1.00 39.11 ? 69   ARG B CZ  1 
ATOM   1161 N NH1 . ARG B 2 59 ? -10.337 -9.070  10.664  1.00 36.63 ? 69   ARG B NH1 1 
ATOM   1162 N NH2 . ARG B 2 59 ? -8.909  -8.965  12.486  1.00 37.32 ? 69   ARG B NH2 1 
ATOM   1163 N N   . PRO B 2 60 ? -14.386 -12.224 9.250   1.00 38.83 ? 70   PRO B N   1 
ATOM   1164 C CA  . PRO B 2 60 ? -14.355 -11.237 8.160   1.00 37.79 ? 70   PRO B CA  1 
ATOM   1165 C C   . PRO B 2 60 ? -13.060 -10.399 8.025   1.00 35.47 ? 70   PRO B C   1 
ATOM   1166 O O   . PRO B 2 60 ? -12.595 -9.826  8.986   1.00 34.95 ? 70   PRO B O   1 
ATOM   1167 C CB  . PRO B 2 60 ? -15.554 -10.335 8.492   1.00 37.93 ? 70   PRO B CB  1 
ATOM   1168 C CG  . PRO B 2 60 ? -16.563 -11.275 9.125   1.00 38.75 ? 70   PRO B CG  1 
ATOM   1169 C CD  . PRO B 2 60 ? -15.749 -12.350 9.821   1.00 39.60 ? 70   PRO B CD  1 
ATOM   1170 N N   . PHE B 2 61 ? -12.507 -10.346 6.818   1.00 34.56 ? 71   PHE B N   1 
ATOM   1171 C CA  . PHE B 2 61 ? -11.265 -9.591  6.550   1.00 32.34 ? 71   PHE B CA  1 
ATOM   1172 C C   . PHE B 2 61 ? -11.263 -8.964  5.172   1.00 30.30 ? 71   PHE B C   1 
ATOM   1173 O O   . PHE B 2 61 ? -11.632 -9.582  4.167   1.00 31.39 ? 71   PHE B O   1 
ATOM   1174 C CB  . PHE B 2 61 ? -10.023 -10.482 6.717   1.00 32.90 ? 71   PHE B CB  1 
ATOM   1175 C CG  . PHE B 2 61 ? -8.718  -9.776  6.402   1.00 30.13 ? 71   PHE B CG  1 
ATOM   1176 C CD1 . PHE B 2 61 ? -7.999  -9.164  7.413   1.00 25.85 ? 71   PHE B CD1 1 
ATOM   1177 C CD2 . PHE B 2 61 ? -8.240  -9.720  5.088   1.00 28.47 ? 71   PHE B CD2 1 
ATOM   1178 C CE1 . PHE B 2 61 ? -6.817  -8.511  7.157   1.00 26.14 ? 71   PHE B CE1 1 
ATOM   1179 C CE2 . PHE B 2 61 ? -7.037  -9.068  4.815   1.00 26.31 ? 71   PHE B CE2 1 
ATOM   1180 C CZ  . PHE B 2 61 ? -6.329  -8.469  5.860   1.00 25.38 ? 71   PHE B CZ  1 
ATOM   1181 N N   . ASN B 2 62 ? -10.808 -7.718  5.140   1.00 28.17 ? 72   ASN B N   1 
ATOM   1182 C CA  . ASN B 2 62 ? -10.662 -6.938  3.940   1.00 26.81 ? 72   ASN B CA  1 
ATOM   1183 C C   . ASN B 2 62 ? -9.169  -6.503  3.836   1.00 24.52 ? 72   ASN B C   1 
ATOM   1184 O O   . ASN B 2 62 ? -8.544  -6.205  4.842   1.00 22.68 ? 72   ASN B O   1 
ATOM   1185 C CB  . ASN B 2 62 ? -11.579 -5.709  4.077   1.00 28.33 ? 72   ASN B CB  1 
ATOM   1186 C CG  . ASN B 2 62 ? -11.517 -4.779  2.907   1.00 31.48 ? 72   ASN B CG  1 
ATOM   1187 O OD1 . ASN B 2 62 ? -10.640 -3.912  2.836   1.00 35.93 ? 72   ASN B OD1 1 
ATOM   1188 N ND2 . ASN B 2 62 ? -12.486 -4.916  1.982   1.00 36.34 ? 72   ASN B ND2 1 
ATOM   1189 N N   . MET B 2 63 ? -8.648  -6.462  2.622   1.00 23.30 ? 73   MET B N   1 
ATOM   1190 C CA  . MET B 2 63 ? -7.220  -6.186  2.352   1.00 23.61 ? 73   MET B CA  1 
ATOM   1191 C C   . MET B 2 63 ? -6.797  -4.863  2.957   1.00 24.02 ? 73   MET B C   1 
ATOM   1192 O O   . MET B 2 63 ? -5.637  -4.693  3.364   1.00 23.39 ? 73   MET B O   1 
ATOM   1193 C CB  . MET B 2 63 ? -6.947  -6.168  0.853   1.00 22.97 ? 73   MET B CB  1 
ATOM   1194 C CG  . MET B 2 63 ? -7.037  -7.489  0.123   1.00 22.31 ? 73   MET B CG  1 
ATOM   1195 S SD  . MET B 2 63 ? -5.956  -8.767  0.856   1.00 26.40 ? 73   MET B SD  1 
ATOM   1196 C CE  . MET B 2 63 ? -4.354  -7.791  0.841   1.00 26.15 ? 73   MET B CE  1 
ATOM   1197 N N   . GLN B 2 64 ? -7.747  -3.922  3.070   1.00 24.07 ? 74   GLN B N   1 
ATOM   1198 C CA  . GLN B 2 64 ? -7.432  -2.608  3.637   1.00 24.12 ? 74   GLN B CA  1 
ATOM   1199 C C   . GLN B 2 64 ? -6.845  -2.687  5.013   1.00 23.41 ? 74   GLN B C   1 
ATOM   1200 O O   . GLN B 2 64 ? -5.966  -1.927  5.348   1.00 21.44 ? 74   GLN B O   1 
ATOM   1201 C CB  . GLN B 2 64 ? -8.698  -1.683  3.644   1.00 26.31 ? 74   GLN B CB  1 
ATOM   1202 C CG  . GLN B 2 64 ? -8.335  -0.280  3.956   1.00 29.31 ? 74   GLN B CG  1 
ATOM   1203 C CD  . GLN B 2 64 ? -9.291  0.429   4.825   1.00 36.31 ? 74   GLN B CD  1 
ATOM   1204 O OE1 . GLN B 2 64 ? -9.068  0.546   6.040   1.00 41.01 ? 74   GLN B OE1 1 
ATOM   1205 N NE2 . GLN B 2 64 ? -10.334 0.990   4.213   1.00 39.12 ? 74   GLN B NE2 1 
ATOM   1206 N N   . GLU B 2 65 ? -7.337  -3.606  5.844   1.00 23.19 ? 75   GLU B N   1 
ATOM   1207 C CA  . GLU B 2 65 ? -6.818  -3.768  7.190   1.00 23.36 ? 75   GLU B CA  1 
ATOM   1208 C C   . GLU B 2 65 ? -5.329  -4.228  7.207   1.00 22.72 ? 75   GLU B C   1 
ATOM   1209 O O   . GLU B 2 65 ? -4.530  -3.812  8.061   1.00 23.33 ? 75   GLU B O   1 
ATOM   1210 C CB  . GLU B 2 65 ? -7.705  -4.781  7.951   1.00 24.67 ? 75   GLU B CB  1 
ATOM   1211 C CG  . GLU B 2 65 ? -7.184  -5.131  9.308   1.00 25.56 ? 75   GLU B CG  1 
ATOM   1212 C CD  . GLU B 2 65 ? -8.032  -6.184  10.030  1.00 30.79 ? 75   GLU B CD  1 
ATOM   1213 O OE1 . GLU B 2 65 ? -7.577  -6.583  11.121  1.00 33.10 ? 75   GLU B OE1 1 
ATOM   1214 O OE2 . GLU B 2 65 ? -9.122  -6.597  9.516   1.00 31.78 ? 75   GLU B OE2 1 
ATOM   1215 N N   . LEU B 2 66 ? -4.936  -5.071  6.268   1.00 22.27 ? 76   LEU B N   1 
ATOM   1216 C CA  . LEU B 2 66 ? -3.489  -5.398  6.169   1.00 21.04 ? 76   LEU B CA  1 
ATOM   1217 C C   . LEU B 2 66 ? -2.709  -4.165  5.691   1.00 19.45 ? 76   LEU B C   1 
ATOM   1218 O O   . LEU B 2 66 ? -1.632  -3.832  6.219   1.00 19.33 ? 76   LEU B O   1 
ATOM   1219 C CB  . LEU B 2 66 ? -3.273  -6.556  5.202   1.00 20.79 ? 76   LEU B CB  1 
ATOM   1220 C CG  . LEU B 2 66 ? -1.824  -6.887  4.806   1.00 22.71 ? 76   LEU B CG  1 
ATOM   1221 C CD1 . LEU B 2 66 ? -1.015  -7.309  5.986   1.00 25.80 ? 76   LEU B CD1 1 
ATOM   1222 C CD2 . LEU B 2 66 ? -1.773  -7.928  3.781   1.00 27.10 ? 76   LEU B CD2 1 
ATOM   1223 N N   . GLU B 2 67 ? -3.232  -3.511  4.667   1.00 18.88 ? 77   GLU B N   1 
ATOM   1224 C CA  . GLU B 2 67 ? -2.522  -2.394  4.037   1.00 19.52 ? 77   GLU B CA  1 
ATOM   1225 C C   . GLU B 2 67 ? -2.334  -1.232  5.010   1.00 20.35 ? 77   GLU B C   1 
ATOM   1226 O O   . GLU B 2 67 ? -1.256  -0.628  5.072   1.00 19.17 ? 77   GLU B O   1 
ATOM   1227 C CB  . GLU B 2 67 ? -3.199  -1.990  2.742   1.00 17.86 ? 77   GLU B CB  1 
ATOM   1228 C CG  . GLU B 2 67 ? -3.098  -3.055  1.676   1.00 21.27 ? 77   GLU B CG  1 
ATOM   1229 C CD  . GLU B 2 67 ? -4.218  -2.980  0.620   1.00 22.50 ? 77   GLU B CD  1 
ATOM   1230 O OE1 . GLU B 2 67 ? -4.141  -3.726  -0.366  1.00 21.88 ? 77   GLU B OE1 1 
ATOM   1231 O OE2 . GLU B 2 67 ? -5.171  -2.171  0.775   1.00 20.35 ? 77   GLU B OE2 1 
ATOM   1232 N N   . ILE B 2 68 ? -3.345  -0.961  5.835   1.00 21.21 ? 78   ILE B N   1 
ATOM   1233 C CA  . ILE B 2 68 ? -3.242  0.095   6.847   1.00 23.66 ? 78   ILE B CA  1 
ATOM   1234 C C   . ILE B 2 68 ? -2.240  -0.264  7.955   1.00 24.56 ? 78   ILE B C   1 
ATOM   1235 O O   . ILE B 2 68 ? -1.644  0.624   8.593   1.00 23.55 ? 78   ILE B O   1 
ATOM   1236 C CB  . ILE B 2 68 ? -4.685  0.530   7.416   1.00 25.27 ? 78   ILE B CB  1 
ATOM   1237 C CG1 . ILE B 2 68 ? -4.696  2.011   7.829   1.00 28.83 ? 78   ILE B CG1 1 
ATOM   1238 C CG2 . ILE B 2 68 ? -5.107  -0.272  8.599   1.00 27.19 ? 78   ILE B CG2 1 
ATOM   1239 C CD1 . ILE B 2 68 ? -5.620  2.862   7.067   1.00 29.95 ? 78   ILE B CD1 1 
ATOM   1240 N N   . ASN B 2 69 ? -2.007  -1.553  8.167   1.00 24.65 ? 79   ASN B N   1 
ATOM   1241 C CA  . ASN B 2 69 ? -1.061  -1.975  9.197   1.00 24.82 ? 79   ASN B CA  1 
ATOM   1242 C C   . ASN B 2 69 ? 0.317   -2.405  8.661   1.00 25.03 ? 79   ASN B C   1 
ATOM   1243 O O   . ASN B 2 69 ? 1.129   -2.911  9.416   1.00 25.98 ? 79   ASN B O   1 
ATOM   1244 C CB  . ASN B 2 69 ? -1.674  -3.096  10.059  1.00 25.46 ? 79   ASN B CB  1 
ATOM   1245 C CG  . ASN B 2 69 ? -2.806  -2.589  10.978  1.00 26.87 ? 79   ASN B CG  1 
ATOM   1246 O OD1 . ASN B 2 69 ? -3.992  -2.830  10.716  1.00 31.45 ? 79   ASN B OD1 1 
ATOM   1247 N ND2 . ASN B 2 69 ? -2.443  -1.847  12.012  1.00 27.18 ? 79   ASN B ND2 1 
ATOM   1248 N N   . LEU B 2 70 ? 0.572   -2.208  7.376   1.00 23.79 ? 80   LEU B N   1 
ATOM   1249 C CA  . LEU B 2 70 ? 1.892   -2.387  6.820   1.00 24.21 ? 80   LEU B CA  1 
ATOM   1250 C C   . LEU B 2 70 ? 2.777   -1.295  7.322   1.00 24.36 ? 80   LEU B C   1 
ATOM   1251 O O   . LEU B 2 70 ? 2.726   -0.188  6.763   1.00 25.67 ? 80   LEU B O   1 
ATOM   1252 C CB  . LEU B 2 70 ? 1.893   -2.291  5.308   1.00 24.27 ? 80   LEU B CB  1 
ATOM   1253 C CG  . LEU B 2 70 ? 1.556   -3.437  4.386   1.00 26.90 ? 80   LEU B CG  1 
ATOM   1254 C CD1 . LEU B 2 70 ? 1.764   -2.940  2.932   1.00 25.95 ? 80   LEU B CD1 1 
ATOM   1255 C CD2 . LEU B 2 70 ? 2.386   -4.697  4.641   1.00 26.44 ? 80   LEU B CD2 1 
ATOM   1256 N N   . ALA B 2 71 ? 3.592   -1.584  8.343   1.00 22.71 ? 81   ALA B N   1 
ATOM   1257 C CA  . ALA B 2 71 ? 4.569   -0.608  8.823   1.00 22.98 ? 81   ALA B CA  1 
ATOM   1258 C C   . ALA B 2 71 ? 5.566   -0.245  7.719   1.00 22.38 ? 81   ALA B C   1 
ATOM   1259 O O   . ALA B 2 71 ? 5.988   0.912   7.590   1.00 22.45 ? 81   ALA B O   1 
ATOM   1260 C CB  . ALA B 2 71 ? 5.297   -1.131  10.065  1.00 23.66 ? 81   ALA B CB  1 
ATOM   1261 N N   . SER B 2 72 ? 5.902   -1.213  6.871   1.00 21.32 ? 82   SER B N   1 
ATOM   1262 C CA  . SER B 2 72 ? 6.848   -0.997  5.788   1.00 19.90 ? 82   SER B CA  1 
ATOM   1263 C C   . SER B 2 72 ? 6.770   -2.208  4.858   1.00 19.06 ? 82   SER B C   1 
ATOM   1264 O O   . SER B 2 72 ? 6.008   -3.126  5.151   1.00 19.77 ? 82   SER B O   1 
ATOM   1265 C CB  . SER B 2 72 ? 8.287   -0.804  6.358   1.00 19.73 ? 82   SER B CB  1 
ATOM   1266 O OG  . SER B 2 72 ? 9.129   -0.300  5.355   1.00 21.33 ? 82   SER B OG  1 
ATOM   1267 N N   . PHE B 2 73 ? 7.526   -2.213  3.765   1.00 15.89 ? 83   PHE B N   1 
ATOM   1268 C CA  . PHE B 2 73 ? 7.571   -3.362  2.855   1.00 16.25 ? 83   PHE B CA  1 
ATOM   1269 C C   . PHE B 2 73 ? 8.755   -3.313  1.945   1.00 16.46 ? 83   PHE B C   1 
ATOM   1270 O O   . PHE B 2 73 ? 9.355   -2.258  1.781   1.00 16.33 ? 83   PHE B O   1 
ATOM   1271 C CB  . PHE B 2 73 ? 6.274   -3.485  2.015   1.00 16.11 ? 83   PHE B CB  1 
ATOM   1272 C CG  . PHE B 2 73 ? 6.044   -2.316  1.105   1.00 13.43 ? 83   PHE B CG  1 
ATOM   1273 C CD1 . PHE B 2 73 ? 6.560   -2.305  -0.147  1.00 15.19 ? 83   PHE B CD1 1 
ATOM   1274 C CD2 . PHE B 2 73 ? 5.336   -1.192  1.549   1.00 14.72 ? 83   PHE B CD2 1 
ATOM   1275 C CE1 . PHE B 2 73 ? 6.375   -1.190  -1.008  1.00 14.72 ? 83   PHE B CE1 1 
ATOM   1276 C CE2 . PHE B 2 73 ? 5.153   -0.076  0.691   1.00 14.14 ? 83   PHE B CE2 1 
ATOM   1277 C CZ  . PHE B 2 73 ? 5.695   -0.082  -0.571  1.00 13.33 ? 83   PHE B CZ  1 
ATOM   1278 N N   . ALA B 2 74 ? 9.089   -4.467  1.340   1.00 15.73 ? 84   ALA B N   1 
ATOM   1279 C CA  . ALA B 2 74 ? 10.106  -4.586  0.349   1.00 15.93 ? 84   ALA B CA  1 
ATOM   1280 C C   . ALA B 2 74 ? 9.484   -5.109  -0.931  1.00 16.81 ? 84   ALA B C   1 
ATOM   1281 O O   . ALA B 2 74 ? 8.604   -6.000  -0.906  1.00 15.51 ? 84   ALA B O   1 
ATOM   1282 C CB  . ALA B 2 74 ? 11.205  -5.544  0.843   1.00 17.99 ? 84   ALA B CB  1 
ATOM   1283 N N   . GLY B 2 75 ? 9.900   -4.523  -2.049  1.00 16.12 ? 85   GLY B N   1 
ATOM   1284 C CA  . GLY B 2 75 ? 9.404   -4.875  -3.373  1.00 16.63 ? 85   GLY B CA  1 
ATOM   1285 C C   . GLY B 2 75 ? 8.369   -3.930  -3.967  1.00 15.81 ? 85   GLY B C   1 
ATOM   1286 O O   . GLY B 2 75 ? 7.886   -3.047  -3.311  1.00 16.19 ? 85   GLY B O   1 
ATOM   1287 N N   . GLN B 2 76 ? 8.011   -4.134  -5.224  1.00 15.54 ? 86   GLN B N   1 
ATOM   1288 C CA  . GLN B 2 76 ? 6.934   -3.375  -5.830  1.00 17.32 ? 86   GLN B CA  1 
ATOM   1289 C C   . GLN B 2 76 ? 5.649   -4.106  -5.445  1.00 16.75 ? 86   GLN B C   1 
ATOM   1290 O O   . GLN B 2 76 ? 5.699   -5.261  -5.009  1.00 15.26 ? 86   GLN B O   1 
ATOM   1291 C CB  . GLN B 2 76 ? 7.067   -3.336  -7.343  1.00 18.14 ? 86   GLN B CB  1 
ATOM   1292 C CG  . GLN B 2 76 ? 8.269   -2.533  -7.878  1.00 22.40 ? 86   GLN B CG  1 
ATOM   1293 C CD  . GLN B 2 76 ? 8.274   -2.616  -9.373  1.00 26.72 ? 86   GLN B CD  1 
ATOM   1294 O OE1 . GLN B 2 76 ? 7.559   -1.872  -10.020 1.00 28.03 ? 86   GLN B OE1 1 
ATOM   1295 N NE2 . GLN B 2 76 ? 8.991   -3.610  -9.924  1.00 30.71 ? 86   GLN B NE2 1 
ATOM   1296 N N   . ILE B 2 77 ? 4.517   -3.440  -5.627  1.00 16.93 ? 87   ILE B N   1 
ATOM   1297 C CA  . ILE B 2 77 ? 3.219   -3.938  -5.186  1.00 17.15 ? 87   ILE B CA  1 
ATOM   1298 C C   . ILE B 2 77 ? 2.208   -3.945  -6.324  1.00 17.91 ? 87   ILE B C   1 
ATOM   1299 O O   . ILE B 2 77 ? 2.085   -2.975  -7.098  1.00 17.96 ? 87   ILE B O   1 
ATOM   1300 C CB  . ILE B 2 77 ? 2.663   -3.083  -4.016  1.00 17.60 ? 87   ILE B CB  1 
ATOM   1301 C CG1 . ILE B 2 77 ? 3.473   -3.324  -2.741  1.00 16.51 ? 87   ILE B CG1 1 
ATOM   1302 C CG2 . ILE B 2 77 ? 1.182   -3.440  -3.695  1.00 16.57 ? 87   ILE B CG2 1 
ATOM   1303 C CD1 . ILE B 2 77 ? 3.103   -2.387  -1.647  1.00 20.54 ? 87   ILE B CD1 1 
ATOM   1304 N N   . GLN B 2 78 ? 1.432   -5.024  -6.377  1.00 17.71 ? 88   GLN B N   1 
ATOM   1305 C CA  . GLN B 2 78 ? 0.183   -5.056  -7.127  1.00 18.96 ? 88   GLN B CA  1 
ATOM   1306 C C   . GLN B 2 78 ? -0.853  -5.458  -6.125  1.00 18.19 ? 88   GLN B C   1 
ATOM   1307 O O   . GLN B 2 78 ? -0.657  -6.419  -5.389  1.00 18.57 ? 88   GLN B O   1 
ATOM   1308 C CB  . GLN B 2 78 ? 0.220   -6.070  -8.278  1.00 20.55 ? 88   GLN B CB  1 
ATOM   1309 C CG  . GLN B 2 78 ? 1.080   -5.659  -9.442  1.00 25.02 ? 88   GLN B CG  1 
ATOM   1310 C CD  . GLN B 2 78 ? 1.264   -6.764  -10.531 1.00 28.47 ? 88   GLN B CD  1 
ATOM   1311 O OE1 . GLN B 2 78 ? 1.431   -6.453  -11.712 1.00 37.76 ? 88   GLN B OE1 1 
ATOM   1312 N NE2 . GLN B 2 78 ? 1.218   -7.993  -10.135 1.00 28.92 ? 88   GLN B NE2 1 
ATOM   1313 N N   . ALA B 2 79 ? -1.977  -4.741  -6.083  1.00 17.47 ? 89   ALA B N   1 
ATOM   1314 C CA  . ALA B 2 79 ? -3.019  -5.055  -5.098  1.00 17.94 ? 89   ALA B CA  1 
ATOM   1315 C C   . ALA B 2 79 ? -4.420  -4.779  -5.610  1.00 18.20 ? 89   ALA B C   1 
ATOM   1316 O O   . ALA B 2 79 ? -4.672  -3.877  -6.446  1.00 15.86 ? 89   ALA B O   1 
ATOM   1317 C CB  . ALA B 2 79 ? -2.794  -4.318  -3.791  1.00 18.76 ? 89   ALA B CB  1 
ATOM   1318 N N   . ASP B 2 80 ? -5.341  -5.567  -5.082  1.00 20.20 ? 90   ASP B N   1 
ATOM   1319 C CA  . ASP B 2 80 ? -6.785  -5.401  -5.368  1.00 20.80 ? 90   ASP B CA  1 
ATOM   1320 C C   . ASP B 2 80 ? -7.570  -5.977  -4.203  1.00 21.68 ? 90   ASP B C   1 
ATOM   1321 O O   . ASP B 2 80 ? -7.029  -6.188  -3.119  1.00 21.52 ? 90   ASP B O   1 
ATOM   1322 C CB  . ASP B 2 80 ? -7.168  -5.996  -6.745  1.00 21.27 ? 90   ASP B CB  1 
ATOM   1323 C CG  . ASP B 2 80 ? -6.952  -7.504  -6.844  1.00 22.16 ? 90   ASP B CG  1 
ATOM   1324 O OD1 . ASP B 2 80 ? -6.671  -7.997  -7.957  1.00 28.17 ? 90   ASP B OD1 1 
ATOM   1325 O OD2 . ASP B 2 80 ? -7.004  -8.263  -5.867  1.00 23.23 ? 90   ASP B OD2 1 
ATOM   1326 N N   . GLU B 2 81 ? -8.871  -6.194  -4.388  1.00 22.94 ? 91   GLU B N   1 
ATOM   1327 C CA  . GLU B 2 81 ? -9.710  -6.603  -3.277  1.00 23.48 ? 91   GLU B CA  1 
ATOM   1328 C C   . GLU B 2 81 ? -9.511  -8.051  -2.848  1.00 22.75 ? 91   GLU B C   1 
ATOM   1329 O O   . GLU B 2 81 ? -9.917  -8.403  -1.746  1.00 24.70 ? 91   GLU B O   1 
ATOM   1330 C CB  . GLU B 2 81 ? -11.204 -6.361  -3.609  1.00 24.62 ? 91   GLU B CB  1 
ATOM   1331 C CG  . GLU B 2 81 ? -11.740 -7.265  -4.697  1.00 27.84 ? 91   GLU B CG  1 
ATOM   1332 C CD  . GLU B 2 81 ? -13.097 -6.813  -5.209  1.00 36.84 ? 91   GLU B CD  1 
ATOM   1333 O OE1 . GLU B 2 81 ? -13.938 -6.374  -4.364  1.00 39.00 ? 91   GLU B OE1 1 
ATOM   1334 O OE2 . GLU B 2 81 ? -13.289 -6.881  -6.451  1.00 41.00 ? 91   GLU B OE2 1 
ATOM   1335 N N   . ASP B 2 82 ? -8.911  -8.856  -3.712  1.00 22.02 ? 92   ASP B N   1 
ATOM   1336 C CA  . ASP B 2 82 ? -8.629  -10.294 -3.472  1.00 22.35 ? 92   ASP B CA  1 
ATOM   1337 C C   . ASP B 2 82 ? -7.231  -10.651 -2.894  1.00 22.01 ? 92   ASP B C   1 
ATOM   1338 O O   . ASP B 2 82 ? -7.072  -11.652 -2.176  1.00 22.70 ? 92   ASP B O   1 
ATOM   1339 C CB  . ASP B 2 82 ? -8.863  -10.993 -4.810  1.00 22.84 ? 92   ASP B CB  1 
ATOM   1340 C CG  . ASP B 2 82 ? -10.338 -10.888 -5.246  1.00 24.87 ? 92   ASP B CG  1 
ATOM   1341 O OD1 . ASP B 2 82 ? -11.177 -10.857 -4.328  1.00 23.66 ? 92   ASP B OD1 1 
ATOM   1342 O OD2 . ASP B 2 82 ? -10.710 -10.788 -6.424  1.00 27.77 ? 92   ASP B OD2 1 
ATOM   1343 N N   . GLN B 2 83 ? -6.230  -9.803  -3.162  1.00 20.78 ? 93   GLN B N   1 
ATOM   1344 C CA  . GLN B 2 83 ? -4.864  -10.090 -2.767  1.00 20.41 ? 93   GLN B CA  1 
ATOM   1345 C C   . GLN B 2 83 ? -3.909  -8.884  -2.856  1.00 19.76 ? 93   GLN B C   1 
ATOM   1346 O O   . GLN B 2 83 ? -4.218  -7.864  -3.471  1.00 19.61 ? 93   GLN B O   1 
ATOM   1347 C CB  . GLN B 2 83 ? -4.297  -11.186 -3.645  1.00 19.76 ? 93   GLN B CB  1 
ATOM   1348 C CG  . GLN B 2 83 ? -4.164  -10.833 -5.083  1.00 23.98 ? 93   GLN B CG  1 
ATOM   1349 C CD  . GLN B 2 83 ? -3.366  -11.891 -5.834  1.00 29.15 ? 93   GLN B CD  1 
ATOM   1350 O OE1 . GLN B 2 83 ? -2.425  -11.567 -6.529  1.00 35.78 ? 93   GLN B OE1 1 
ATOM   1351 N NE2 . GLN B 2 83 ? -3.715  -13.137 -5.652  1.00 26.08 ? 93   GLN B NE2 1 
ATOM   1352 N N   . ILE B 2 84 ? -2.760  -9.054  -2.224  1.00 19.35 ? 94   ILE B N   1 
ATOM   1353 C CA  . ILE B 2 84 ? -1.585  -8.203  -2.466  1.00 18.59 ? 94   ILE B CA  1 
ATOM   1354 C C   . ILE B 2 84 ? -0.435  -9.100  -2.929  1.00 18.27 ? 94   ILE B C   1 
ATOM   1355 O O   . ILE B 2 84 ? -0.270  -10.223 -2.440  1.00 17.89 ? 94   ILE B O   1 
ATOM   1356 C CB  . ILE B 2 84 ? -1.248  -7.370  -1.216  1.00 18.73 ? 94   ILE B CB  1 
ATOM   1357 C CG1 . ILE B 2 84 ? -0.121  -6.336  -1.506  1.00 18.24 ? 94   ILE B CG1 1 
ATOM   1358 C CG2 . ILE B 2 84 ? -0.883  -8.195  -0.028  1.00 19.70 ? 94   ILE B CG2 1 
ATOM   1359 C CD1 . ILE B 2 84 ? -0.116  -5.187  -0.505  1.00 18.89 ? 94   ILE B CD1 1 
ATOM   1360 N N   . ARG B 2 85 ? 0.316   -8.615  -3.906  1.00 17.47 ? 95   ARG B N   1 
ATOM   1361 C CA  . ARG B 2 85 ? 1.528   -9.256  -4.405  1.00 17.43 ? 95   ARG B CA  1 
ATOM   1362 C C   . ARG B 2 85 ? 2.729   -8.288  -4.259  1.00 16.17 ? 95   ARG B C   1 
ATOM   1363 O O   . ARG B 2 85 ? 2.725   -7.219  -4.857  1.00 16.01 ? 95   ARG B O   1 
ATOM   1364 C CB  . ARG B 2 85 ? 1.368   -9.566  -5.889  1.00 17.28 ? 95   ARG B CB  1 
ATOM   1365 C CG  . ARG B 2 85 ? 2.607   -10.105 -6.561  1.00 22.67 ? 95   ARG B CG  1 
ATOM   1366 C CD  . ARG B 2 85 ? 2.438   -10.333 -8.080  1.00 27.44 ? 95   ARG B CD  1 
ATOM   1367 N NE  . ARG B 2 85 ? 3.665   -10.839 -8.711  1.00 27.63 ? 95   ARG B NE  1 
ATOM   1368 C CZ  . ARG B 2 85 ? 4.215   -10.368 -9.817  1.00 27.41 ? 95   ARG B CZ  1 
ATOM   1369 N NH1 . ARG B 2 85 ? 3.698   -9.336  -10.454 1.00 29.54 ? 95   ARG B NH1 1 
ATOM   1370 N NH2 . ARG B 2 85 ? 5.330   -10.931 -10.284 1.00 31.25 ? 95   ARG B NH2 1 
ATOM   1371 N N   . PHE B 2 86 ? 3.720   -8.679  -3.486  1.00 15.09 ? 96   PHE B N   1 
ATOM   1372 C CA  . PHE B 2 86 ? 4.995   -7.992  -3.445  1.00 16.43 ? 96   PHE B CA  1 
ATOM   1373 C C   . PHE B 2 86 ? 5.923   -8.675  -4.439  1.00 17.18 ? 96   PHE B C   1 
ATOM   1374 O O   . PHE B 2 86 ? 5.940   -9.926  -4.497  1.00 16.30 ? 96   PHE B O   1 
ATOM   1375 C CB  . PHE B 2 86 ? 5.606   -8.050  -2.067  1.00 15.96 ? 96   PHE B CB  1 
ATOM   1376 C CG  . PHE B 2 86 ? 4.731   -7.487  -0.989  1.00 16.47 ? 96   PHE B CG  1 
ATOM   1377 C CD1 . PHE B 2 86 ? 3.846   -8.299  -0.274  1.00 16.24 ? 96   PHE B CD1 1 
ATOM   1378 C CD2 . PHE B 2 86 ? 4.801   -6.143  -0.663  1.00 17.63 ? 96   PHE B CD2 1 
ATOM   1379 C CE1 . PHE B 2 86 ? 3.070   -7.756  0.743   1.00 14.73 ? 96   PHE B CE1 1 
ATOM   1380 C CE2 . PHE B 2 86 ? 4.027   -5.613  0.333   1.00 16.03 ? 96   PHE B CE2 1 
ATOM   1381 C CZ  . PHE B 2 86 ? 3.145   -6.421  1.033   1.00 16.90 ? 96   PHE B CZ  1 
ATOM   1382 N N   . TYR B 2 87 ? 6.700   -7.900  -5.203  1.00 18.20 ? 97   TYR B N   1 
ATOM   1383 C CA  . TYR B 2 87 ? 7.543   -8.499  -6.214  1.00 20.13 ? 97   TYR B CA  1 
ATOM   1384 C C   . TYR B 2 87 ? 8.731   -7.652  -6.697  1.00 22.22 ? 97   TYR B C   1 
ATOM   1385 O O   . TYR B 2 87 ? 8.752   -6.419  -6.576  1.00 17.78 ? 97   TYR B O   1 
ATOM   1386 C CB  . TYR B 2 87 ? 6.728   -8.921  -7.442  1.00 20.32 ? 97   TYR B CB  1 
ATOM   1387 C CG  . TYR B 2 87 ? 6.181   -7.773  -8.254  1.00 22.00 ? 97   TYR B CG  1 
ATOM   1388 C CD1 . TYR B 2 87 ? 6.802   -7.370  -9.432  1.00 23.96 ? 97   TYR B CD1 1 
ATOM   1389 C CD2 . TYR B 2 87 ? 5.021   -7.084  -7.858  1.00 23.97 ? 97   TYR B CD2 1 
ATOM   1390 C CE1 . TYR B 2 87 ? 6.292   -6.301  -10.186 1.00 22.75 ? 97   TYR B CE1 1 
ATOM   1391 C CE2 . TYR B 2 87 ? 4.511   -6.012  -8.617  1.00 21.84 ? 97   TYR B CE2 1 
ATOM   1392 C CZ  . TYR B 2 87 ? 5.144   -5.650  -9.783  1.00 22.22 ? 97   TYR B CZ  1 
ATOM   1393 O OH  . TYR B 2 87 ? 4.675   -4.594  -10.557 1.00 21.44 ? 97   TYR B OH  1 
ATOM   1394 N N   . PHE B 2 88 ? 9.697   -8.380  -7.247  1.00 23.71 ? 98   PHE B N   1 
ATOM   1395 C CA  . PHE B 2 88 ? 10.886  -7.812  -7.868  1.00 28.26 ? 98   PHE B CA  1 
ATOM   1396 C C   . PHE B 2 88 ? 10.895  -8.045  -9.392  1.00 29.23 ? 98   PHE B C   1 
ATOM   1397 O O   . PHE B 2 88 ? 10.966  -6.966  -10.036 1.00 32.84 ? 98   PHE B O   1 
ATOM   1398 C CB  . PHE B 2 88 ? 12.164  -8.383  -7.229  1.00 28.93 ? 98   PHE B CB  1 
ATOM   1399 C CG  . PHE B 2 88 ? 13.423  -7.666  -7.666  1.00 34.54 ? 98   PHE B CG  1 
ATOM   1400 C CD1 . PHE B 2 88 ? 13.698  -6.373  -7.210  1.00 40.45 ? 98   PHE B CD1 1 
ATOM   1401 C CD2 . PHE B 2 88 ? 14.290  -8.250  -8.595  1.00 39.76 ? 98   PHE B CD2 1 
ATOM   1402 C CE1 . PHE B 2 88 ? 14.852  -5.680  -7.656  1.00 41.86 ? 98   PHE B CE1 1 
ATOM   1403 C CE2 . PHE B 2 88 ? 15.431  -7.574  -9.041  1.00 40.57 ? 98   PHE B CE2 1 
ATOM   1404 C CZ  . PHE B 2 88 ? 15.714  -6.299  -8.572  1.00 42.95 ? 98   PHE B CZ  1 
HETATM 1405 C C1  . HTO C 3 .  ? 3.481   1.691   3.235   1.00 33.75 ? 1099 HTO B C1  1 
HETATM 1406 O O1  . HTO C 3 .  ? 4.234   1.058   4.289   1.00 27.58 ? 1099 HTO B O1  1 
HETATM 1407 C C2  . HTO C 3 .  ? 1.992   1.570   3.577   1.00 32.37 ? 1099 HTO B C2  1 
HETATM 1408 O O2  . HTO C 3 .  ? 1.774   2.582   4.509   1.00 37.83 ? 1099 HTO B O2  1 
HETATM 1409 C C3  . HTO C 3 .  ? 0.882   1.721   2.571   1.00 33.02 ? 1099 HTO B C3  1 
HETATM 1410 O O3  . HTO C 3 .  ? -0.176  1.980   3.492   1.00 37.05 ? 1099 HTO B O3  1 
HETATM 1411 C C4  . HTO C 3 .  ? 0.507   0.481   1.766   1.00 30.24 ? 1099 HTO B C4  1 
HETATM 1412 C C5  . HTO C 3 .  ? 0.106   0.679   0.321   1.00 28.03 ? 1099 HTO B C5  1 
HETATM 1413 C C6  . HTO C 3 .  ? -0.282  -0.653  -0.273  1.00 30.23 ? 1099 HTO B C6  1 
HETATM 1414 C C7  . HTO C 3 .  ? -0.812  -0.586  -1.680  1.00 27.61 ? 1099 HTO B C7  1 
HETATM 1415 O O   . HOH D 4 .  ? -19.447 7.584   1.658   1.00 40.99 ? 2001 HOH A O   1 
HETATM 1416 O O   . HOH D 4 .  ? -15.685 10.539  4.306   1.00 45.48 ? 2002 HOH A O   1 
HETATM 1417 O O   . HOH D 4 .  ? -13.910 11.859  6.450   1.00 50.50 ? 2003 HOH A O   1 
HETATM 1418 O O   . HOH D 4 .  ? 10.468  11.615  4.954   1.00 25.83 ? 2004 HOH A O   1 
HETATM 1419 O O   . HOH D 4 .  ? 6.719   14.189  1.238   1.00 30.59 ? 2005 HOH A O   1 
HETATM 1420 O O   . HOH D 4 .  ? 3.722   20.746  1.198   1.00 41.21 ? 2006 HOH A O   1 
HETATM 1421 O O   . HOH D 4 .  ? 6.193   22.344  5.281   1.00 41.31 ? 2007 HOH A O   1 
HETATM 1422 O O   . HOH D 4 .  ? 9.485   12.716  6.761   1.00 53.58 ? 2008 HOH A O   1 
HETATM 1423 O O   . HOH D 4 .  ? 9.218   13.437  3.999   1.00 37.96 ? 2009 HOH A O   1 
HETATM 1424 O O   . HOH D 4 .  ? 4.516   18.929  3.322   1.00 22.19 ? 2010 HOH A O   1 
HETATM 1425 O O   . HOH D 4 .  ? 7.046   19.733  3.906   1.00 41.35 ? 2011 HOH A O   1 
HETATM 1426 O O   . HOH D 4 .  ? 5.755   19.310  -0.996  1.00 19.08 ? 2012 HOH A O   1 
HETATM 1427 O O   . HOH D 4 .  ? 13.383  16.392  -2.589  1.00 38.97 ? 2013 HOH A O   1 
HETATM 1428 O O   . HOH D 4 .  ? 9.944   16.487  -4.884  1.00 32.75 ? 2014 HOH A O   1 
HETATM 1429 O O   . HOH D 4 .  ? 8.752   20.547  0.803   1.00 44.36 ? 2015 HOH A O   1 
HETATM 1430 O O   . HOH D 4 .  ? 11.584  18.596  2.650   0.33 20.37 ? 2016 HOH A O   1 
HETATM 1431 O O   . HOH D 4 .  ? 8.541   13.739  0.624   1.00 26.51 ? 2017 HOH A O   1 
HETATM 1432 O O   . HOH D 4 .  ? 4.517   23.500  -3.940  1.00 52.95 ? 2018 HOH A O   1 
HETATM 1433 O O   . HOH D 4 .  ? -15.097 1.685   0.673   1.00 43.49 ? 2019 HOH A O   1 
HETATM 1434 O O   . HOH D 4 .  ? -3.324  21.551  -7.416  1.00 53.66 ? 2020 HOH A O   1 
HETATM 1435 O O   . HOH D 4 .  ? 5.787   19.959  -10.027 1.00 19.49 ? 2021 HOH A O   1 
HETATM 1436 O O   . HOH D 4 .  ? 7.347   16.012  9.438   1.00 45.72 ? 2022 HOH A O   1 
HETATM 1437 O O   . HOH D 4 .  ? -9.045  18.112  -10.342 1.00 29.65 ? 2023 HOH A O   1 
HETATM 1438 O O   . HOH D 4 .  ? -4.446  11.161  -16.187 1.00 46.50 ? 2024 HOH A O   1 
HETATM 1439 O O   . HOH D 4 .  ? 11.762  4.702   -13.026 1.00 46.52 ? 2025 HOH A O   1 
HETATM 1440 O O   . HOH D 4 .  ? 9.741   3.863   -16.636 1.00 42.75 ? 2026 HOH A O   1 
HETATM 1441 O O   . HOH D 4 .  ? -11.271 10.532  -10.663 1.00 38.97 ? 2027 HOH A O   1 
HETATM 1442 O O   . HOH D 4 .  ? 15.407  12.473  -16.182 1.00 38.08 ? 2028 HOH A O   1 
HETATM 1443 O O   . HOH D 4 .  ? -12.476 12.277  -13.016 1.00 43.51 ? 2029 HOH A O   1 
HETATM 1444 O O   . HOH D 4 .  ? 13.174  4.720   -10.488 1.00 44.54 ? 2030 HOH A O   1 
HETATM 1445 O O   . HOH D 4 .  ? -16.018 9.133   -8.912  1.00 39.39 ? 2031 HOH A O   1 
HETATM 1446 O O   . HOH D 4 .  ? -16.669 21.364  -0.333  1.00 52.75 ? 2032 HOH A O   1 
HETATM 1447 O O   . HOH D 4 .  ? -16.347 16.666  -6.785  1.00 31.19 ? 2033 HOH A O   1 
HETATM 1448 O O   . HOH D 4 .  ? -18.020 21.527  -2.330  1.00 31.60 ? 2034 HOH A O   1 
HETATM 1449 O O   . HOH D 4 .  ? -14.335 15.195  -5.101  1.00 24.29 ? 2035 HOH A O   1 
HETATM 1450 O O   . HOH D 4 .  ? -8.653  16.027  3.108   1.00 34.21 ? 2036 HOH A O   1 
HETATM 1451 O O   . HOH D 4 .  ? -12.771 16.785  -2.077  1.00 30.64 ? 2037 HOH A O   1 
HETATM 1452 O O   . HOH D 4 .  ? -13.883 3.949   2.923   1.00 43.46 ? 2038 HOH A O   1 
HETATM 1453 O O   . HOH D 4 .  ? 3.060   19.922  5.651   1.00 24.09 ? 2039 HOH A O   1 
HETATM 1454 O O   . HOH D 4 .  ? 3.044   22.892  6.625   1.00 36.08 ? 2040 HOH A O   1 
HETATM 1455 O O   . HOH D 4 .  ? -6.944  10.412  9.829   1.00 55.35 ? 2041 HOH A O   1 
HETATM 1456 O O   . HOH D 4 .  ? -7.032  16.546  11.870  1.00 33.75 ? 2042 HOH A O   1 
HETATM 1457 O O   . HOH D 4 .  ? 5.182   23.982  8.500   1.00 40.91 ? 2043 HOH A O   1 
HETATM 1458 O O   . HOH D 4 .  ? 6.057   13.538  9.192   1.00 43.08 ? 2044 HOH A O   1 
HETATM 1459 O O   . HOH D 4 .  ? -21.514 15.618  -3.495  1.00 39.13 ? 2045 HOH A O   1 
HETATM 1460 O O   . HOH D 4 .  ? -17.400 16.599  -3.326  1.00 36.52 ? 2046 HOH A O   1 
HETATM 1461 O O   . HOH D 4 .  ? -11.432 4.385   -12.775 1.00 42.71 ? 2047 HOH A O   1 
HETATM 1462 O O   . HOH D 4 .  ? -1.433  9.131   -16.779 1.00 26.65 ? 2048 HOH A O   1 
HETATM 1463 O O   . HOH D 4 .  ? 4.670   4.343   -18.937 1.00 46.25 ? 2049 HOH A O   1 
HETATM 1464 O O   . HOH D 4 .  ? -1.182  6.194   -17.048 1.00 29.46 ? 2050 HOH A O   1 
HETATM 1465 O O   . HOH D 4 .  ? 5.882   10.670  -17.108 1.00 30.61 ? 2051 HOH A O   1 
HETATM 1466 O O   . HOH D 4 .  ? 10.746  5.810   -15.398 1.00 32.71 ? 2052 HOH A O   1 
HETATM 1467 O O   . HOH D 4 .  ? 8.390   7.002   -18.208 1.00 37.22 ? 2053 HOH A O   1 
HETATM 1468 O O   . HOH D 4 .  ? 1.952   16.186  -16.039 1.00 31.05 ? 2054 HOH A O   1 
HETATM 1469 O O   . HOH D 4 .  ? 8.405   16.834  -16.231 1.00 19.34 ? 2055 HOH A O   1 
HETATM 1470 O O   . HOH D 4 .  ? 6.498   12.610  -18.990 1.00 49.98 ? 2056 HOH A O   1 
HETATM 1471 O O   . HOH D 4 .  ? 8.370   18.189  -7.981  1.00 26.63 ? 2057 HOH A O   1 
HETATM 1472 O O   . HOH D 4 .  ? 11.021  17.018  -8.065  1.00 15.18 ? 2058 HOH A O   1 
HETATM 1473 O O   . HOH D 4 .  ? 15.406  14.288  -14.160 1.00 17.20 ? 2059 HOH A O   1 
HETATM 1474 O O   . HOH D 4 .  ? 11.635  14.375  -4.493  1.00 37.47 ? 2060 HOH A O   1 
HETATM 1475 O O   . HOH D 4 .  ? 14.903  10.470  -6.696  1.00 41.49 ? 2061 HOH A O   1 
HETATM 1476 O O   . HOH D 4 .  ? 11.967  11.385  -15.853 1.00 38.36 ? 2062 HOH A O   1 
HETATM 1477 O O   . HOH D 4 .  ? 13.063  6.652   -8.916  1.00 21.47 ? 2063 HOH A O   1 
HETATM 1478 O O   . HOH D 4 .  ? 8.854   2.963   -12.999 1.00 46.65 ? 2064 HOH A O   1 
HETATM 1479 O O   . HOH D 4 .  ? 7.106   1.009   -13.409 1.00 39.72 ? 2065 HOH A O   1 
HETATM 1480 O O   . HOH D 4 .  ? 11.589  -3.160  -5.721  1.00 28.10 ? 2066 HOH A O   1 
HETATM 1481 O O   . HOH D 4 .  ? 12.361  -2.692  -1.699  1.00 22.25 ? 2067 HOH A O   1 
HETATM 1482 O O   . HOH D 4 .  ? 10.718  6.074   -7.550  1.00 13.70 ? 2068 HOH A O   1 
HETATM 1483 O O   . HOH D 4 .  ? 12.706  9.473   -2.062  1.00 20.91 ? 2069 HOH A O   1 
HETATM 1484 O O   . HOH D 4 .  ? 9.837   11.181  -2.519  1.00 32.48 ? 2070 HOH A O   1 
HETATM 1485 O O   . HOH D 4 .  ? 4.950   -0.633  -6.272  1.00 14.46 ? 2071 HOH A O   1 
HETATM 1486 O O   . HOH D 4 .  ? 1.652   -0.161  -7.136  1.00 13.90 ? 2072 HOH A O   1 
HETATM 1487 O O   . HOH D 4 .  ? 5.007   6.360   5.279   1.00 46.19 ? 2073 HOH A O   1 
HETATM 1488 O O   . HOH D 4 .  ? 10.149  11.621  0.497   1.00 32.26 ? 2074 HOH A O   1 
HETATM 1489 O O   . HOH D 4 .  ? -1.424  3.411   8.224   1.00 50.14 ? 2075 HOH A O   1 
HETATM 1490 O O   . HOH D 4 .  ? -6.283  7.821   8.530   1.00 50.83 ? 2076 HOH A O   1 
HETATM 1491 O O   . HOH D 4 .  ? -3.692  4.498   9.645   1.00 39.99 ? 2077 HOH A O   1 
HETATM 1492 O O   . HOH D 4 .  ? -8.121  5.671   7.181   1.00 41.97 ? 2078 HOH A O   1 
HETATM 1493 O O   . HOH D 4 .  ? -11.752 4.754   4.918   1.00 44.55 ? 2079 HOH A O   1 
HETATM 1494 O O   . HOH D 4 .  ? -9.854  -3.947  -0.746  1.00 25.76 ? 2080 HOH A O   1 
HETATM 1495 O O   . HOH D 4 .  ? -8.447  0.207   -10.559 1.00 46.64 ? 2081 HOH A O   1 
HETATM 1496 O O   . HOH D 4 .  ? -10.630 -5.314  -6.646  1.00 36.93 ? 2082 HOH A O   1 
HETATM 1497 O O   . HOH D 4 .  ? -4.162  -4.258  -9.500  1.00 45.03 ? 2083 HOH A O   1 
HETATM 1498 O O   . HOH D 4 .  ? -3.633  0.036   -14.395 1.00 38.39 ? 2084 HOH A O   1 
HETATM 1499 O O   . HOH D 4 .  ? 1.442   -3.772  -12.701 1.00 30.68 ? 2085 HOH A O   1 
HETATM 1500 O O   . HOH D 4 .  ? 5.559   1.774   -10.934 1.00 13.23 ? 2086 HOH A O   1 
HETATM 1501 O O   . HOH D 4 .  ? 7.483   -1.588  -13.143 1.00 49.66 ? 2087 HOH A O   1 
HETATM 1502 O O   . HOH D 4 .  ? 1.045   5.561   -15.399 1.00 23.21 ? 2088 HOH A O   1 
HETATM 1503 O O   . HOH D 4 .  ? 2.996   3.854   -16.113 1.00 26.01 ? 2089 HOH A O   1 
HETATM 1504 O O   . HOH D 4 .  ? -6.028  0.934   -10.028 1.00 35.47 ? 2090 HOH A O   1 
HETATM 1505 O O   . HOH D 4 .  ? -3.004  4.521   -15.859 1.00 43.62 ? 2091 HOH A O   1 
HETATM 1506 O O   . HOH D 4 .  ? -6.583  5.825   -14.949 1.00 41.74 ? 2092 HOH A O   1 
HETATM 1507 O O   . HOH D 4 .  ? -9.458  -3.149  -3.129  1.00 23.98 ? 2093 HOH A O   1 
HETATM 1508 O O   . HOH D 4 .  ? -18.428 0.580   -1.432  1.00 58.17 ? 2094 HOH A O   1 
HETATM 1509 O O   . HOH E 4 .  ? 17.435  -8.427  -6.160  1.00 33.06 ? 2001 HOH B O   1 
HETATM 1510 O O   . HOH E 4 .  ? 14.752  -6.590  -0.106  1.00 37.86 ? 2002 HOH B O   1 
HETATM 1511 O O   . HOH E 4 .  ? 0.401   -26.045 -4.970  0.33 23.65 ? 2003 HOH B O   1 
HETATM 1512 O O   . HOH E 4 .  ? 1.044   -27.210 -2.330  0.33 23.71 ? 2004 HOH B O   1 
HETATM 1513 O O   . HOH E 4 .  ? 1.218   -12.973 16.425  1.00 46.36 ? 2005 HOH B O   1 
HETATM 1514 O O   . HOH E 4 .  ? 3.098   -11.091 17.063  1.00 47.39 ? 2006 HOH B O   1 
HETATM 1515 O O   . HOH E 4 .  ? -3.055  -6.071  19.075  1.00 60.80 ? 2007 HOH B O   1 
HETATM 1516 O O   . HOH E 4 .  ? 5.042   -19.155 13.341  1.00 47.70 ? 2008 HOH B O   1 
HETATM 1517 O O   . HOH E 4 .  ? 3.704   -27.224 -1.983  1.00 37.47 ? 2009 HOH B O   1 
HETATM 1518 O O   . HOH E 4 .  ? 1.983   -24.211 1.142   1.00 31.47 ? 2010 HOH B O   1 
HETATM 1519 O O   . HOH E 4 .  ? -1.551  -23.513 -1.409  1.00 33.55 ? 2011 HOH B O   1 
HETATM 1520 O O   . HOH E 4 .  ? -8.143  -15.672 -3.716  1.00 46.72 ? 2012 HOH B O   1 
HETATM 1521 O O   . HOH E 4 .  ? -8.521  -19.792 -0.988  1.00 32.45 ? 2013 HOH B O   1 
HETATM 1522 O O   . HOH E 4 .  ? -1.465  -17.924 -4.126  1.00 44.17 ? 2014 HOH B O   1 
HETATM 1523 O O   . HOH E 4 .  ? -13.120 -20.637 -5.806  1.00 36.24 ? 2015 HOH B O   1 
HETATM 1524 O O   . HOH E 4 .  ? -1.735  -20.414 13.423  1.00 47.14 ? 2016 HOH B O   1 
HETATM 1525 O O   . HOH E 4 .  ? 5.406   -21.146 -5.892  1.00 46.90 ? 2017 HOH B O   1 
HETATM 1526 O O   . HOH E 4 .  ? 7.847   -23.103 -4.953  1.00 35.09 ? 2018 HOH B O   1 
HETATM 1527 O O   . HOH E 4 .  ? 4.510   -25.934 0.151   1.00 43.25 ? 2019 HOH B O   1 
HETATM 1528 O O   . HOH E 4 .  ? 9.227   -16.744 -7.244  1.00 44.90 ? 2020 HOH B O   1 
HETATM 1529 O O   . HOH E 4 .  ? -11.103 -3.418  6.573   1.00 40.86 ? 2021 HOH B O   1 
HETATM 1530 O O   . HOH E 4 .  ? -13.496 -6.351  8.030   1.00 38.39 ? 2022 HOH B O   1 
HETATM 1531 O O   . HOH E 4 .  ? 11.883  -17.642 -1.341  1.00 20.82 ? 2023 HOH B O   1 
HETATM 1532 O O   . HOH E 4 .  ? 16.885  -16.065 4.016   1.00 34.93 ? 2024 HOH B O   1 
HETATM 1533 O O   . HOH E 4 .  ? 13.203  -16.486 1.817   1.00 20.03 ? 2025 HOH B O   1 
HETATM 1534 O O   . HOH E 4 .  ? 12.781  -11.490 6.163   1.00 37.92 ? 2026 HOH B O   1 
HETATM 1535 O O   . HOH E 4 .  ? 8.999   -12.084 19.345  1.00 48.99 ? 2027 HOH B O   1 
HETATM 1536 O O   . HOH E 4 .  ? 13.687  -11.968 18.267  1.00 46.71 ? 2028 HOH B O   1 
HETATM 1537 O O   . HOH E 4 .  ? 15.930  -4.119  15.236  1.00 44.33 ? 2029 HOH B O   1 
HETATM 1538 O O   . HOH E 4 .  ? 16.273  -4.527  5.618   1.00 39.46 ? 2030 HOH B O   1 
HETATM 1539 O O   . HOH E 4 .  ? 11.509  -4.147  14.626  1.00 67.36 ? 2031 HOH B O   1 
HETATM 1540 O O   . HOH E 4 .  ? 11.641  -9.654  16.048  1.00 30.94 ? 2032 HOH B O   1 
HETATM 1541 O O   . HOH E 4 .  ? 5.406   -2.969  18.279  1.00 43.77 ? 2033 HOH B O   1 
HETATM 1542 O O   . HOH E 4 .  ? 10.956  -6.667  12.896  1.00 58.52 ? 2034 HOH B O   1 
HETATM 1543 O O   . HOH E 4 .  ? 9.778   -8.861  17.245  1.00 35.75 ? 2035 HOH B O   1 
HETATM 1544 O O   . HOH E 4 .  ? 4.217   0.818   12.932  1.00 45.86 ? 2036 HOH B O   1 
HETATM 1545 O O   . HOH E 4 .  ? 10.294  -8.281  3.228   1.00 47.84 ? 2037 HOH B O   1 
HETATM 1546 O O   . HOH E 4 .  ? 13.442  -15.049 -6.732  1.00 40.14 ? 2038 HOH B O   1 
HETATM 1547 O O   . HOH E 4 .  ? 15.854  -18.574 -4.358  1.00 42.59 ? 2039 HOH B O   1 
HETATM 1548 O O   . HOH E 4 .  ? -6.899  -17.694 -1.900  1.00 26.17 ? 2040 HOH B O   1 
HETATM 1549 O O   . HOH E 4 .  ? -12.721 -17.204 -6.620  1.00 55.95 ? 2041 HOH B O   1 
HETATM 1550 O O   . HOH E 4 .  ? -6.757  -20.599 1.312   1.00 27.51 ? 2042 HOH B O   1 
HETATM 1551 O O   . HOH E 4 .  ? -12.433 -17.175 8.856   1.00 48.84 ? 2043 HOH B O   1 
HETATM 1552 O O   . HOH E 4 .  ? -6.894  -22.796 4.950   1.00 32.46 ? 2044 HOH B O   1 
HETATM 1553 O O   . HOH E 4 .  ? -2.828  -18.861 10.941  1.00 37.74 ? 2045 HOH B O   1 
HETATM 1554 O O   . HOH E 4 .  ? -7.956  -13.826 14.837  1.00 43.28 ? 2046 HOH B O   1 
HETATM 1555 O O   . HOH E 4 .  ? -9.127  -11.284 14.774  1.00 42.38 ? 2047 HOH B O   1 
HETATM 1556 O O   . HOH E 4 .  ? -13.825 -8.309  11.146  1.00 44.63 ? 2048 HOH B O   1 
HETATM 1557 O O   . HOH E 4 .  ? -13.106 -7.166  0.571   1.00 40.76 ? 2049 HOH B O   1 
HETATM 1558 O O   . HOH E 4 .  ? -9.254  -1.537  6.665   1.00 35.36 ? 2050 HOH B O   1 
HETATM 1559 O O   . HOH E 4 .  ? -8.738  3.010   4.442   1.00 31.12 ? 2051 HOH B O   1 
HETATM 1560 O O   . HOH E 4 .  ? -10.890 -5.858  7.903   1.00 31.27 ? 2052 HOH B O   1 
HETATM 1561 O O   . HOH E 4 .  ? -6.023  -3.903  -2.010  1.00 20.58 ? 2053 HOH B O   1 
HETATM 1562 O O   . HOH E 4 .  ? -7.946  -1.944  0.096   1.00 17.79 ? 2054 HOH B O   1 
HETATM 1563 O O   . HOH E 4 .  ? -6.652  -1.393  11.681  1.00 42.34 ? 2055 HOH B O   1 
HETATM 1564 O O   . HOH E 4 .  ? 5.637   2.872   9.141   1.00 44.72 ? 2056 HOH B O   1 
HETATM 1565 O O   . HOH E 4 .  ? 8.435   2.307   5.911   1.00 31.75 ? 2057 HOH B O   1 
HETATM 1566 O O   . HOH E 4 .  ? 11.768  -4.258  -8.354  1.00 40.06 ? 2058 HOH B O   1 
HETATM 1567 O O   . HOH E 4 .  ? 5.377   -0.337  -9.065  1.00 18.82 ? 2059 HOH B O   1 
HETATM 1568 O O   . HOH E 4 .  ? 0.637   -10.378 -11.640 1.00 39.93 ? 2060 HOH B O   1 
HETATM 1569 O O   . HOH E 4 .  ? -3.610  -7.773  -8.120  1.00 36.30 ? 2061 HOH B O   1 
HETATM 1570 O O   . HOH E 4 .  ? -10.579 -6.696  0.152   1.00 25.48 ? 2062 HOH B O   1 
HETATM 1571 O O   . HOH E 4 .  ? -11.129 -12.765 -2.440  1.00 31.06 ? 2063 HOH B O   1 
HETATM 1572 O O   . HOH E 4 .  ? -8.668  -13.738 -1.805  1.00 26.05 ? 2064 HOH B O   1 
HETATM 1573 O O   . HOH E 4 .  ? -1.936  -8.874  -6.841  1.00 31.68 ? 2065 HOH B O   1 
HETATM 1574 O O   . HOH E 4 .  ? -6.448  -14.172 -5.092  1.00 36.40 ? 2066 HOH B O   1 
HETATM 1575 O O   . HOH E 4 .  ? 5.995   -9.308  -12.840 1.00 51.08 ? 2067 HOH B O   1 
HETATM 1576 O O   . HOH E 4 .  ? 3.668   -2.438  -9.277  1.00 18.77 ? 2068 HOH B O   1 
HETATM 1577 O O   . HOH E 4 .  ? -0.777  2.710   5.127   1.00 27.17 ? 2069 HOH B O   1 
HETATM 1578 O O   . HOH E 4 .  ? 1.545   2.563   6.832   1.00 39.43 ? 2070 HOH B O   1 
HETATM 1579 O O   . HOH E 4 .  ? 5.684   3.054   5.159   1.00 26.26 ? 2071 HOH B O   1 
# 
